data_2N3T
#
_entry.id   2N3T
#
_cell.length_a   1.000
_cell.length_b   1.000
_cell.length_c   1.000
_cell.angle_alpha   90.00
_cell.angle_beta   90.00
_cell.angle_gamma   90.00
#
_symmetry.space_group_name_H-M   'P 1'
#
_entity_poly.entity_id   1
_entity_poly.type   'polypeptide(L)'
_entity_poly.pdbx_seq_one_letter_code
;DTKISSAAILGLGIAFAGSKNDEVLGLLLPIAASTDLPIETAAMASLALAHVFVGTCNGDITTSIMDNFLERTAIELKTD
WVRFLALALGILYMGQGEQVDDVLETISAIEHPMTSAIEVLVGSCAYTGTG
;
_entity_poly.pdbx_strand_id   A
#
# COMPACT_ATOMS: atom_id res chain seq x y z
N ASP A 1 -20.17 14.13 8.41
CA ASP A 1 -18.94 14.94 8.64
C ASP A 1 -17.78 14.01 8.95
N THR A 2 -17.85 13.33 10.09
CA THR A 2 -16.80 12.41 10.49
C THR A 2 -17.39 11.23 11.26
N LYS A 3 -17.33 10.05 10.67
CA LYS A 3 -17.85 8.85 11.31
C LYS A 3 -17.13 8.60 12.64
N ILE A 4 -17.89 8.13 13.63
CA ILE A 4 -17.31 7.85 14.94
C ILE A 4 -16.01 7.05 14.80
N SER A 5 -15.97 6.18 13.80
CA SER A 5 -14.78 5.36 13.57
C SER A 5 -13.65 6.20 12.99
N SER A 6 -13.99 7.10 12.07
CA SER A 6 -12.98 7.95 11.45
C SER A 6 -12.28 8.80 12.50
N ALA A 7 -13.06 9.40 13.40
CA ALA A 7 -12.50 10.23 14.46
C ALA A 7 -11.52 9.43 15.30
N ALA A 8 -11.95 8.25 15.75
CA ALA A 8 -11.10 7.39 16.57
C ALA A 8 -9.75 7.19 15.90
N ILE A 9 -9.77 6.89 14.60
CA ILE A 9 -8.54 6.67 13.86
C ILE A 9 -7.69 7.95 13.84
N LEU A 10 -8.37 9.10 13.74
CA LEU A 10 -7.67 10.38 13.72
C LEU A 10 -6.68 10.46 14.88
N GLY A 11 -7.20 10.58 16.10
CA GLY A 11 -6.35 10.65 17.28
C GLY A 11 -5.32 9.53 17.25
N LEU A 12 -5.74 8.35 16.84
CA LEU A 12 -4.85 7.19 16.77
C LEU A 12 -3.74 7.46 15.76
N GLY A 13 -4.06 8.25 14.73
CA GLY A 13 -3.07 8.58 13.71
C GLY A 13 -1.92 9.38 14.32
N ILE A 14 -2.23 10.16 15.35
CA ILE A 14 -1.22 10.97 16.01
C ILE A 14 -0.31 10.09 16.86
N ALA A 15 -0.90 9.10 17.51
CA ALA A 15 -0.14 8.18 18.35
C ALA A 15 0.63 7.18 17.50
N PHE A 16 0.14 6.96 16.28
CA PHE A 16 0.78 6.03 15.37
C PHE A 16 2.27 6.37 15.20
N ALA A 17 2.71 7.44 15.85
CA ALA A 17 4.10 7.85 15.76
C ALA A 17 5.03 6.71 16.18
N GLY A 18 4.59 5.93 17.16
CA GLY A 18 5.38 4.80 17.65
C GLY A 18 5.17 3.57 16.76
N SER A 19 4.28 3.70 15.78
CA SER A 19 4.00 2.59 14.87
C SER A 19 5.28 1.92 14.39
N LYS A 20 6.42 2.57 14.64
CA LYS A 20 7.71 2.02 14.22
C LYS A 20 8.11 0.86 15.13
N ASN A 21 7.12 0.12 15.60
CA ASN A 21 7.36 -1.03 16.47
C ASN A 21 6.84 -2.31 15.83
N ASP A 22 7.69 -3.32 15.76
CA ASP A 22 7.30 -4.59 15.16
C ASP A 22 5.94 -5.04 15.67
N GLU A 23 5.46 -4.38 16.72
CA GLU A 23 4.16 -4.73 17.30
C GLU A 23 3.04 -4.16 16.44
N VAL A 24 3.08 -2.85 16.20
CA VAL A 24 2.06 -2.21 15.39
C VAL A 24 2.12 -2.72 13.94
N LEU A 25 3.33 -2.96 13.46
CA LEU A 25 3.51 -3.45 12.09
C LEU A 25 2.89 -4.83 11.94
N GLY A 26 2.87 -5.60 13.03
CA GLY A 26 2.31 -6.94 13.00
C GLY A 26 0.78 -6.90 13.06
N LEU A 27 0.23 -5.86 13.67
CA LEU A 27 -1.22 -5.73 13.80
C LEU A 27 -1.81 -5.04 12.57
N LEU A 28 -1.17 -3.96 12.13
CA LEU A 28 -1.64 -3.21 10.98
C LEU A 28 -1.65 -4.09 9.73
N LEU A 29 -0.53 -4.75 9.46
CA LEU A 29 -0.42 -5.61 8.28
C LEU A 29 -1.67 -6.48 8.14
N PRO A 30 -1.91 -7.38 9.05
CA PRO A 30 -3.10 -8.28 8.98
C PRO A 30 -4.38 -7.50 8.68
N ILE A 31 -4.51 -6.33 9.31
CA ILE A 31 -5.69 -5.49 9.11
C ILE A 31 -5.59 -4.75 7.78
N ALA A 32 -4.37 -4.62 7.27
CA ALA A 32 -4.15 -3.93 6.00
C ALA A 32 -4.34 -4.88 4.83
N ALA A 33 -4.27 -6.18 5.12
CA ALA A 33 -4.44 -7.19 4.07
C ALA A 33 -5.92 -7.42 3.79
N SER A 34 -6.78 -6.95 4.69
CA SER A 34 -8.21 -7.13 4.52
C SER A 34 -8.53 -8.55 4.09
N THR A 35 -8.56 -9.46 5.06
CA THR A 35 -8.86 -10.86 4.76
C THR A 35 -10.35 -11.05 4.45
N ASP A 36 -11.14 -10.03 4.74
CA ASP A 36 -12.58 -10.10 4.49
C ASP A 36 -13.22 -8.72 4.62
N LEU A 37 -13.07 -8.11 5.79
CA LEU A 37 -13.64 -6.80 6.03
C LEU A 37 -13.37 -5.86 4.85
N PRO A 38 -14.25 -4.93 4.59
CA PRO A 38 -14.08 -3.97 3.46
C PRO A 38 -12.67 -3.38 3.41
N ILE A 39 -12.14 -3.25 2.21
CA ILE A 39 -10.79 -2.69 2.03
C ILE A 39 -10.80 -1.20 2.30
N GLU A 40 -12.00 -0.61 2.31
CA GLU A 40 -12.14 0.82 2.54
C GLU A 40 -11.43 1.22 3.84
N THR A 41 -11.79 0.56 4.94
CA THR A 41 -11.19 0.86 6.23
C THR A 41 -9.69 0.58 6.20
N ALA A 42 -9.31 -0.52 5.54
CA ALA A 42 -7.90 -0.88 5.44
C ALA A 42 -7.10 0.24 4.80
N ALA A 43 -7.68 0.89 3.79
CA ALA A 43 -7.01 1.98 3.11
C ALA A 43 -6.62 3.07 4.10
N MET A 44 -7.54 3.40 5.00
CA MET A 44 -7.28 4.42 6.00
C MET A 44 -6.13 4.02 6.90
N ALA A 45 -6.18 2.80 7.42
CA ALA A 45 -5.13 2.30 8.30
C ALA A 45 -3.78 2.31 7.57
N SER A 46 -3.76 1.74 6.37
CA SER A 46 -2.53 1.69 5.60
C SER A 46 -1.98 3.09 5.38
N LEU A 47 -2.87 4.07 5.27
CA LEU A 47 -2.46 5.45 5.07
C LEU A 47 -1.61 5.94 6.23
N ALA A 48 -2.20 5.91 7.43
CA ALA A 48 -1.48 6.35 8.62
C ALA A 48 -0.16 5.60 8.77
N LEU A 49 -0.19 4.29 8.54
CA LEU A 49 1.01 3.47 8.64
C LEU A 49 2.15 4.13 7.87
N ALA A 50 1.87 4.56 6.65
CA ALA A 50 2.89 5.20 5.82
C ALA A 50 3.38 6.48 6.47
N HIS A 51 2.44 7.35 6.84
CA HIS A 51 2.80 8.62 7.48
C HIS A 51 3.91 8.40 8.51
N VAL A 52 3.98 7.20 9.05
CA VAL A 52 4.99 6.87 10.06
C VAL A 52 6.26 6.37 9.39
N PHE A 53 6.15 5.29 8.63
CA PHE A 53 7.30 4.71 7.95
C PHE A 53 7.76 5.62 6.80
N VAL A 54 7.06 6.74 6.63
CA VAL A 54 7.39 7.68 5.57
C VAL A 54 8.89 8.01 5.60
N GLY A 55 9.55 7.64 6.69
CA GLY A 55 10.97 7.89 6.84
C GLY A 55 11.77 6.60 6.70
N THR A 56 11.20 5.51 7.20
CA THR A 56 11.86 4.20 7.13
C THR A 56 11.30 3.38 5.97
N CYS A 57 11.87 2.19 5.77
CA CYS A 57 11.42 1.32 4.69
C CYS A 57 11.36 -0.13 5.16
N ASN A 58 10.46 -0.91 4.58
CA ASN A 58 10.31 -2.31 4.96
C ASN A 58 9.57 -3.08 3.86
N GLY A 59 10.04 -4.29 3.58
CA GLY A 59 9.42 -5.12 2.55
C GLY A 59 8.15 -5.80 3.08
N ASP A 60 8.02 -5.84 4.40
CA ASP A 60 6.85 -6.46 5.02
C ASP A 60 5.57 -5.74 4.63
N ILE A 61 5.50 -4.45 4.92
CA ILE A 61 4.32 -3.67 4.59
C ILE A 61 3.86 -4.00 3.17
N THR A 62 4.81 -4.04 2.24
CA THR A 62 4.49 -4.36 0.86
C THR A 62 3.79 -5.71 0.77
N THR A 63 4.25 -6.66 1.58
CA THR A 63 3.66 -8.00 1.58
C THR A 63 2.15 -7.92 1.76
N SER A 64 1.71 -7.26 2.82
CA SER A 64 0.27 -7.13 3.08
C SER A 64 -0.40 -6.34 1.97
N ILE A 65 0.25 -5.25 1.56
CA ILE A 65 -0.28 -4.40 0.51
C ILE A 65 -0.33 -5.16 -0.82
N MET A 66 0.53 -6.16 -0.97
CA MET A 66 0.56 -6.96 -2.19
C MET A 66 -0.60 -7.94 -2.23
N ASP A 67 -0.74 -8.71 -1.14
CA ASP A 67 -1.82 -9.69 -1.06
C ASP A 67 -3.17 -9.04 -1.38
N ASN A 68 -3.33 -7.79 -0.95
CA ASN A 68 -4.57 -7.07 -1.20
C ASN A 68 -4.70 -6.71 -2.68
N PHE A 69 -3.57 -6.38 -3.29
CA PHE A 69 -3.56 -6.00 -4.71
C PHE A 69 -4.21 -7.11 -5.54
N LEU A 70 -4.00 -8.35 -5.14
CA LEU A 70 -4.56 -9.49 -5.86
C LEU A 70 -5.95 -9.83 -5.32
N GLU A 71 -6.18 -9.55 -4.05
CA GLU A 71 -7.46 -9.83 -3.43
C GLU A 71 -8.51 -8.82 -3.86
N ARG A 72 -8.08 -7.78 -4.59
CA ARG A 72 -9.00 -6.75 -5.05
C ARG A 72 -10.31 -7.37 -5.54
N THR A 73 -11.35 -7.21 -4.74
CA THR A 73 -12.67 -7.76 -5.09
C THR A 73 -13.37 -6.86 -6.08
N ALA A 74 -14.43 -7.37 -6.70
CA ALA A 74 -15.20 -6.61 -7.67
C ALA A 74 -15.35 -5.16 -7.20
N ILE A 75 -15.22 -4.96 -5.89
CA ILE A 75 -15.33 -3.63 -5.31
C ILE A 75 -14.35 -2.67 -6.02
N GLU A 76 -13.51 -3.23 -6.87
CA GLU A 76 -12.52 -2.43 -7.60
C GLU A 76 -13.21 -1.46 -8.56
N LEU A 77 -14.49 -1.71 -8.85
CA LEU A 77 -15.22 -0.84 -9.78
C LEU A 77 -15.12 0.63 -9.35
N LYS A 78 -14.43 0.87 -8.23
CA LYS A 78 -14.28 2.24 -7.73
C LYS A 78 -13.17 2.95 -8.50
N THR A 79 -12.76 4.12 -7.98
CA THR A 79 -11.70 4.89 -8.62
C THR A 79 -11.17 5.96 -7.67
N ASP A 80 -10.37 5.54 -6.70
CA ASP A 80 -9.81 6.48 -5.73
C ASP A 80 -8.81 5.77 -4.82
N TRP A 81 -9.23 4.66 -4.24
CA TRP A 81 -8.36 3.91 -3.34
C TRP A 81 -7.16 3.34 -4.10
N VAL A 82 -7.37 2.99 -5.37
CA VAL A 82 -6.30 2.44 -6.18
C VAL A 82 -5.20 3.48 -6.41
N ARG A 83 -5.61 4.72 -6.68
CA ARG A 83 -4.66 5.79 -6.91
C ARG A 83 -3.77 6.00 -5.69
N PHE A 84 -4.35 5.82 -4.51
CA PHE A 84 -3.60 5.99 -3.26
C PHE A 84 -2.78 4.73 -2.96
N LEU A 85 -3.38 3.57 -3.22
CA LEU A 85 -2.70 2.31 -2.97
C LEU A 85 -1.44 2.21 -3.82
N ALA A 86 -1.55 2.61 -5.08
CA ALA A 86 -0.42 2.56 -6.00
C ALA A 86 0.62 3.62 -5.61
N LEU A 87 0.14 4.74 -5.08
CA LEU A 87 1.03 5.82 -4.68
C LEU A 87 1.91 5.37 -3.52
N ALA A 88 1.33 4.64 -2.59
CA ALA A 88 2.06 4.14 -1.43
C ALA A 88 3.12 3.12 -1.87
N LEU A 89 2.83 2.41 -2.95
CA LEU A 89 3.75 1.41 -3.46
C LEU A 89 4.98 2.06 -4.06
N GLY A 90 4.81 3.29 -4.56
CA GLY A 90 5.91 4.03 -5.16
C GLY A 90 6.75 4.75 -4.10
N ILE A 91 6.10 5.13 -3.00
CA ILE A 91 6.78 5.83 -1.93
C ILE A 91 7.72 4.89 -1.17
N LEU A 92 7.32 3.63 -1.08
CA LEU A 92 8.14 2.63 -0.37
C LEU A 92 9.49 2.48 -1.07
N TYR A 93 9.52 2.74 -2.37
CA TYR A 93 10.75 2.62 -3.14
C TYR A 93 11.14 3.96 -3.74
N MET A 94 10.87 5.04 -3.01
CA MET A 94 11.20 6.38 -3.50
C MET A 94 12.67 6.43 -3.94
N GLY A 95 13.51 5.65 -3.27
CA GLY A 95 14.93 5.61 -3.61
C GLY A 95 15.22 4.53 -4.64
N GLN A 96 14.21 4.20 -5.44
CA GLN A 96 14.37 3.17 -6.46
C GLN A 96 14.93 1.88 -5.86
N GLY A 97 15.03 0.84 -6.69
CA GLY A 97 15.55 -0.44 -6.22
C GLY A 97 15.25 -1.54 -7.23
N GLU A 98 16.24 -2.39 -7.48
CA GLU A 98 16.05 -3.49 -8.43
C GLU A 98 14.80 -4.29 -8.09
N GLN A 99 14.40 -4.25 -6.82
CA GLN A 99 13.21 -4.97 -6.38
C GLN A 99 11.99 -4.55 -7.20
N VAL A 100 11.85 -3.24 -7.41
CA VAL A 100 10.74 -2.73 -8.18
C VAL A 100 10.58 -3.51 -9.49
N ASP A 101 11.70 -3.81 -10.13
CA ASP A 101 11.68 -4.55 -11.39
C ASP A 101 11.17 -5.97 -11.15
N ASP A 102 11.48 -6.51 -9.98
CA ASP A 102 11.06 -7.87 -9.65
C ASP A 102 9.56 -7.90 -9.36
N VAL A 103 9.08 -6.94 -8.59
CA VAL A 103 7.66 -6.87 -8.25
C VAL A 103 6.81 -6.77 -9.51
N LEU A 104 7.03 -5.70 -10.28
CA LEU A 104 6.28 -5.50 -11.52
C LEU A 104 6.31 -6.77 -12.37
N GLU A 105 7.48 -7.37 -12.48
CA GLU A 105 7.64 -8.59 -13.26
C GLU A 105 6.61 -9.63 -12.85
N THR A 106 6.25 -9.63 -11.56
CA THR A 106 5.27 -10.57 -11.05
C THR A 106 3.87 -10.24 -11.58
N ILE A 107 3.56 -8.94 -11.61
CA ILE A 107 2.26 -8.50 -12.10
C ILE A 107 2.05 -8.92 -13.55
N SER A 108 3.09 -8.77 -14.36
CA SER A 108 3.00 -9.15 -15.76
C SER A 108 2.78 -10.65 -15.91
N ALA A 109 3.31 -11.41 -14.95
CA ALA A 109 3.15 -12.86 -14.97
C ALA A 109 1.69 -13.26 -14.87
N ILE A 110 0.97 -12.60 -13.97
CA ILE A 110 -0.46 -12.88 -13.77
C ILE A 110 -1.31 -11.86 -14.51
N GLU A 111 -2.18 -12.34 -15.39
CA GLU A 111 -3.05 -11.45 -16.16
C GLU A 111 -3.98 -10.69 -15.23
N HIS A 112 -4.03 -9.37 -15.39
CA HIS A 112 -4.89 -8.53 -14.56
C HIS A 112 -5.60 -7.48 -15.41
N PRO A 113 -6.70 -6.95 -14.93
CA PRO A 113 -7.49 -5.92 -15.65
C PRO A 113 -6.62 -4.79 -16.20
N MET A 114 -7.24 -3.66 -16.50
CA MET A 114 -6.51 -2.51 -17.03
C MET A 114 -5.38 -2.11 -16.09
N THR A 115 -5.23 -2.84 -14.99
CA THR A 115 -4.19 -2.55 -14.02
C THR A 115 -2.87 -2.24 -14.73
N SER A 116 -2.73 -2.73 -15.96
CA SER A 116 -1.53 -2.50 -16.73
C SER A 116 -1.14 -1.02 -16.68
N ALA A 117 -2.13 -0.16 -16.55
CA ALA A 117 -1.88 1.28 -16.48
C ALA A 117 -0.92 1.60 -15.35
N ILE A 118 -1.20 1.02 -14.17
CA ILE A 118 -0.35 1.26 -13.01
C ILE A 118 1.05 0.70 -13.24
N GLU A 119 1.11 -0.48 -13.84
CA GLU A 119 2.40 -1.12 -14.11
C GLU A 119 3.33 -0.15 -14.85
N VAL A 120 2.77 0.58 -15.80
CA VAL A 120 3.56 1.54 -16.56
C VAL A 120 3.97 2.73 -15.69
N LEU A 121 3.09 3.10 -14.76
CA LEU A 121 3.36 4.21 -13.87
C LEU A 121 4.57 3.92 -13.00
N VAL A 122 4.43 2.95 -12.10
CA VAL A 122 5.53 2.58 -11.21
C VAL A 122 6.74 2.13 -12.02
N GLY A 123 6.50 1.67 -13.24
CA GLY A 123 7.58 1.21 -14.10
C GLY A 123 8.44 2.37 -14.56
N SER A 124 7.84 3.55 -14.68
CA SER A 124 8.55 4.74 -15.11
C SER A 124 9.38 5.31 -13.96
N CYS A 125 8.82 5.29 -12.75
CA CYS A 125 9.52 5.81 -11.58
C CYS A 125 10.53 4.79 -11.07
N ALA A 126 11.73 4.82 -11.65
CA ALA A 126 12.79 3.90 -11.24
C ALA A 126 14.11 4.27 -11.89
N TYR A 127 14.94 3.27 -12.17
CA TYR A 127 16.24 3.51 -12.79
C TYR A 127 16.10 4.49 -13.95
N THR A 128 16.92 5.53 -13.94
CA THR A 128 16.88 6.53 -15.00
C THR A 128 17.51 5.98 -16.28
N GLY A 129 17.17 4.73 -16.61
CA GLY A 129 17.70 4.10 -17.81
C GLY A 129 16.88 2.88 -18.20
N THR A 130 16.45 2.13 -17.18
CA THR A 130 15.65 0.93 -17.42
C THR A 130 16.28 0.07 -18.52
N GLY A 131 17.40 -0.57 -18.19
CA GLY A 131 18.10 -1.41 -19.16
C GLY A 131 18.32 -0.66 -20.47
N ASP A 1 -14.30 11.47 18.18
CA ASP A 1 -15.63 12.02 18.58
C ASP A 1 -16.62 11.83 17.43
N THR A 2 -16.35 10.86 16.58
CA THR A 2 -17.23 10.58 15.44
C THR A 2 -16.82 9.28 14.76
N LYS A 3 -17.75 8.32 14.71
CA LYS A 3 -17.48 7.04 14.09
C LYS A 3 -16.28 6.36 14.75
N ILE A 4 -16.55 5.33 15.55
CA ILE A 4 -15.49 4.61 16.24
C ILE A 4 -14.29 4.42 15.32
N SER A 5 -14.56 4.20 14.04
CA SER A 5 -13.49 3.99 13.07
C SER A 5 -12.41 5.07 13.22
N SER A 6 -12.78 6.30 12.90
CA SER A 6 -11.83 7.42 13.01
C SER A 6 -11.13 7.38 14.36
N ALA A 7 -11.91 7.30 15.43
CA ALA A 7 -11.36 7.26 16.78
C ALA A 7 -10.30 6.17 16.88
N ALA A 8 -10.54 5.05 16.22
CA ALA A 8 -9.59 3.93 16.26
C ALA A 8 -8.25 4.35 15.66
N ILE A 9 -8.31 5.12 14.58
CA ILE A 9 -7.09 5.59 13.93
C ILE A 9 -6.35 6.57 14.83
N LEU A 10 -7.10 7.48 15.45
CA LEU A 10 -6.50 8.48 16.33
C LEU A 10 -5.57 7.80 17.34
N GLY A 11 -6.14 6.93 18.17
CA GLY A 11 -5.36 6.22 19.17
C GLY A 11 -4.19 5.49 18.51
N LEU A 12 -4.50 4.48 17.72
CA LEU A 12 -3.46 3.71 17.04
C LEU A 12 -2.49 4.66 16.34
N GLY A 13 -2.94 5.88 16.07
CA GLY A 13 -2.11 6.87 15.41
C GLY A 13 -0.88 7.20 16.27
N ILE A 14 -1.08 8.04 17.28
CA ILE A 14 0.02 8.43 18.15
C ILE A 14 0.58 7.20 18.88
N ALA A 15 0.05 6.03 18.56
CA ALA A 15 0.50 4.79 19.19
C ALA A 15 1.80 4.30 18.56
N PHE A 16 1.74 3.95 17.28
CA PHE A 16 2.92 3.46 16.59
C PHE A 16 4.12 4.36 16.84
N ALA A 17 3.93 5.66 16.66
CA ALA A 17 5.01 6.63 16.87
C ALA A 17 5.48 6.58 18.32
N GLY A 18 4.78 5.81 19.14
CA GLY A 18 5.12 5.70 20.56
C GLY A 18 6.62 5.49 20.79
N SER A 19 7.20 4.46 20.17
CA SER A 19 8.64 4.20 20.36
C SER A 19 9.35 3.85 19.05
N LYS A 20 8.98 2.71 18.46
CA LYS A 20 9.61 2.26 17.22
C LYS A 20 8.61 2.16 16.08
N ASN A 21 7.34 1.91 16.43
CA ASN A 21 6.28 1.77 15.44
C ASN A 21 6.22 0.34 14.90
N ASP A 22 7.10 -0.51 15.43
CA ASP A 22 7.14 -1.91 14.99
C ASP A 22 6.02 -2.72 15.65
N GLU A 23 5.48 -2.19 16.75
CA GLU A 23 4.41 -2.87 17.46
C GLU A 23 3.13 -2.85 16.64
N VAL A 24 2.70 -1.65 16.27
CA VAL A 24 1.50 -1.48 15.48
C VAL A 24 1.65 -2.23 14.15
N LEU A 25 2.88 -2.37 13.68
CA LEU A 25 3.14 -3.06 12.43
C LEU A 25 2.76 -4.53 12.55
N GLY A 26 2.97 -5.10 13.73
CA GLY A 26 2.64 -6.50 13.96
C GLY A 26 1.13 -6.71 14.10
N LEU A 27 0.44 -5.65 14.50
CA LEU A 27 -1.02 -5.74 14.67
C LEU A 27 -1.74 -5.42 13.35
N LEU A 28 -1.29 -4.38 12.67
CA LEU A 28 -1.90 -3.98 11.41
C LEU A 28 -1.77 -5.08 10.36
N LEU A 29 -0.57 -5.65 10.26
CA LEU A 29 -0.34 -6.72 9.29
C LEU A 29 -1.45 -7.77 9.36
N PRO A 30 -1.55 -8.49 10.45
CA PRO A 30 -2.59 -9.55 10.62
C PRO A 30 -3.97 -9.04 10.22
N ILE A 31 -4.31 -7.83 10.65
CA ILE A 31 -5.61 -7.24 10.33
C ILE A 31 -5.63 -6.75 8.88
N ALA A 32 -4.46 -6.56 8.30
CA ALA A 32 -4.36 -6.08 6.93
C ALA A 32 -4.58 -7.24 5.95
N ALA A 33 -4.09 -8.42 6.32
CA ALA A 33 -4.24 -9.58 5.45
C ALA A 33 -5.62 -10.21 5.64
N SER A 34 -6.43 -9.59 6.48
CA SER A 34 -7.78 -10.09 6.74
C SER A 34 -8.79 -9.41 5.82
N THR A 35 -8.61 -9.60 4.52
CA THR A 35 -9.51 -9.01 3.54
C THR A 35 -10.96 -9.22 3.93
N ASP A 36 -11.19 -10.10 4.91
CA ASP A 36 -12.55 -10.38 5.37
C ASP A 36 -13.36 -9.09 5.49
N LEU A 37 -12.68 -8.00 5.81
CA LEU A 37 -13.34 -6.70 5.96
C LEU A 37 -13.06 -5.83 4.74
N PRO A 38 -13.96 -4.94 4.40
CA PRO A 38 -13.79 -4.04 3.23
C PRO A 38 -12.40 -3.42 3.19
N ILE A 39 -11.89 -3.20 1.98
CA ILE A 39 -10.56 -2.62 1.81
C ILE A 39 -10.57 -1.14 2.21
N GLU A 40 -11.74 -0.52 2.14
CA GLU A 40 -11.86 0.88 2.50
C GLU A 40 -11.25 1.15 3.88
N THR A 41 -11.34 0.14 4.75
CA THR A 41 -10.80 0.27 6.10
C THR A 41 -9.28 0.07 6.09
N ALA A 42 -8.85 -1.03 5.47
CA ALA A 42 -7.42 -1.34 5.38
C ALA A 42 -6.69 -0.27 4.57
N ALA A 43 -7.42 0.38 3.66
CA ALA A 43 -6.83 1.42 2.83
C ALA A 43 -6.25 2.54 3.69
N MET A 44 -7.12 3.16 4.50
CA MET A 44 -6.69 4.25 5.36
C MET A 44 -5.57 3.79 6.29
N ALA A 45 -5.84 2.73 7.06
CA ALA A 45 -4.85 2.19 7.99
C ALA A 45 -3.53 1.93 7.27
N SER A 46 -3.61 1.34 6.09
CA SER A 46 -2.41 1.03 5.31
C SER A 46 -1.71 2.33 4.90
N LEU A 47 -2.49 3.35 4.58
CA LEU A 47 -1.94 4.62 4.17
C LEU A 47 -0.95 5.14 5.21
N ALA A 48 -1.41 5.26 6.45
CA ALA A 48 -0.54 5.73 7.53
C ALA A 48 0.69 4.85 7.65
N LEU A 49 0.47 3.53 7.71
CA LEU A 49 1.58 2.59 7.83
C LEU A 49 2.74 3.02 6.94
N ALA A 50 2.42 3.50 5.74
CA ALA A 50 3.44 3.93 4.80
C ALA A 50 4.09 5.22 5.30
N HIS A 51 3.27 6.14 5.81
CA HIS A 51 3.79 7.40 6.32
C HIS A 51 4.50 7.19 7.65
N VAL A 52 4.27 6.03 8.25
CA VAL A 52 4.89 5.70 9.53
C VAL A 52 6.29 5.12 9.31
N PHE A 53 6.35 4.04 8.54
CA PHE A 53 7.63 3.38 8.26
C PHE A 53 8.41 4.16 7.20
N VAL A 54 7.84 5.27 6.74
CA VAL A 54 8.50 6.09 5.74
C VAL A 54 9.94 6.37 6.13
N GLY A 55 10.28 6.06 7.38
CA GLY A 55 11.63 6.26 7.88
C GLY A 55 12.48 5.01 7.68
N THR A 56 11.96 3.87 8.13
CA THR A 56 12.68 2.60 7.99
C THR A 56 12.13 1.81 6.81
N CYS A 57 12.74 0.66 6.54
CA CYS A 57 12.31 -0.20 5.44
C CYS A 57 11.77 -1.53 5.96
N ASN A 58 10.82 -2.09 5.23
CA ASN A 58 10.23 -3.37 5.63
C ASN A 58 9.44 -3.97 4.47
N GLY A 59 9.88 -5.15 4.01
CA GLY A 59 9.21 -5.82 2.91
C GLY A 59 7.88 -6.43 3.35
N ASP A 60 7.73 -6.62 4.65
CA ASP A 60 6.50 -7.20 5.18
C ASP A 60 5.29 -6.40 4.74
N ILE A 61 5.42 -5.08 4.79
CA ILE A 61 4.32 -4.20 4.39
C ILE A 61 3.92 -4.47 2.95
N THR A 62 4.89 -4.46 2.05
CA THR A 62 4.62 -4.70 0.64
C THR A 62 3.88 -6.02 0.44
N THR A 63 4.03 -6.92 1.42
CA THR A 63 3.38 -8.22 1.35
C THR A 63 1.87 -8.07 1.55
N SER A 64 1.49 -7.39 2.62
CA SER A 64 0.07 -7.18 2.90
C SER A 64 -0.56 -6.31 1.82
N ILE A 65 0.14 -5.25 1.44
CA ILE A 65 -0.34 -4.34 0.42
C ILE A 65 -0.63 -5.10 -0.88
N MET A 66 0.38 -5.83 -1.37
CA MET A 66 0.23 -6.59 -2.60
C MET A 66 -0.90 -7.61 -2.46
N ASP A 67 -0.97 -8.26 -1.30
CA ASP A 67 -2.01 -9.25 -1.06
C ASP A 67 -3.39 -8.65 -1.27
N ASN A 68 -3.63 -7.51 -0.62
CA ASN A 68 -4.92 -6.83 -0.76
C ASN A 68 -5.22 -6.53 -2.22
N PHE A 69 -4.18 -6.19 -2.97
CA PHE A 69 -4.35 -5.87 -4.39
C PHE A 69 -4.91 -7.08 -5.13
N LEU A 70 -4.19 -8.20 -5.06
CA LEU A 70 -4.63 -9.42 -5.72
C LEU A 70 -6.08 -9.72 -5.41
N GLU A 71 -6.56 -9.20 -4.28
CA GLU A 71 -7.95 -9.42 -3.87
C GLU A 71 -8.89 -8.46 -4.59
N ARG A 72 -8.61 -7.17 -4.45
CA ARG A 72 -9.45 -6.16 -5.10
C ARG A 72 -10.93 -6.49 -4.91
N THR A 73 -11.54 -5.88 -3.90
CA THR A 73 -12.95 -6.12 -3.63
C THR A 73 -13.83 -5.42 -4.68
N ALA A 74 -15.06 -5.87 -4.80
CA ALA A 74 -15.99 -5.28 -5.76
C ALA A 74 -15.99 -3.76 -5.65
N ILE A 75 -15.41 -3.25 -4.57
CA ILE A 75 -15.34 -1.81 -4.35
C ILE A 75 -14.73 -1.12 -5.58
N GLU A 76 -14.18 -1.93 -6.48
CA GLU A 76 -13.54 -1.39 -7.68
C GLU A 76 -14.53 -0.59 -8.52
N LEU A 77 -15.83 -0.77 -8.26
CA LEU A 77 -16.85 -0.05 -9.02
C LEU A 77 -16.69 1.46 -8.83
N LYS A 78 -15.67 1.86 -8.09
CA LYS A 78 -15.41 3.27 -7.83
C LYS A 78 -13.98 3.63 -8.25
N THR A 79 -13.81 4.82 -8.82
CA THR A 79 -12.50 5.28 -9.27
C THR A 79 -12.13 6.59 -8.58
N ASP A 80 -11.32 6.49 -7.53
CA ASP A 80 -10.89 7.67 -6.79
C ASP A 80 -9.87 7.29 -5.72
N TRP A 81 -10.12 6.19 -5.03
CA TRP A 81 -9.21 5.73 -3.98
C TRP A 81 -7.88 5.28 -4.59
N VAL A 82 -7.95 4.71 -5.79
CA VAL A 82 -6.75 4.23 -6.47
C VAL A 82 -5.65 5.30 -6.41
N ARG A 83 -6.06 6.57 -6.40
CA ARG A 83 -5.11 7.67 -6.35
C ARG A 83 -4.15 7.49 -5.18
N PHE A 84 -4.71 7.36 -3.98
CA PHE A 84 -3.89 7.18 -2.78
C PHE A 84 -3.07 5.90 -2.88
N LEU A 85 -3.68 4.86 -3.45
CA LEU A 85 -3.00 3.58 -3.60
C LEU A 85 -1.72 3.74 -4.42
N ALA A 86 -1.82 4.49 -5.51
CA ALA A 86 -0.67 4.70 -6.38
C ALA A 86 0.45 5.43 -5.63
N LEU A 87 0.10 6.60 -5.06
CA LEU A 87 1.08 7.38 -4.32
C LEU A 87 1.80 6.50 -3.31
N ALA A 88 1.05 5.65 -2.61
CA ALA A 88 1.64 4.76 -1.62
C ALA A 88 2.66 3.84 -2.28
N LEU A 89 2.24 3.13 -3.32
CA LEU A 89 3.13 2.22 -4.02
C LEU A 89 4.25 3.01 -4.71
N GLY A 90 4.05 4.31 -4.85
CA GLY A 90 5.05 5.15 -5.48
C GLY A 90 6.15 5.53 -4.50
N ILE A 91 5.76 5.90 -3.29
CA ILE A 91 6.71 6.29 -2.26
C ILE A 91 7.29 5.06 -1.57
N LEU A 92 6.50 4.00 -1.50
CA LEU A 92 6.94 2.76 -0.86
C LEU A 92 8.33 2.38 -1.36
N TYR A 93 8.59 2.63 -2.64
CA TYR A 93 9.89 2.30 -3.24
C TYR A 93 10.70 3.58 -3.44
N MET A 94 10.47 4.57 -2.59
CA MET A 94 11.20 5.84 -2.68
C MET A 94 11.53 6.17 -4.13
N GLY A 95 10.65 5.79 -5.04
CA GLY A 95 10.85 6.06 -6.46
C GLY A 95 11.68 4.95 -7.10
N GLN A 96 12.98 4.94 -6.81
CA GLN A 96 13.88 3.93 -7.36
C GLN A 96 14.18 2.84 -6.34
N GLY A 97 14.54 1.67 -6.82
CA GLY A 97 14.86 0.55 -5.93
C GLY A 97 14.61 -0.79 -6.63
N GLU A 98 15.62 -1.65 -6.63
CA GLU A 98 15.51 -2.96 -7.26
C GLU A 98 14.19 -3.63 -6.87
N GLN A 99 13.61 -3.18 -5.76
CA GLN A 99 12.35 -3.74 -5.29
C GLN A 99 11.29 -3.64 -6.37
N VAL A 100 11.21 -2.48 -7.01
CA VAL A 100 10.23 -2.26 -8.07
C VAL A 100 10.35 -3.34 -9.14
N ASP A 101 11.58 -3.57 -9.60
CA ASP A 101 11.83 -4.57 -10.63
C ASP A 101 11.18 -5.89 -10.24
N ASP A 102 11.24 -6.23 -8.96
CA ASP A 102 10.67 -7.48 -8.48
C ASP A 102 9.14 -7.39 -8.46
N VAL A 103 8.63 -6.27 -7.98
CA VAL A 103 7.19 -6.07 -7.92
C VAL A 103 6.56 -6.20 -9.31
N LEU A 104 6.97 -5.32 -10.21
CA LEU A 104 6.44 -5.35 -11.57
C LEU A 104 6.45 -6.77 -12.13
N GLU A 105 7.56 -7.47 -11.94
CA GLU A 105 7.69 -8.84 -12.42
C GLU A 105 6.47 -9.67 -11.99
N THR A 106 6.05 -9.48 -10.75
CA THR A 106 4.90 -10.21 -10.23
C THR A 106 3.64 -9.84 -10.99
N ILE A 107 3.42 -8.55 -11.17
CA ILE A 107 2.24 -8.07 -11.89
C ILE A 107 2.22 -8.65 -13.30
N SER A 108 3.38 -8.65 -13.95
CA SER A 108 3.49 -9.18 -15.31
C SER A 108 3.28 -10.69 -15.31
N ALA A 109 3.70 -11.34 -14.22
CA ALA A 109 3.54 -12.79 -14.11
C ALA A 109 2.10 -13.19 -14.35
N ILE A 110 1.19 -12.65 -13.53
CA ILE A 110 -0.23 -12.95 -13.67
C ILE A 110 -0.87 -12.05 -14.73
N GLU A 111 -1.95 -12.55 -15.32
CA GLU A 111 -2.65 -11.79 -16.36
C GLU A 111 -3.47 -10.66 -15.74
N HIS A 112 -3.06 -9.42 -15.99
CA HIS A 112 -3.76 -8.26 -15.46
C HIS A 112 -3.88 -7.17 -16.53
N PRO A 113 -4.92 -7.22 -17.33
CA PRO A 113 -5.14 -6.22 -18.41
C PRO A 113 -5.54 -4.87 -17.85
N MET A 114 -5.78 -4.81 -16.55
CA MET A 114 -6.16 -3.57 -15.89
C MET A 114 -4.95 -2.92 -15.23
N THR A 115 -4.38 -3.61 -14.24
CA THR A 115 -3.21 -3.10 -13.54
C THR A 115 -2.11 -2.70 -14.53
N SER A 116 -2.16 -3.30 -15.72
CA SER A 116 -1.17 -3.01 -16.74
C SER A 116 -0.93 -1.50 -16.84
N ALA A 117 -1.91 -0.73 -16.38
CA ALA A 117 -1.78 0.73 -16.41
C ALA A 117 -0.70 1.20 -15.45
N ILE A 118 -0.81 0.78 -14.20
CA ILE A 118 0.17 1.16 -13.19
C ILE A 118 1.53 0.57 -13.52
N GLU A 119 1.53 -0.53 -14.26
CA GLU A 119 2.78 -1.19 -14.65
C GLU A 119 3.62 -0.27 -15.52
N VAL A 120 3.01 0.24 -16.60
CA VAL A 120 3.71 1.13 -17.51
C VAL A 120 4.13 2.41 -16.80
N LEU A 121 3.33 2.84 -15.85
CA LEU A 121 3.63 4.06 -15.10
C LEU A 121 4.80 3.83 -14.15
N VAL A 122 4.59 3.00 -13.13
CA VAL A 122 5.65 2.70 -12.17
C VAL A 122 6.87 2.16 -12.88
N GLY A 123 6.67 1.64 -14.09
CA GLY A 123 7.77 1.08 -14.86
C GLY A 123 8.60 2.19 -15.50
N SER A 124 7.94 3.04 -16.29
CA SER A 124 8.62 4.14 -16.96
C SER A 124 9.44 4.94 -15.96
N CYS A 125 8.91 5.08 -14.74
CA CYS A 125 9.60 5.83 -13.70
C CYS A 125 10.59 4.92 -12.96
N ALA A 126 11.83 4.89 -13.43
CA ALA A 126 12.86 4.08 -12.80
C ALA A 126 14.25 4.53 -13.22
N TYR A 127 15.26 3.76 -12.84
CA TYR A 127 16.64 4.08 -13.18
C TYR A 127 16.79 4.23 -14.70
N THR A 128 17.45 5.31 -15.12
CA THR A 128 17.66 5.56 -16.54
C THR A 128 18.87 6.47 -16.75
N GLY A 129 18.87 7.20 -17.86
CA GLY A 129 19.97 8.11 -18.17
C GLY A 129 21.17 7.34 -18.71
N THR A 130 20.91 6.25 -19.42
CA THR A 130 21.98 5.44 -19.99
C THR A 130 22.42 6.00 -21.33
N GLY A 131 22.23 7.31 -21.51
CA GLY A 131 22.63 7.96 -22.76
C GLY A 131 22.71 9.47 -22.57
N ASP A 1 -21.20 11.63 12.34
CA ASP A 1 -21.27 10.63 11.25
C ASP A 1 -19.90 10.00 11.06
N THR A 2 -18.85 10.82 11.12
CA THR A 2 -17.49 10.34 10.96
C THR A 2 -17.28 9.06 11.77
N LYS A 3 -17.04 7.96 11.07
CA LYS A 3 -16.82 6.67 11.73
C LYS A 3 -15.69 6.78 12.75
N ILE A 4 -15.93 6.27 13.95
CA ILE A 4 -14.92 6.30 15.00
C ILE A 4 -13.56 5.87 14.45
N SER A 5 -13.59 5.08 13.38
CA SER A 5 -12.35 4.60 12.77
C SER A 5 -11.33 5.73 12.69
N SER A 6 -11.68 6.79 11.98
CA SER A 6 -10.78 7.93 11.82
C SER A 6 -10.06 8.24 13.12
N ALA A 7 -10.82 8.29 14.22
CA ALA A 7 -10.23 8.58 15.52
C ALA A 7 -9.15 7.56 15.87
N ALA A 8 -9.32 6.33 15.37
CA ALA A 8 -8.35 5.27 15.63
C ALA A 8 -7.04 5.56 14.92
N ILE A 9 -7.12 5.87 13.63
CA ILE A 9 -5.92 6.17 12.85
C ILE A 9 -5.12 7.29 13.51
N LEU A 10 -5.76 8.44 13.71
CA LEU A 10 -5.08 9.57 14.33
C LEU A 10 -4.34 9.13 15.59
N GLY A 11 -5.07 8.97 16.68
CA GLY A 11 -4.47 8.56 17.95
C GLY A 11 -3.42 7.48 17.73
N LEU A 12 -3.87 6.24 17.57
CA LEU A 12 -2.96 5.13 17.34
C LEU A 12 -1.92 5.51 16.29
N GLY A 13 -2.23 6.56 15.53
CA GLY A 13 -1.31 7.02 14.50
C GLY A 13 0.02 7.43 15.09
N ILE A 14 0.13 8.70 15.48
CA ILE A 14 1.37 9.20 16.07
C ILE A 14 1.86 8.27 17.17
N ALA A 15 1.03 7.28 17.52
CA ALA A 15 1.40 6.33 18.57
C ALA A 15 2.45 5.34 18.09
N PHE A 16 2.34 4.92 16.82
CA PHE A 16 3.38 4.09 16.23
C PHE A 16 4.76 4.72 16.43
N ALA A 17 4.77 5.96 16.88
CA ALA A 17 6.02 6.68 17.12
C ALA A 17 6.59 6.35 18.50
N GLY A 18 5.84 5.57 19.26
CA GLY A 18 6.26 5.22 20.62
C GLY A 18 7.73 4.82 20.71
N SER A 19 8.17 3.84 19.91
CA SER A 19 9.57 3.43 19.98
C SER A 19 10.18 3.20 18.59
N LYS A 20 9.71 2.15 17.90
CA LYS A 20 10.24 1.83 16.58
C LYS A 20 9.15 1.86 15.51
N ASN A 21 7.91 1.58 15.93
CA ASN A 21 6.76 1.56 15.01
C ASN A 21 6.50 0.14 14.51
N ASP A 22 7.30 -0.82 14.99
CA ASP A 22 7.14 -2.21 14.57
C ASP A 22 5.96 -2.86 15.30
N GLU A 23 5.61 -2.31 16.46
CA GLU A 23 4.49 -2.85 17.23
C GLU A 23 3.19 -2.65 16.48
N VAL A 24 2.97 -1.43 16.01
CA VAL A 24 1.76 -1.11 15.27
C VAL A 24 1.74 -1.88 13.95
N LEU A 25 2.92 -2.26 13.48
CA LEU A 25 3.05 -3.00 12.23
C LEU A 25 2.59 -4.45 12.45
N GLY A 26 3.18 -5.10 13.44
CA GLY A 26 2.84 -6.49 13.74
C GLY A 26 1.33 -6.65 13.96
N LEU A 27 0.68 -5.56 14.33
CA LEU A 27 -0.77 -5.60 14.57
C LEU A 27 -1.55 -5.37 13.27
N LEU A 28 -1.21 -4.28 12.57
CA LEU A 28 -1.90 -3.95 11.33
C LEU A 28 -1.75 -5.08 10.31
N LEU A 29 -0.54 -5.61 10.16
CA LEU A 29 -0.30 -6.68 9.20
C LEU A 29 -1.36 -7.78 9.34
N PRO A 30 -1.38 -8.49 10.44
CA PRO A 30 -2.36 -9.58 10.66
C PRO A 30 -3.78 -9.14 10.29
N ILE A 31 -4.11 -7.89 10.60
CA ILE A 31 -5.43 -7.36 10.30
C ILE A 31 -5.51 -6.95 8.82
N ALA A 32 -4.36 -6.68 8.23
CA ALA A 32 -4.30 -6.28 6.83
C ALA A 32 -4.24 -7.50 5.92
N ALA A 33 -3.91 -8.65 6.50
CA ALA A 33 -3.82 -9.89 5.74
C ALA A 33 -5.21 -10.51 5.56
N SER A 34 -6.22 -9.85 6.11
CA SER A 34 -7.60 -10.33 6.01
C SER A 34 -8.44 -9.34 5.21
N THR A 35 -8.09 -9.15 3.94
CA THR A 35 -8.83 -8.23 3.08
C THR A 35 -10.33 -8.50 3.16
N ASP A 36 -10.68 -9.62 3.78
CA ASP A 36 -12.09 -9.99 3.92
C ASP A 36 -12.95 -8.77 4.20
N LEU A 37 -12.44 -7.87 5.03
CA LEU A 37 -13.17 -6.65 5.37
C LEU A 37 -12.96 -5.59 4.29
N PRO A 38 -13.88 -4.67 4.14
CA PRO A 38 -13.77 -3.58 3.13
C PRO A 38 -12.37 -2.99 3.08
N ILE A 39 -11.80 -2.93 1.89
CA ILE A 39 -10.45 -2.38 1.71
C ILE A 39 -10.41 -0.93 2.19
N GLU A 40 -11.55 -0.25 2.11
CA GLU A 40 -11.63 1.14 2.53
C GLU A 40 -10.94 1.32 3.88
N THR A 41 -11.19 0.40 4.79
CA THR A 41 -10.58 0.47 6.12
C THR A 41 -9.07 0.27 6.02
N ALA A 42 -8.65 -0.60 5.12
CA ALA A 42 -7.22 -0.88 4.93
C ALA A 42 -6.53 0.31 4.27
N ALA A 43 -7.26 1.01 3.41
CA ALA A 43 -6.70 2.17 2.72
C ALA A 43 -6.21 3.20 3.72
N MET A 44 -7.14 3.76 4.51
CA MET A 44 -6.79 4.75 5.49
C MET A 44 -5.73 4.22 6.45
N ALA A 45 -5.85 2.95 6.81
CA ALA A 45 -4.90 2.32 7.71
C ALA A 45 -3.52 2.23 7.05
N SER A 46 -3.50 2.02 5.74
CA SER A 46 -2.24 1.92 5.01
C SER A 46 -1.50 3.24 5.04
N LEU A 47 -2.17 4.31 4.61
CA LEU A 47 -1.56 5.63 4.60
C LEU A 47 -0.89 5.91 5.94
N ALA A 48 -1.57 5.53 7.02
CA ALA A 48 -1.03 5.75 8.36
C ALA A 48 0.33 5.06 8.51
N LEU A 49 0.44 3.87 7.95
CA LEU A 49 1.69 3.12 8.03
C LEU A 49 2.77 3.79 7.19
N ALA A 50 2.48 4.00 5.92
CA ALA A 50 3.44 4.64 5.02
C ALA A 50 3.97 5.93 5.64
N HIS A 51 3.13 6.59 6.42
CA HIS A 51 3.53 7.84 7.07
C HIS A 51 4.64 7.60 8.09
N VAL A 52 4.34 6.84 9.13
CA VAL A 52 5.33 6.55 10.16
C VAL A 52 6.53 5.81 9.58
N PHE A 53 6.35 5.22 8.39
CA PHE A 53 7.43 4.49 7.74
C PHE A 53 8.12 5.38 6.70
N VAL A 54 7.64 6.60 6.56
CA VAL A 54 8.22 7.53 5.60
C VAL A 54 9.73 7.60 5.78
N GLY A 55 10.23 7.01 6.86
CA GLY A 55 11.66 7.00 7.13
C GLY A 55 12.30 5.69 6.67
N THR A 56 11.84 4.59 7.25
CA THR A 56 12.38 3.27 6.90
C THR A 56 11.41 2.52 5.98
N CYS A 57 11.81 1.34 5.53
CA CYS A 57 10.98 0.53 4.65
C CYS A 57 10.90 -0.90 5.17
N ASN A 58 9.81 -1.59 4.83
CA ASN A 58 9.62 -2.97 5.27
C ASN A 58 8.82 -3.76 4.23
N GLY A 59 9.29 -4.96 3.94
CA GLY A 59 8.61 -5.81 2.96
C GLY A 59 7.29 -6.32 3.51
N ASP A 60 7.16 -6.32 4.84
CA ASP A 60 5.94 -6.77 5.48
C ASP A 60 4.73 -6.04 4.92
N ILE A 61 4.83 -4.71 4.86
CA ILE A 61 3.73 -3.90 4.33
C ILE A 61 3.46 -4.27 2.88
N THR A 62 4.52 -4.59 2.15
CA THR A 62 4.38 -4.97 0.75
C THR A 62 3.67 -6.31 0.63
N THR A 63 3.64 -7.06 1.73
CA THR A 63 2.99 -8.36 1.74
C THR A 63 1.48 -8.19 1.83
N SER A 64 1.03 -7.38 2.78
CA SER A 64 -0.40 -7.14 2.96
C SER A 64 -0.93 -6.33 1.78
N ILE A 65 -0.08 -5.49 1.23
CA ILE A 65 -0.47 -4.65 0.09
C ILE A 65 -0.56 -5.49 -1.17
N MET A 66 0.54 -6.14 -1.54
CA MET A 66 0.57 -6.97 -2.73
C MET A 66 -0.53 -8.03 -2.67
N ASP A 67 -0.87 -8.45 -1.46
CA ASP A 67 -1.91 -9.45 -1.28
C ASP A 67 -3.27 -8.90 -1.69
N ASN A 68 -3.58 -7.71 -1.21
CA ASN A 68 -4.85 -7.07 -1.53
C ASN A 68 -4.94 -6.78 -3.03
N PHE A 69 -3.79 -6.62 -3.67
CA PHE A 69 -3.75 -6.34 -5.10
C PHE A 69 -4.28 -7.54 -5.89
N LEU A 70 -3.69 -8.71 -5.65
CA LEU A 70 -4.12 -9.92 -6.36
C LEU A 70 -5.60 -10.18 -6.12
N GLU A 71 -6.07 -9.88 -4.91
CA GLU A 71 -7.47 -10.09 -4.58
C GLU A 71 -8.35 -8.98 -5.16
N ARG A 72 -8.00 -7.74 -4.81
CA ARG A 72 -8.75 -6.58 -5.30
C ARG A 72 -10.25 -6.88 -5.32
N THR A 73 -10.94 -6.48 -4.25
CA THR A 73 -12.38 -6.70 -4.16
C THR A 73 -13.12 -5.84 -5.18
N ALA A 74 -14.40 -6.14 -5.38
CA ALA A 74 -15.21 -5.38 -6.32
C ALA A 74 -15.13 -3.88 -6.03
N ILE A 75 -14.50 -3.54 -4.92
CA ILE A 75 -14.38 -2.13 -4.52
C ILE A 75 -13.60 -1.36 -5.58
N GLU A 76 -13.18 -2.05 -6.63
CA GLU A 76 -12.41 -1.42 -7.71
C GLU A 76 -13.31 -0.50 -8.55
N LEU A 77 -14.62 -0.67 -8.43
CA LEU A 77 -15.56 0.15 -9.20
C LEU A 77 -15.17 1.63 -9.12
N LYS A 78 -14.24 1.97 -8.24
CA LYS A 78 -13.79 3.35 -8.08
C LYS A 78 -12.55 3.61 -8.92
N THR A 79 -12.51 4.77 -9.58
CA THR A 79 -11.37 5.12 -10.43
C THR A 79 -10.47 6.13 -9.72
N ASP A 80 -11.01 6.79 -8.69
CA ASP A 80 -10.24 7.78 -7.95
C ASP A 80 -9.50 7.14 -6.78
N TRP A 81 -9.82 5.88 -6.52
CA TRP A 81 -9.18 5.15 -5.42
C TRP A 81 -7.83 4.60 -5.85
N VAL A 82 -7.79 3.99 -7.03
CA VAL A 82 -6.54 3.41 -7.54
C VAL A 82 -5.41 4.44 -7.47
N ARG A 83 -5.75 5.72 -7.61
CA ARG A 83 -4.75 6.77 -7.56
C ARG A 83 -4.03 6.76 -6.21
N PHE A 84 -4.79 6.85 -5.13
CA PHE A 84 -4.21 6.85 -3.79
C PHE A 84 -3.38 5.59 -3.57
N LEU A 85 -4.01 4.43 -3.75
CA LEU A 85 -3.33 3.16 -3.56
C LEU A 85 -1.99 3.18 -4.29
N ALA A 86 -2.00 3.62 -5.54
CA ALA A 86 -0.77 3.70 -6.32
C ALA A 86 0.25 4.61 -5.66
N LEU A 87 -0.21 5.78 -5.22
CA LEU A 87 0.67 6.73 -4.56
C LEU A 87 1.47 6.04 -3.46
N ALA A 88 0.81 5.19 -2.69
CA ALA A 88 1.47 4.47 -1.61
C ALA A 88 2.61 3.62 -2.14
N LEU A 89 2.26 2.62 -2.96
CA LEU A 89 3.27 1.74 -3.53
C LEU A 89 4.47 2.54 -4.03
N GLY A 90 4.26 3.84 -4.22
CA GLY A 90 5.34 4.72 -4.69
C GLY A 90 6.22 5.17 -3.52
N ILE A 91 5.59 5.48 -2.39
CA ILE A 91 6.32 5.94 -1.22
C ILE A 91 7.22 4.82 -0.69
N LEU A 92 6.74 3.58 -0.78
CA LEU A 92 7.51 2.44 -0.29
C LEU A 92 8.91 2.45 -0.91
N TYR A 93 8.97 2.48 -2.24
CA TYR A 93 10.24 2.49 -2.95
C TYR A 93 10.61 3.90 -3.37
N MET A 94 9.78 4.87 -3.01
CA MET A 94 10.03 6.27 -3.36
C MET A 94 10.48 6.36 -4.81
N GLY A 95 10.06 5.41 -5.63
CA GLY A 95 10.42 5.40 -7.05
C GLY A 95 11.92 5.16 -7.22
N GLN A 96 12.43 4.13 -6.53
CA GLN A 96 13.85 3.81 -6.62
C GLN A 96 14.14 2.49 -5.91
N GLY A 97 14.89 1.61 -6.56
CA GLY A 97 15.24 0.32 -5.98
C GLY A 97 14.84 -0.82 -6.92
N GLU A 98 15.84 -1.38 -7.60
CA GLU A 98 15.58 -2.48 -8.53
C GLU A 98 14.60 -3.49 -7.93
N GLN A 99 14.48 -3.46 -6.61
CA GLN A 99 13.56 -4.37 -5.92
C GLN A 99 12.15 -4.22 -6.48
N VAL A 100 11.77 -2.97 -6.79
CA VAL A 100 10.44 -2.71 -7.33
C VAL A 100 10.30 -3.33 -8.71
N ASP A 101 11.33 -3.19 -9.54
CA ASP A 101 11.30 -3.75 -10.88
C ASP A 101 10.86 -5.20 -10.83
N ASP A 102 11.32 -5.92 -9.81
CA ASP A 102 10.97 -7.32 -9.66
C ASP A 102 9.48 -7.45 -9.32
N VAL A 103 9.01 -6.60 -8.42
CA VAL A 103 7.61 -6.63 -8.03
C VAL A 103 6.70 -6.52 -9.26
N LEU A 104 7.16 -5.75 -10.24
CA LEU A 104 6.39 -5.57 -11.46
C LEU A 104 6.34 -6.88 -12.26
N GLU A 105 7.50 -7.50 -12.44
CA GLU A 105 7.58 -8.75 -13.18
C GLU A 105 6.50 -9.72 -12.69
N THR A 106 6.17 -9.62 -11.41
CA THR A 106 5.14 -10.49 -10.83
C THR A 106 3.75 -10.06 -11.29
N ILE A 107 3.45 -8.78 -11.11
CA ILE A 107 2.15 -8.24 -11.51
C ILE A 107 1.90 -8.49 -12.99
N SER A 108 2.99 -8.67 -13.74
CA SER A 108 2.88 -8.92 -15.17
C SER A 108 2.49 -10.37 -15.44
N ALA A 109 3.18 -11.30 -14.79
CA ALA A 109 2.89 -12.71 -14.97
C ALA A 109 1.39 -12.98 -14.81
N ILE A 110 0.80 -12.42 -13.76
CA ILE A 110 -0.62 -12.60 -13.52
C ILE A 110 -1.44 -11.71 -14.45
N GLU A 111 -2.41 -12.31 -15.13
CA GLU A 111 -3.25 -11.56 -16.06
C GLU A 111 -3.98 -10.44 -15.33
N HIS A 112 -3.43 -9.23 -15.43
CA HIS A 112 -4.04 -8.07 -14.77
C HIS A 112 -4.02 -6.86 -15.70
N PRO A 113 -4.95 -6.77 -16.60
CA PRO A 113 -5.05 -5.64 -17.56
C PRO A 113 -5.52 -4.36 -16.88
N MET A 114 -6.19 -4.52 -15.74
CA MET A 114 -6.69 -3.37 -14.99
C MET A 114 -5.55 -2.68 -14.26
N THR A 115 -4.75 -3.46 -13.54
CA THR A 115 -3.61 -2.93 -12.80
C THR A 115 -2.44 -2.65 -13.73
N SER A 116 -2.41 -3.35 -14.86
CA SER A 116 -1.34 -3.16 -15.84
C SER A 116 -1.04 -1.68 -16.02
N ALA A 117 -2.08 -0.86 -15.90
CA ALA A 117 -1.91 0.58 -16.06
C ALA A 117 -0.85 1.10 -15.09
N ILE A 118 -0.90 0.62 -13.85
CA ILE A 118 0.06 1.03 -12.84
C ILE A 118 1.45 0.54 -13.21
N GLU A 119 1.53 -0.69 -13.71
CA GLU A 119 2.81 -1.27 -14.10
C GLU A 119 3.59 -0.30 -14.98
N VAL A 120 2.87 0.45 -15.81
CA VAL A 120 3.50 1.41 -16.70
C VAL A 120 3.94 2.65 -15.93
N LEU A 121 3.00 3.27 -15.22
CA LEU A 121 3.31 4.47 -14.44
C LEU A 121 4.54 4.24 -13.58
N VAL A 122 4.62 3.08 -12.95
CA VAL A 122 5.75 2.76 -12.09
C VAL A 122 6.97 2.36 -12.94
N GLY A 123 6.70 1.90 -14.15
CA GLY A 123 7.79 1.48 -15.04
C GLY A 123 8.53 2.69 -15.58
N SER A 124 7.81 3.77 -15.85
CA SER A 124 8.41 4.99 -16.37
C SER A 124 9.02 5.80 -15.24
N CYS A 125 8.21 6.17 -14.26
CA CYS A 125 8.68 6.95 -13.13
C CYS A 125 9.49 6.08 -12.18
N ALA A 126 10.78 5.96 -12.44
CA ALA A 126 11.65 5.15 -11.59
C ALA A 126 13.12 5.49 -11.85
N TYR A 127 13.86 4.53 -12.40
CA TYR A 127 15.28 4.74 -12.70
C TYR A 127 15.44 5.73 -13.85
N THR A 128 16.18 6.80 -13.62
CA THR A 128 16.40 7.81 -14.65
C THR A 128 17.07 7.18 -15.86
N GLY A 129 16.42 7.31 -17.02
CA GLY A 129 16.97 6.76 -18.25
C GLY A 129 15.90 6.71 -19.35
N THR A 130 14.81 7.43 -19.13
CA THR A 130 13.73 7.47 -20.11
C THR A 130 13.24 6.05 -20.41
N GLY A 131 12.04 5.97 -20.99
CA GLY A 131 11.47 4.67 -21.32
C GLY A 131 9.94 4.75 -21.38
N ASP A 1 -20.63 10.25 10.29
CA ASP A 1 -19.61 10.21 9.21
C ASP A 1 -18.70 11.43 9.31
N THR A 2 -18.08 11.60 10.48
CA THR A 2 -17.19 12.73 10.70
C THR A 2 -15.93 12.28 11.44
N LYS A 3 -15.87 12.60 12.73
CA LYS A 3 -14.72 12.22 13.55
C LYS A 3 -14.82 10.77 13.98
N ILE A 4 -14.87 10.53 15.29
CA ILE A 4 -14.97 9.18 15.81
C ILE A 4 -13.96 8.26 15.13
N SER A 5 -14.34 7.68 14.00
CA SER A 5 -13.46 6.79 13.27
C SER A 5 -12.13 7.47 12.98
N SER A 6 -12.19 8.66 12.38
CA SER A 6 -10.97 9.40 12.08
C SER A 6 -10.17 9.68 13.33
N ALA A 7 -10.87 9.93 14.44
CA ALA A 7 -10.21 10.20 15.71
C ALA A 7 -9.34 9.02 16.13
N ALA A 8 -9.86 7.81 15.94
CA ALA A 8 -9.13 6.60 16.30
C ALA A 8 -8.03 6.32 15.27
N ILE A 9 -8.40 6.35 14.00
CA ILE A 9 -7.43 6.10 12.93
C ILE A 9 -6.26 7.07 13.04
N LEU A 10 -6.56 8.36 13.05
CA LEU A 10 -5.52 9.38 13.14
C LEU A 10 -4.74 9.21 14.45
N GLY A 11 -5.46 8.93 15.53
CA GLY A 11 -4.83 8.73 16.83
C GLY A 11 -3.64 7.79 16.71
N LEU A 12 -3.91 6.50 16.77
CA LEU A 12 -2.84 5.50 16.66
C LEU A 12 -1.86 5.88 15.56
N GLY A 13 -2.32 6.72 14.63
CA GLY A 13 -1.48 7.16 13.53
C GLY A 13 -0.21 7.84 14.05
N ILE A 14 -0.27 9.16 14.17
CA ILE A 14 0.87 9.92 14.66
C ILE A 14 1.48 9.25 15.89
N ALA A 15 0.78 8.26 16.43
CA ALA A 15 1.26 7.55 17.62
C ALA A 15 2.41 6.61 17.28
N PHE A 16 2.39 6.03 16.08
CA PHE A 16 3.45 5.11 15.69
C PHE A 16 4.82 5.72 15.91
N ALA A 17 4.83 7.01 16.22
CA ALA A 17 6.08 7.73 16.45
C ALA A 17 6.55 7.54 17.89
N GLY A 18 5.74 6.85 18.68
CA GLY A 18 6.05 6.62 20.09
C GLY A 18 7.51 6.21 20.31
N SER A 19 7.97 5.16 19.64
CA SER A 19 9.36 4.73 19.84
C SER A 19 10.06 4.38 18.52
N LYS A 20 9.63 3.29 17.89
CA LYS A 20 10.24 2.86 16.63
C LYS A 20 9.24 2.81 15.48
N ASN A 21 7.97 2.57 15.82
CA ASN A 21 6.90 2.49 14.82
C ASN A 21 6.70 1.04 14.39
N ASP A 22 7.38 0.11 15.06
CA ASP A 22 7.26 -1.30 14.73
C ASP A 22 5.96 -1.88 15.30
N GLU A 23 5.59 -1.43 16.49
CA GLU A 23 4.37 -1.91 17.13
C GLU A 23 3.18 -1.80 16.19
N VAL A 24 2.89 -0.58 15.75
CA VAL A 24 1.78 -0.34 14.85
C VAL A 24 1.88 -1.27 13.63
N LEU A 25 3.09 -1.47 13.13
CA LEU A 25 3.29 -2.34 11.97
C LEU A 25 2.92 -3.78 12.30
N GLY A 26 3.06 -4.15 13.56
CA GLY A 26 2.74 -5.51 13.99
C GLY A 26 1.23 -5.71 14.13
N LEU A 27 0.50 -4.64 14.41
CA LEU A 27 -0.94 -4.73 14.57
C LEU A 27 -1.65 -4.59 13.22
N LEU A 28 -1.25 -3.61 12.43
CA LEU A 28 -1.86 -3.39 11.13
C LEU A 28 -1.69 -4.61 10.22
N LEU A 29 -0.46 -5.12 10.14
CA LEU A 29 -0.18 -6.28 9.30
C LEU A 29 -1.24 -7.36 9.49
N PRO A 30 -1.31 -7.95 10.66
CA PRO A 30 -2.32 -9.02 10.95
C PRO A 30 -3.71 -8.61 10.49
N ILE A 31 -4.12 -7.40 10.82
CA ILE A 31 -5.44 -6.91 10.43
C ILE A 31 -5.48 -6.64 8.93
N ALA A 32 -4.32 -6.45 8.33
CA ALA A 32 -4.24 -6.19 6.89
C ALA A 32 -4.34 -7.49 6.11
N ALA A 33 -3.84 -8.58 6.69
CA ALA A 33 -3.88 -9.88 6.04
C ALA A 33 -5.24 -10.53 6.25
N SER A 34 -6.29 -9.72 6.24
CA SER A 34 -7.64 -10.22 6.43
C SER A 34 -8.61 -9.53 5.48
N THR A 35 -8.53 -9.89 4.20
CA THR A 35 -9.40 -9.29 3.19
C THR A 35 -10.85 -9.33 3.64
N ASP A 36 -11.11 -10.06 4.71
CA ASP A 36 -12.48 -10.18 5.23
C ASP A 36 -13.21 -8.84 5.14
N LEU A 37 -12.60 -7.80 5.71
CA LEU A 37 -13.20 -6.48 5.68
C LEU A 37 -12.89 -5.78 4.35
N PRO A 38 -13.74 -4.87 3.92
CA PRO A 38 -13.54 -4.13 2.65
C PRO A 38 -12.11 -3.61 2.52
N ILE A 39 -11.66 -3.43 1.28
CA ILE A 39 -10.31 -2.93 1.03
C ILE A 39 -10.21 -1.45 1.41
N GLU A 40 -11.35 -0.82 1.59
CA GLU A 40 -11.38 0.60 1.96
C GLU A 40 -10.72 0.82 3.32
N THR A 41 -11.01 -0.09 4.25
CA THR A 41 -10.44 0.01 5.59
C THR A 41 -8.94 -0.27 5.55
N ALA A 42 -8.56 -1.43 5.03
CA ALA A 42 -7.16 -1.80 4.94
C ALA A 42 -6.35 -0.69 4.26
N ALA A 43 -7.01 0.06 3.39
CA ALA A 43 -6.34 1.14 2.68
C ALA A 43 -5.95 2.26 3.65
N MET A 44 -6.95 2.88 4.26
CA MET A 44 -6.69 3.95 5.21
C MET A 44 -5.63 3.54 6.21
N ALA A 45 -5.70 2.29 6.67
CA ALA A 45 -4.73 1.77 7.63
C ALA A 45 -3.35 1.69 6.99
N SER A 46 -3.31 1.25 5.74
CA SER A 46 -2.04 1.14 5.03
C SER A 46 -1.37 2.50 4.91
N LEU A 47 -2.15 3.51 4.53
CA LEU A 47 -1.61 4.85 4.39
C LEU A 47 -0.87 5.27 5.65
N ALA A 48 -1.58 5.25 6.78
CA ALA A 48 -0.97 5.62 8.05
C ALA A 48 0.35 4.89 8.23
N LEU A 49 0.42 3.66 7.72
CA LEU A 49 1.63 2.87 7.83
C LEU A 49 2.72 3.44 6.93
N ALA A 50 2.43 3.52 5.63
CA ALA A 50 3.40 4.06 4.69
C ALA A 50 3.81 5.48 5.08
N HIS A 51 2.95 6.14 5.84
CA HIS A 51 3.22 7.51 6.28
C HIS A 51 4.39 7.54 7.26
N VAL A 52 4.30 6.72 8.31
CA VAL A 52 5.37 6.69 9.31
C VAL A 52 6.56 5.87 8.83
N PHE A 53 6.29 4.87 7.97
CA PHE A 53 7.36 4.03 7.44
C PHE A 53 7.99 4.67 6.21
N VAL A 54 7.49 5.84 5.83
CA VAL A 54 8.02 6.54 4.67
C VAL A 54 9.54 6.61 4.74
N GLY A 55 10.09 6.33 5.92
CA GLY A 55 11.53 6.36 6.12
C GLY A 55 12.11 4.96 6.02
N THR A 56 11.55 4.04 6.81
CA THR A 56 12.02 2.66 6.81
C THR A 56 11.28 1.85 5.74
N CYS A 57 11.65 0.59 5.60
CA CYS A 57 11.02 -0.28 4.61
C CYS A 57 11.02 -1.74 5.09
N ASN A 58 10.10 -2.52 4.56
CA ASN A 58 10.00 -3.93 4.95
C ASN A 58 9.18 -4.71 3.91
N GLY A 59 9.57 -5.96 3.68
CA GLY A 59 8.87 -6.80 2.72
C GLY A 59 7.44 -7.09 3.19
N ASP A 60 7.28 -7.34 4.48
CA ASP A 60 5.97 -7.63 5.04
C ASP A 60 4.94 -6.64 4.53
N ILE A 61 5.21 -5.35 4.72
CA ILE A 61 4.30 -4.30 4.28
C ILE A 61 3.82 -4.58 2.86
N THR A 62 4.77 -4.91 1.98
CA THR A 62 4.44 -5.21 0.59
C THR A 62 3.56 -6.44 0.49
N THR A 63 3.75 -7.38 1.42
CA THR A 63 2.97 -8.61 1.42
C THR A 63 1.49 -8.31 1.65
N SER A 64 1.18 -7.56 2.69
CA SER A 64 -0.21 -7.22 3.00
C SER A 64 -0.80 -6.38 1.88
N ILE A 65 0.02 -5.53 1.29
CA ILE A 65 -0.43 -4.66 0.20
C ILE A 65 -0.76 -5.50 -1.03
N MET A 66 0.17 -6.36 -1.42
CA MET A 66 -0.03 -7.21 -2.59
C MET A 66 -1.29 -8.07 -2.42
N ASP A 67 -1.39 -8.74 -1.27
CA ASP A 67 -2.54 -9.60 -1.00
C ASP A 67 -3.83 -8.87 -1.34
N ASN A 68 -4.08 -7.77 -0.64
CA ASN A 68 -5.30 -7.00 -0.88
C ASN A 68 -5.47 -6.72 -2.37
N PHE A 69 -4.36 -6.51 -3.07
CA PHE A 69 -4.40 -6.23 -4.50
C PHE A 69 -5.09 -7.37 -5.24
N LEU A 70 -4.71 -8.60 -4.90
CA LEU A 70 -5.30 -9.77 -5.56
C LEU A 70 -6.81 -9.78 -5.37
N GLU A 71 -7.26 -9.56 -4.14
CA GLU A 71 -8.69 -9.55 -3.85
C GLU A 71 -9.41 -8.49 -4.69
N ARG A 72 -8.95 -7.25 -4.59
CA ARG A 72 -9.55 -6.15 -5.35
C ARG A 72 -11.04 -6.39 -5.60
N THR A 73 -11.88 -5.93 -4.67
CA THR A 73 -13.32 -6.10 -4.80
C THR A 73 -13.90 -5.06 -5.74
N ALA A 74 -15.04 -5.38 -6.34
CA ALA A 74 -15.69 -4.45 -7.27
C ALA A 74 -15.88 -3.10 -6.61
N ILE A 75 -15.59 -3.03 -5.32
CA ILE A 75 -15.74 -1.77 -4.57
C ILE A 75 -14.97 -0.65 -5.27
N GLU A 76 -14.20 -1.02 -6.29
CA GLU A 76 -13.41 -0.03 -7.04
C GLU A 76 -14.31 1.01 -7.68
N LEU A 77 -15.60 0.70 -7.80
CA LEU A 77 -16.54 1.64 -8.41
C LEU A 77 -16.58 2.96 -7.63
N LYS A 78 -15.77 3.04 -6.58
CA LYS A 78 -15.73 4.26 -5.77
C LYS A 78 -15.18 5.43 -6.58
N THR A 79 -14.31 6.22 -5.97
CA THR A 79 -13.72 7.37 -6.65
C THR A 79 -12.30 7.05 -7.12
N ASP A 80 -12.13 5.86 -7.69
CA ASP A 80 -10.82 5.44 -8.17
C ASP A 80 -9.81 5.39 -7.03
N TRP A 81 -9.99 4.43 -6.13
CA TRP A 81 -9.09 4.30 -4.99
C TRP A 81 -7.70 3.86 -5.45
N VAL A 82 -7.65 3.24 -6.64
CA VAL A 82 -6.38 2.78 -7.19
C VAL A 82 -5.33 3.88 -7.11
N ARG A 83 -5.79 5.13 -7.03
CA ARG A 83 -4.88 6.26 -6.96
C ARG A 83 -4.09 6.24 -5.66
N PHE A 84 -4.79 6.22 -4.53
CA PHE A 84 -4.14 6.20 -3.23
C PHE A 84 -3.19 5.01 -3.13
N LEU A 85 -3.59 3.90 -3.71
CA LEU A 85 -2.77 2.69 -3.68
C LEU A 85 -1.49 2.90 -4.49
N ALA A 86 -1.55 3.80 -5.47
CA ALA A 86 -0.39 4.08 -6.31
C ALA A 86 0.66 4.85 -5.51
N LEU A 87 0.24 5.97 -4.92
CA LEU A 87 1.16 6.78 -4.13
C LEU A 87 1.79 5.96 -3.01
N ALA A 88 1.07 4.96 -2.54
CA ALA A 88 1.57 4.10 -1.47
C ALA A 88 2.66 3.17 -2.01
N LEU A 89 2.33 2.40 -3.03
CA LEU A 89 3.28 1.47 -3.63
C LEU A 89 4.50 2.23 -4.15
N GLY A 90 4.34 3.53 -4.37
CA GLY A 90 5.43 4.35 -4.88
C GLY A 90 6.38 4.75 -3.76
N ILE A 91 5.83 5.40 -2.73
CA ILE A 91 6.64 5.84 -1.60
C ILE A 91 7.05 4.65 -0.73
N LEU A 92 6.28 3.57 -0.82
CA LEU A 92 6.57 2.38 -0.04
C LEU A 92 8.07 2.06 -0.08
N TYR A 93 8.57 1.84 -1.29
CA TYR A 93 9.99 1.53 -1.47
C TYR A 93 10.84 2.79 -1.38
N MET A 94 10.27 3.92 -1.79
CA MET A 94 10.98 5.18 -1.76
C MET A 94 12.23 5.13 -2.62
N GLY A 95 13.25 4.42 -2.15
CA GLY A 95 14.50 4.29 -2.90
C GLY A 95 14.31 3.38 -4.11
N GLN A 96 13.65 3.89 -5.14
CA GLN A 96 13.43 3.10 -6.34
C GLN A 96 14.73 2.45 -6.82
N GLY A 97 14.64 1.19 -7.21
CA GLY A 97 15.82 0.47 -7.68
C GLY A 97 15.44 -0.92 -8.20
N GLU A 98 16.36 -1.88 -8.03
CA GLU A 98 16.10 -3.24 -8.49
C GLU A 98 14.83 -3.79 -7.85
N GLN A 99 14.49 -3.27 -6.67
CA GLN A 99 13.30 -3.73 -5.97
C GLN A 99 12.07 -3.58 -6.86
N VAL A 100 11.89 -2.40 -7.44
CA VAL A 100 10.75 -2.15 -8.31
C VAL A 100 10.68 -3.19 -9.42
N ASP A 101 11.80 -3.39 -10.12
CA ASP A 101 11.86 -4.35 -11.21
C ASP A 101 11.20 -5.66 -10.79
N ASP A 102 11.37 -6.03 -9.53
CA ASP A 102 10.79 -7.27 -9.02
C ASP A 102 9.27 -7.13 -8.89
N VAL A 103 8.83 -5.97 -8.42
CA VAL A 103 7.40 -5.72 -8.25
C VAL A 103 6.67 -5.94 -9.57
N LEU A 104 7.09 -5.23 -10.61
CA LEU A 104 6.47 -5.35 -11.92
C LEU A 104 6.47 -6.81 -12.38
N GLU A 105 7.60 -7.48 -12.21
CA GLU A 105 7.72 -8.87 -12.62
C GLU A 105 6.58 -9.70 -12.02
N THR A 106 6.19 -9.36 -10.80
CA THR A 106 5.11 -10.07 -10.13
C THR A 106 3.76 -9.66 -10.72
N ILE A 107 3.55 -8.35 -10.85
CA ILE A 107 2.30 -7.86 -11.40
C ILE A 107 2.05 -8.44 -12.79
N SER A 108 3.12 -8.57 -13.57
CA SER A 108 3.00 -9.12 -14.92
C SER A 108 2.85 -10.63 -14.88
N ALA A 109 3.25 -11.23 -13.76
CA ALA A 109 3.14 -12.68 -13.60
C ALA A 109 1.67 -13.10 -13.53
N ILE A 110 0.96 -12.58 -12.53
CA ILE A 110 -0.45 -12.91 -12.36
C ILE A 110 -1.31 -12.16 -13.37
N GLU A 111 -2.57 -12.55 -13.49
CA GLU A 111 -3.49 -11.91 -14.42
C GLU A 111 -3.88 -10.52 -13.90
N HIS A 112 -3.11 -9.51 -14.30
CA HIS A 112 -3.39 -8.13 -13.90
C HIS A 112 -3.30 -7.19 -15.10
N PRO A 113 -4.33 -7.15 -15.90
CA PRO A 113 -4.37 -6.28 -17.11
C PRO A 113 -4.58 -4.81 -16.74
N MET A 114 -5.74 -4.50 -16.17
CA MET A 114 -6.05 -3.13 -15.79
C MET A 114 -4.85 -2.48 -15.11
N THR A 115 -4.33 -3.15 -14.08
CA THR A 115 -3.18 -2.63 -13.35
C THR A 115 -2.12 -2.08 -14.31
N SER A 116 -2.15 -2.57 -15.54
CA SER A 116 -1.19 -2.11 -16.55
C SER A 116 -1.01 -0.60 -16.50
N ALA A 117 -2.01 0.09 -15.95
CA ALA A 117 -1.95 1.54 -15.85
C ALA A 117 -0.82 1.96 -14.90
N ILE A 118 -0.68 1.22 -13.81
CA ILE A 118 0.35 1.51 -12.82
C ILE A 118 1.70 1.00 -13.32
N GLU A 119 1.67 -0.06 -14.12
CA GLU A 119 2.89 -0.65 -14.65
C GLU A 119 3.69 0.39 -15.44
N VAL A 120 2.99 1.08 -16.36
CA VAL A 120 3.63 2.10 -17.16
C VAL A 120 3.96 3.33 -16.33
N LEU A 121 3.15 3.58 -15.31
CA LEU A 121 3.37 4.73 -14.44
C LEU A 121 4.65 4.54 -13.62
N VAL A 122 4.60 3.61 -12.67
CA VAL A 122 5.75 3.34 -11.83
C VAL A 122 6.93 2.85 -12.67
N GLY A 123 6.64 1.96 -13.61
CA GLY A 123 7.69 1.41 -14.47
C GLY A 123 8.48 2.54 -15.14
N SER A 124 7.81 3.30 -16.00
CA SER A 124 8.47 4.40 -16.69
C SER A 124 9.24 5.27 -15.71
N CYS A 125 8.59 5.60 -14.59
CA CYS A 125 9.23 6.43 -13.58
C CYS A 125 10.21 5.61 -12.76
N ALA A 126 11.45 5.55 -13.22
CA ALA A 126 12.49 4.78 -12.53
C ALA A 126 13.74 5.62 -12.35
N TYR A 127 14.84 4.97 -11.98
CA TYR A 127 16.11 5.67 -11.78
C TYR A 127 16.37 6.62 -12.95
N THR A 128 16.19 7.91 -12.70
CA THR A 128 16.41 8.92 -13.74
C THR A 128 17.91 9.09 -13.99
N GLY A 129 18.66 9.36 -12.94
CA GLY A 129 20.10 9.56 -13.06
C GLY A 129 20.42 10.91 -13.68
N THR A 130 19.40 11.53 -14.27
CA THR A 130 19.58 12.83 -14.90
C THR A 130 18.32 13.67 -14.77
N GLY A 131 18.13 14.62 -15.68
CA GLY A 131 16.95 15.48 -15.65
C GLY A 131 16.74 16.06 -14.26
N ASP A 1 -21.91 14.58 10.10
CA ASP A 1 -20.75 15.35 10.63
C ASP A 1 -19.48 14.91 9.90
N THR A 2 -18.33 15.35 10.41
CA THR A 2 -17.05 15.00 9.80
C THR A 2 -16.72 13.52 10.06
N LYS A 3 -15.97 12.93 9.14
CA LYS A 3 -15.59 11.52 9.28
C LYS A 3 -14.66 11.33 10.48
N ILE A 4 -15.22 10.84 11.58
CA ILE A 4 -14.43 10.62 12.78
C ILE A 4 -13.31 9.62 12.52
N SER A 5 -13.42 8.88 11.42
CA SER A 5 -12.41 7.89 11.07
C SER A 5 -11.04 8.54 10.93
N SER A 6 -11.01 9.72 10.33
CA SER A 6 -9.75 10.44 10.14
C SER A 6 -9.17 10.86 11.49
N ALA A 7 -10.04 11.20 12.43
CA ALA A 7 -9.60 11.61 13.75
C ALA A 7 -8.96 10.45 14.50
N ALA A 8 -9.66 9.33 14.56
CA ALA A 8 -9.15 8.16 15.25
C ALA A 8 -7.84 7.70 14.64
N ILE A 9 -7.84 7.54 13.31
CA ILE A 9 -6.65 7.11 12.61
C ILE A 9 -5.47 8.03 12.92
N LEU A 10 -5.77 9.30 13.16
CA LEU A 10 -4.73 10.27 13.46
C LEU A 10 -4.02 9.90 14.75
N GLY A 11 -4.70 10.10 15.88
CA GLY A 11 -4.12 9.78 17.18
C GLY A 11 -3.44 8.42 17.15
N LEU A 12 -4.07 7.46 16.48
CA LEU A 12 -3.52 6.11 16.38
C LEU A 12 -2.22 6.13 15.58
N GLY A 13 -2.23 6.83 14.46
CA GLY A 13 -1.06 6.92 13.60
C GLY A 13 0.17 7.39 14.38
N ILE A 14 -0.03 8.42 15.22
CA ILE A 14 1.07 8.96 16.01
C ILE A 14 1.28 8.14 17.29
N ALA A 15 0.38 7.17 17.52
CA ALA A 15 0.48 6.34 18.71
C ALA A 15 1.60 5.31 18.56
N PHE A 16 1.68 4.68 17.39
CA PHE A 16 2.71 3.68 17.15
C PHE A 16 4.10 4.30 17.33
N ALA A 17 4.27 5.50 16.79
CA ALA A 17 5.53 6.21 16.88
C ALA A 17 6.06 6.23 18.31
N GLY A 18 5.27 5.71 19.24
CA GLY A 18 5.66 5.69 20.65
C GLY A 18 7.12 5.25 20.82
N SER A 19 7.49 4.10 20.27
CA SER A 19 8.86 3.63 20.40
C SER A 19 9.43 3.09 19.10
N LYS A 20 8.88 1.95 18.63
CA LYS A 20 9.36 1.34 17.39
C LYS A 20 8.24 1.23 16.35
N ASN A 21 7.00 1.11 16.83
CA ASN A 21 5.87 0.97 15.93
C ASN A 21 5.87 -0.42 15.29
N ASP A 22 6.62 -1.33 15.89
CA ASP A 22 6.73 -2.69 15.38
C ASP A 22 5.50 -3.53 15.74
N GLU A 23 5.17 -3.58 17.02
CA GLU A 23 4.02 -4.37 17.47
C GLU A 23 2.82 -4.09 16.59
N VAL A 24 2.41 -2.83 16.53
CA VAL A 24 1.28 -2.44 15.72
C VAL A 24 1.46 -2.90 14.28
N LEU A 25 2.73 -3.06 13.87
CA LEU A 25 3.03 -3.50 12.51
C LEU A 25 2.43 -4.88 12.25
N GLY A 26 2.74 -5.83 13.12
CA GLY A 26 2.22 -7.19 12.98
C GLY A 26 0.71 -7.22 13.05
N LEU A 27 0.13 -6.21 13.70
CA LEU A 27 -1.33 -6.15 13.84
C LEU A 27 -1.96 -5.46 12.64
N LEU A 28 -1.29 -4.43 12.12
CA LEU A 28 -1.80 -3.69 10.98
C LEU A 28 -1.89 -4.57 9.74
N LEU A 29 -0.80 -5.27 9.43
CA LEU A 29 -0.77 -6.15 8.27
C LEU A 29 -2.04 -6.99 8.19
N PRO A 30 -2.25 -7.88 9.14
CA PRO A 30 -3.46 -8.75 9.16
C PRO A 30 -4.74 -7.95 8.90
N ILE A 31 -4.80 -6.76 9.49
CA ILE A 31 -5.97 -5.91 9.31
C ILE A 31 -5.92 -5.18 7.97
N ALA A 32 -4.72 -5.06 7.41
CA ALA A 32 -4.53 -4.39 6.14
C ALA A 32 -4.74 -5.35 4.98
N ALA A 33 -4.73 -6.65 5.28
CA ALA A 33 -4.92 -7.66 4.25
C ALA A 33 -6.40 -7.85 3.95
N SER A 34 -7.24 -7.09 4.64
CA SER A 34 -8.68 -7.18 4.44
C SER A 34 -9.12 -8.63 4.31
N THR A 35 -8.84 -9.43 5.33
CA THR A 35 -9.22 -10.84 5.31
C THR A 35 -10.73 -10.98 5.32
N ASP A 36 -11.40 -10.12 6.06
CA ASP A 36 -12.86 -10.16 6.14
C ASP A 36 -13.43 -8.76 6.30
N LEU A 37 -12.58 -7.75 6.15
CA LEU A 37 -13.03 -6.36 6.28
C LEU A 37 -13.00 -5.66 4.91
N PRO A 38 -13.41 -4.43 4.85
CA PRO A 38 -13.43 -3.66 3.59
C PRO A 38 -12.03 -3.16 3.20
N ILE A 39 -11.81 -2.96 1.92
CA ILE A 39 -10.52 -2.49 1.44
C ILE A 39 -10.31 -1.02 1.79
N GLU A 40 -11.42 -0.29 1.93
CA GLU A 40 -11.35 1.12 2.26
C GLU A 40 -10.74 1.31 3.65
N THR A 41 -11.41 0.80 4.66
CA THR A 41 -10.92 0.92 6.03
C THR A 41 -9.46 0.47 6.13
N ALA A 42 -9.13 -0.58 5.38
CA ALA A 42 -7.77 -1.10 5.38
C ALA A 42 -6.82 -0.11 4.70
N ALA A 43 -7.37 0.72 3.82
CA ALA A 43 -6.56 1.71 3.10
C ALA A 43 -6.16 2.84 4.04
N MET A 44 -7.15 3.42 4.72
CA MET A 44 -6.88 4.52 5.64
C MET A 44 -5.82 4.11 6.66
N ALA A 45 -5.92 2.86 7.13
CA ALA A 45 -4.96 2.36 8.12
C ALA A 45 -3.61 2.13 7.46
N SER A 46 -3.62 1.69 6.20
CA SER A 46 -2.39 1.43 5.47
C SER A 46 -1.63 2.73 5.22
N LEU A 47 -2.36 3.77 4.80
CA LEU A 47 -1.75 5.06 4.53
C LEU A 47 -1.02 5.58 5.76
N ALA A 48 -1.72 5.61 6.89
CA ALA A 48 -1.13 6.09 8.14
C ALA A 48 0.16 5.34 8.44
N LEU A 49 0.22 4.07 8.04
CA LEU A 49 1.40 3.26 8.28
C LEU A 49 2.61 3.83 7.54
N ALA A 50 2.44 4.10 6.25
CA ALA A 50 3.52 4.65 5.44
C ALA A 50 4.09 5.90 6.10
N HIS A 51 3.20 6.75 6.60
CA HIS A 51 3.63 7.99 7.24
C HIS A 51 4.56 7.70 8.42
N VAL A 52 4.28 6.63 9.15
CA VAL A 52 5.10 6.26 10.30
C VAL A 52 6.42 5.65 9.84
N PHE A 53 6.34 4.48 9.20
CA PHE A 53 7.54 3.79 8.72
C PHE A 53 8.27 4.64 7.69
N VAL A 54 7.74 5.82 7.41
CA VAL A 54 8.36 6.72 6.44
C VAL A 54 9.85 6.85 6.73
N GLY A 55 10.24 6.49 7.94
CA GLY A 55 11.65 6.57 8.34
C GLY A 55 12.30 5.20 8.29
N THR A 56 11.58 4.18 8.78
CA THR A 56 12.09 2.82 8.79
C THR A 56 11.70 2.10 7.49
N CYS A 57 12.16 0.86 7.35
CA CYS A 57 11.85 0.08 6.15
C CYS A 57 11.34 -1.32 6.54
N ASN A 58 10.58 -1.93 5.65
CA ASN A 58 10.03 -3.26 5.91
C ASN A 58 9.27 -3.76 4.68
N GLY A 59 9.73 -4.87 4.12
CA GLY A 59 9.09 -5.44 2.95
C GLY A 59 7.75 -6.08 3.31
N ASP A 60 7.67 -6.63 4.52
CA ASP A 60 6.44 -7.27 4.98
C ASP A 60 5.23 -6.41 4.65
N ILE A 61 5.36 -5.10 4.89
CA ILE A 61 4.27 -4.17 4.61
C ILE A 61 3.83 -4.27 3.16
N THR A 62 4.75 -4.64 2.28
CA THR A 62 4.45 -4.76 0.87
C THR A 62 3.73 -6.09 0.58
N THR A 63 4.03 -7.10 1.38
CA THR A 63 3.41 -8.41 1.21
C THR A 63 1.89 -8.29 1.36
N SER A 64 1.47 -7.72 2.48
CA SER A 64 0.04 -7.55 2.74
C SER A 64 -0.57 -6.66 1.67
N ILE A 65 0.06 -5.51 1.46
CA ILE A 65 -0.42 -4.57 0.45
C ILE A 65 -0.53 -5.27 -0.90
N MET A 66 0.37 -6.20 -1.16
CA MET A 66 0.37 -6.94 -2.41
C MET A 66 -0.81 -7.91 -2.45
N ASP A 67 -1.19 -8.41 -1.28
CA ASP A 67 -2.31 -9.33 -1.19
C ASP A 67 -3.59 -8.68 -1.69
N ASN A 68 -3.74 -7.38 -1.41
CA ASN A 68 -4.90 -6.64 -1.85
C ASN A 68 -4.84 -6.38 -3.34
N PHE A 69 -3.69 -5.91 -3.81
CA PHE A 69 -3.51 -5.63 -5.23
C PHE A 69 -4.02 -6.80 -6.08
N LEU A 70 -3.91 -8.00 -5.52
CA LEU A 70 -4.36 -9.20 -6.23
C LEU A 70 -5.87 -9.36 -6.10
N GLU A 71 -6.40 -9.01 -4.93
CA GLU A 71 -7.83 -9.12 -4.67
C GLU A 71 -8.60 -8.20 -5.61
N ARG A 72 -8.25 -6.91 -5.56
CA ARG A 72 -8.90 -5.91 -6.41
C ARG A 72 -10.34 -6.30 -6.76
N THR A 73 -11.26 -6.06 -5.84
CA THR A 73 -12.66 -6.39 -6.07
C THR A 73 -13.39 -5.20 -6.69
N ALA A 74 -14.39 -5.50 -7.52
CA ALA A 74 -15.16 -4.45 -8.16
C ALA A 74 -15.75 -3.50 -7.11
N ILE A 75 -15.50 -3.82 -5.85
CA ILE A 75 -15.99 -3.02 -4.75
C ILE A 75 -15.27 -1.67 -4.71
N GLU A 76 -14.09 -1.60 -5.32
CA GLU A 76 -13.32 -0.36 -5.34
C GLU A 76 -13.97 0.68 -6.26
N LEU A 77 -14.76 0.21 -7.22
CA LEU A 77 -15.43 1.12 -8.14
C LEU A 77 -16.08 2.27 -7.38
N LYS A 78 -16.65 1.97 -6.22
CA LYS A 78 -17.29 3.00 -5.41
C LYS A 78 -16.33 4.14 -5.13
N THR A 79 -15.25 3.84 -4.41
CA THR A 79 -14.26 4.87 -4.08
C THR A 79 -13.15 4.89 -5.13
N ASP A 80 -12.01 5.46 -4.76
CA ASP A 80 -10.87 5.54 -5.66
C ASP A 80 -9.57 5.30 -4.90
N TRP A 81 -9.60 4.35 -3.97
CA TRP A 81 -8.42 4.03 -3.18
C TRP A 81 -7.23 3.72 -4.09
N VAL A 82 -7.52 3.27 -5.31
CA VAL A 82 -6.46 2.94 -6.26
C VAL A 82 -5.41 4.04 -6.30
N ARG A 83 -5.86 5.30 -6.24
CA ARG A 83 -4.95 6.43 -6.29
C ARG A 83 -4.00 6.39 -5.09
N PHE A 84 -4.56 6.36 -3.89
CA PHE A 84 -3.75 6.34 -2.67
C PHE A 84 -2.85 5.10 -2.66
N LEU A 85 -3.22 4.09 -3.43
CA LEU A 85 -2.43 2.86 -3.49
C LEU A 85 -1.21 3.06 -4.37
N ALA A 86 -1.28 4.05 -5.27
CA ALA A 86 -0.17 4.34 -6.18
C ALA A 86 0.87 5.22 -5.49
N LEU A 87 0.40 6.21 -4.74
CA LEU A 87 1.29 7.12 -4.04
C LEU A 87 1.98 6.40 -2.87
N ALA A 88 1.31 5.39 -2.32
CA ALA A 88 1.87 4.65 -1.20
C ALA A 88 2.95 3.69 -1.68
N LEU A 89 2.67 3.00 -2.79
CA LEU A 89 3.64 2.04 -3.34
C LEU A 89 4.73 2.79 -4.09
N GLY A 90 4.45 4.03 -4.49
CA GLY A 90 5.42 4.83 -5.21
C GLY A 90 6.41 5.48 -4.26
N ILE A 91 5.90 6.04 -3.18
CA ILE A 91 6.76 6.69 -2.19
C ILE A 91 7.54 5.64 -1.39
N LEU A 92 7.00 4.43 -1.34
CA LEU A 92 7.65 3.34 -0.60
C LEU A 92 8.82 2.78 -1.40
N TYR A 93 8.64 2.67 -2.71
CA TYR A 93 9.68 2.14 -3.59
C TYR A 93 10.37 3.28 -4.33
N MET A 94 10.44 4.45 -3.71
CA MET A 94 11.07 5.60 -4.32
C MET A 94 12.59 5.55 -4.11
N GLY A 95 13.33 5.61 -5.21
CA GLY A 95 14.79 5.58 -5.14
C GLY A 95 15.33 4.28 -5.73
N GLN A 96 14.65 3.18 -5.44
CA GLN A 96 15.08 1.88 -5.95
C GLN A 96 14.91 1.81 -7.47
N GLY A 97 15.50 0.78 -8.08
CA GLY A 97 15.41 0.61 -9.52
C GLY A 97 15.34 -0.87 -9.89
N GLU A 98 16.35 -1.64 -9.46
CA GLU A 98 16.37 -3.07 -9.74
C GLU A 98 15.30 -3.78 -8.93
N GLN A 99 15.11 -3.35 -7.69
CA GLN A 99 14.11 -3.96 -6.82
C GLN A 99 12.72 -3.80 -7.43
N VAL A 100 12.47 -2.64 -8.02
CA VAL A 100 11.17 -2.37 -8.64
C VAL A 100 10.91 -3.36 -9.78
N ASP A 101 11.86 -3.41 -10.73
CA ASP A 101 11.72 -4.31 -11.86
C ASP A 101 11.28 -5.70 -11.40
N ASP A 102 11.78 -6.12 -10.25
CA ASP A 102 11.43 -7.42 -9.70
C ASP A 102 9.96 -7.46 -9.32
N VAL A 103 9.50 -6.39 -8.68
CA VAL A 103 8.10 -6.32 -8.26
C VAL A 103 7.18 -6.41 -9.47
N LEU A 104 7.36 -5.51 -10.43
CA LEU A 104 6.55 -5.52 -11.63
C LEU A 104 6.60 -6.88 -12.30
N GLU A 105 7.77 -7.50 -12.29
CA GLU A 105 7.95 -8.81 -12.90
C GLU A 105 6.98 -9.81 -12.29
N THR A 106 6.67 -9.62 -11.01
CA THR A 106 5.75 -10.52 -10.31
C THR A 106 4.31 -10.14 -10.63
N ILE A 107 3.97 -8.88 -10.38
CA ILE A 107 2.62 -8.40 -10.65
C ILE A 107 2.20 -8.75 -12.07
N SER A 108 3.18 -8.76 -12.97
CA SER A 108 2.90 -9.07 -14.38
C SER A 108 2.60 -10.56 -14.54
N ALA A 109 3.44 -11.40 -13.92
CA ALA A 109 3.25 -12.84 -14.02
C ALA A 109 1.86 -13.24 -13.52
N ILE A 110 1.54 -12.81 -12.30
CA ILE A 110 0.25 -13.14 -11.71
C ILE A 110 -0.87 -12.38 -12.43
N GLU A 111 -2.11 -12.79 -12.20
CA GLU A 111 -3.25 -12.14 -12.82
C GLU A 111 -3.08 -10.62 -12.83
N HIS A 112 -3.28 -10.02 -14.00
CA HIS A 112 -3.15 -8.57 -14.14
C HIS A 112 -4.28 -8.01 -15.00
N PRO A 113 -5.46 -7.90 -14.44
CA PRO A 113 -6.65 -7.37 -15.15
C PRO A 113 -6.59 -5.84 -15.31
N MET A 114 -6.84 -5.14 -14.21
CA MET A 114 -6.82 -3.68 -14.22
C MET A 114 -5.46 -3.16 -13.74
N THR A 115 -4.85 -3.90 -12.83
CA THR A 115 -3.55 -3.51 -12.29
C THR A 115 -2.57 -3.20 -13.42
N SER A 116 -2.84 -3.78 -14.60
CA SER A 116 -1.98 -3.56 -15.76
C SER A 116 -1.71 -2.07 -15.95
N ALA A 117 -2.78 -1.28 -15.86
CA ALA A 117 -2.66 0.17 -16.03
C ALA A 117 -1.56 0.73 -15.14
N ILE A 118 -1.61 0.38 -13.86
CA ILE A 118 -0.61 0.85 -12.90
C ILE A 118 0.77 0.33 -13.27
N GLU A 119 0.85 -0.95 -13.62
CA GLU A 119 2.11 -1.55 -13.99
C GLU A 119 2.89 -0.64 -14.95
N VAL A 120 2.15 0.08 -15.79
CA VAL A 120 2.76 0.98 -16.75
C VAL A 120 3.16 2.29 -16.06
N LEU A 121 2.26 2.81 -15.23
CA LEU A 121 2.53 4.05 -14.52
C LEU A 121 3.89 3.98 -13.82
N VAL A 122 4.00 3.07 -12.86
CA VAL A 122 5.25 2.91 -12.12
C VAL A 122 6.38 2.49 -13.06
N GLY A 123 6.12 1.48 -13.88
CA GLY A 123 7.11 0.99 -14.82
C GLY A 123 7.78 2.14 -15.56
N SER A 124 6.98 3.11 -15.98
CA SER A 124 7.51 4.27 -16.70
C SER A 124 8.28 5.18 -15.76
N CYS A 125 7.83 5.24 -14.51
CA CYS A 125 8.49 6.09 -13.51
C CYS A 125 9.79 5.45 -13.04
N ALA A 126 10.27 4.46 -13.80
CA ALA A 126 11.51 3.78 -13.43
C ALA A 126 12.73 4.61 -13.85
N TYR A 127 13.91 4.11 -13.54
CA TYR A 127 15.14 4.83 -13.89
C TYR A 127 15.52 4.58 -15.34
N THR A 128 15.51 3.31 -15.74
CA THR A 128 15.86 2.94 -17.11
C THR A 128 14.98 3.70 -18.10
N GLY A 129 15.60 4.17 -19.19
CA GLY A 129 14.86 4.91 -20.20
C GLY A 129 14.22 3.95 -21.21
N THR A 130 14.39 4.26 -22.50
CA THR A 130 13.83 3.42 -23.56
C THR A 130 14.80 2.31 -23.92
N GLY A 131 16.06 2.67 -24.14
CA GLY A 131 17.09 1.69 -24.49
C GLY A 131 18.46 2.33 -24.54
N ASP A 1 -23.46 8.91 6.41
CA ASP A 1 -22.86 10.28 6.38
C ASP A 1 -21.49 10.25 7.03
N THR A 2 -20.51 9.70 6.31
CA THR A 2 -19.16 9.61 6.84
C THR A 2 -19.13 8.87 8.17
N LYS A 3 -18.83 7.58 8.12
CA LYS A 3 -18.78 6.77 9.33
C LYS A 3 -17.83 7.39 10.35
N ILE A 4 -17.99 7.00 11.61
CA ILE A 4 -17.14 7.52 12.67
C ILE A 4 -15.69 7.12 12.44
N SER A 5 -15.48 6.24 11.45
CA SER A 5 -14.13 5.79 11.13
C SER A 5 -13.21 6.98 10.87
N SER A 6 -13.76 8.02 10.29
CA SER A 6 -12.98 9.23 9.99
C SER A 6 -12.22 9.68 11.22
N ALA A 7 -12.96 10.14 12.24
CA ALA A 7 -12.35 10.60 13.48
C ALA A 7 -11.47 9.51 14.09
N ALA A 8 -11.91 8.26 13.94
CA ALA A 8 -11.17 7.13 14.47
C ALA A 8 -9.75 7.11 13.90
N ILE A 9 -9.65 7.21 12.59
CA ILE A 9 -8.35 7.21 11.92
C ILE A 9 -7.54 8.44 12.33
N LEU A 10 -8.24 9.57 12.49
CA LEU A 10 -7.57 10.81 12.88
C LEU A 10 -6.74 10.58 14.14
N GLY A 11 -7.41 10.19 15.22
CA GLY A 11 -6.72 9.94 16.48
C GLY A 11 -5.52 9.03 16.26
N LEU A 12 -5.73 7.93 15.55
CA LEU A 12 -4.65 6.99 15.28
C LEU A 12 -3.69 7.59 14.26
N GLY A 13 -4.08 8.69 13.64
CA GLY A 13 -3.25 9.35 12.65
C GLY A 13 -2.03 10.00 13.29
N ILE A 14 -2.23 10.59 14.47
CA ILE A 14 -1.14 11.25 15.19
C ILE A 14 -0.43 10.26 16.10
N ALA A 15 -1.19 9.37 16.73
CA ALA A 15 -0.62 8.38 17.63
C ALA A 15 0.26 7.39 16.87
N PHE A 16 -0.12 7.12 15.63
CA PHE A 16 0.63 6.18 14.80
C PHE A 16 2.12 6.50 14.81
N ALA A 17 2.47 7.63 15.40
CA ALA A 17 3.88 8.04 15.46
C ALA A 17 4.75 6.87 15.96
N GLY A 18 4.19 6.10 16.89
CA GLY A 18 4.92 4.96 17.45
C GLY A 18 4.69 3.71 16.61
N SER A 19 3.76 3.81 15.65
CA SER A 19 3.44 2.68 14.78
C SER A 19 4.71 2.02 14.27
N LYS A 20 5.85 2.70 14.44
CA LYS A 20 7.12 2.17 13.98
C LYS A 20 7.59 1.05 14.90
N ASN A 21 6.63 0.30 15.44
CA ASN A 21 6.96 -0.81 16.34
C ASN A 21 6.67 -2.15 15.66
N ASP A 22 7.21 -3.22 16.22
CA ASP A 22 7.01 -4.55 15.64
C ASP A 22 5.63 -5.09 16.01
N GLU A 23 4.97 -4.42 16.96
CA GLU A 23 3.65 -4.84 17.39
C GLU A 23 2.59 -4.27 16.46
N VAL A 24 2.55 -2.96 16.34
CA VAL A 24 1.59 -2.29 15.49
C VAL A 24 1.75 -2.76 14.04
N LEU A 25 2.99 -3.02 13.64
CA LEU A 25 3.25 -3.49 12.29
C LEU A 25 2.67 -4.88 12.06
N GLY A 26 3.00 -5.81 12.96
CA GLY A 26 2.50 -7.18 12.84
C GLY A 26 0.99 -7.25 13.05
N LEU A 27 0.45 -6.22 13.72
CA LEU A 27 -0.99 -6.19 13.99
C LEU A 27 -1.76 -5.56 12.83
N LEU A 28 -1.41 -4.33 12.49
CA LEU A 28 -2.09 -3.62 11.42
C LEU A 28 -2.00 -4.38 10.10
N LEU A 29 -0.93 -5.16 9.94
CA LEU A 29 -0.76 -5.94 8.71
C LEU A 29 -1.95 -6.88 8.52
N PRO A 30 -2.10 -7.85 9.39
CA PRO A 30 -3.22 -8.81 9.30
C PRO A 30 -4.56 -8.09 9.10
N ILE A 31 -4.64 -6.87 9.62
CA ILE A 31 -5.86 -6.07 9.49
C ILE A 31 -5.85 -5.29 8.18
N ALA A 32 -4.64 -5.00 7.69
CA ALA A 32 -4.50 -4.25 6.45
C ALA A 32 -4.54 -5.18 5.25
N ALA A 33 -4.48 -6.48 5.50
CA ALA A 33 -4.51 -7.46 4.42
C ALA A 33 -5.93 -7.72 3.96
N SER A 34 -6.88 -6.98 4.53
CA SER A 34 -8.29 -7.13 4.16
C SER A 34 -8.63 -8.61 3.95
N THR A 35 -8.82 -9.33 5.05
CA THR A 35 -9.14 -10.75 4.97
C THR A 35 -10.62 -10.94 4.68
N ASP A 36 -11.47 -10.12 5.28
CA ASP A 36 -12.91 -10.21 5.08
C ASP A 36 -13.60 -8.92 5.49
N LEU A 37 -12.95 -7.79 5.22
CA LEU A 37 -13.53 -6.48 5.56
C LEU A 37 -13.29 -5.49 4.43
N PRO A 38 -14.18 -4.53 4.26
CA PRO A 38 -14.05 -3.51 3.18
C PRO A 38 -12.64 -2.94 3.10
N ILE A 39 -12.19 -2.67 1.87
CA ILE A 39 -10.86 -2.12 1.66
C ILE A 39 -10.82 -0.64 2.07
N GLU A 40 -11.99 -0.01 2.07
CA GLU A 40 -12.09 1.40 2.44
C GLU A 40 -11.28 1.67 3.70
N THR A 41 -11.41 0.80 4.69
CA THR A 41 -10.68 0.97 5.95
C THR A 41 -9.20 0.66 5.76
N ALA A 42 -8.91 -0.54 5.26
CA ALA A 42 -7.53 -0.94 5.03
C ALA A 42 -6.80 0.08 4.17
N ALA A 43 -7.56 0.88 3.43
CA ALA A 43 -6.97 1.90 2.56
C ALA A 43 -6.35 3.01 3.39
N MET A 44 -7.17 3.72 4.16
CA MET A 44 -6.68 4.80 5.00
C MET A 44 -5.57 4.31 5.92
N ALA A 45 -5.71 3.08 6.41
CA ALA A 45 -4.70 2.51 7.30
C ALA A 45 -3.37 2.33 6.57
N SER A 46 -3.44 1.86 5.33
CA SER A 46 -2.24 1.64 4.53
C SER A 46 -1.39 2.91 4.50
N LEU A 47 -1.99 3.99 4.01
CA LEU A 47 -1.28 5.27 3.93
C LEU A 47 -0.64 5.62 5.26
N ALA A 48 -1.40 5.48 6.33
CA ALA A 48 -0.90 5.78 7.67
C ALA A 48 0.41 5.03 7.93
N LEU A 49 0.49 3.81 7.40
CA LEU A 49 1.69 2.98 7.59
C LEU A 49 2.88 3.62 6.87
N ALA A 50 2.60 4.34 5.79
CA ALA A 50 3.66 4.99 5.03
C ALA A 50 4.14 6.26 5.74
N HIS A 51 3.20 7.05 6.25
CA HIS A 51 3.54 8.28 6.95
C HIS A 51 4.47 7.99 8.11
N VAL A 52 4.30 6.83 8.74
CA VAL A 52 5.13 6.45 9.86
C VAL A 52 6.47 5.89 9.37
N PHE A 53 6.39 4.96 8.42
CA PHE A 53 7.60 4.35 7.87
C PHE A 53 8.27 5.29 6.86
N VAL A 54 7.68 6.46 6.67
CA VAL A 54 8.23 7.44 5.73
C VAL A 54 9.72 7.64 5.99
N GLY A 55 10.20 7.12 7.11
CA GLY A 55 11.61 7.25 7.47
C GLY A 55 12.41 6.03 7.00
N THR A 56 11.82 4.85 7.18
CA THR A 56 12.48 3.61 6.77
C THR A 56 11.51 2.72 6.00
N CYS A 57 12.05 1.86 5.15
CA CYS A 57 11.22 0.95 4.36
C CYS A 57 11.26 -0.46 4.93
N ASN A 58 10.32 -1.29 4.50
CA ASN A 58 10.25 -2.66 4.97
C ASN A 58 9.52 -3.54 3.96
N GLY A 59 10.02 -4.76 3.77
CA GLY A 59 9.41 -5.67 2.81
C GLY A 59 8.07 -6.17 3.32
N ASP A 60 8.00 -6.47 4.61
CA ASP A 60 6.76 -6.96 5.21
C ASP A 60 5.57 -6.12 4.75
N ILE A 61 5.63 -4.82 5.01
CA ILE A 61 4.54 -3.93 4.62
C ILE A 61 4.05 -4.27 3.22
N THR A 62 4.94 -4.81 2.39
CA THR A 62 4.58 -5.17 1.03
C THR A 62 3.87 -6.52 1.00
N THR A 63 4.27 -7.42 1.89
CA THR A 63 3.65 -8.74 1.94
C THR A 63 2.14 -8.62 2.12
N SER A 64 1.72 -7.61 2.88
CA SER A 64 0.29 -7.38 3.11
C SER A 64 -0.33 -6.60 1.94
N ILE A 65 0.19 -5.41 1.69
CA ILE A 65 -0.30 -4.57 0.61
C ILE A 65 -0.47 -5.40 -0.66
N MET A 66 0.53 -6.21 -0.96
CA MET A 66 0.49 -7.04 -2.16
C MET A 66 -0.63 -8.09 -2.04
N ASP A 67 -0.71 -8.74 -0.88
CA ASP A 67 -1.75 -9.74 -0.66
C ASP A 67 -3.10 -9.23 -1.10
N ASN A 68 -3.38 -7.96 -0.79
CA ASN A 68 -4.64 -7.35 -1.16
C ASN A 68 -4.74 -7.22 -2.68
N PHE A 69 -3.73 -6.61 -3.28
CA PHE A 69 -3.71 -6.42 -4.73
C PHE A 69 -4.20 -7.69 -5.44
N LEU A 70 -3.94 -8.83 -4.83
CA LEU A 70 -4.37 -10.11 -5.41
C LEU A 70 -5.78 -10.45 -4.97
N GLU A 71 -6.10 -10.20 -3.71
CA GLU A 71 -7.42 -10.48 -3.17
C GLU A 71 -8.46 -9.59 -3.84
N ARG A 72 -8.24 -8.28 -3.77
CA ARG A 72 -9.17 -7.32 -4.37
C ARG A 72 -10.60 -7.65 -3.98
N THR A 73 -11.07 -7.05 -2.89
CA THR A 73 -12.42 -7.30 -2.42
C THR A 73 -13.44 -6.91 -3.48
N ALA A 74 -14.66 -7.39 -3.34
CA ALA A 74 -15.72 -7.08 -4.31
C ALA A 74 -15.72 -5.60 -4.65
N ILE A 75 -15.04 -4.80 -3.82
CA ILE A 75 -14.96 -3.37 -4.04
C ILE A 75 -14.48 -3.05 -5.46
N GLU A 76 -14.12 -4.10 -6.19
CA GLU A 76 -13.63 -3.92 -7.57
C GLU A 76 -14.67 -3.21 -8.43
N LEU A 77 -15.92 -3.16 -7.96
CA LEU A 77 -16.99 -2.51 -8.71
C LEU A 77 -16.80 -0.99 -8.70
N LYS A 78 -15.72 -0.53 -8.06
CA LYS A 78 -15.43 0.90 -7.99
C LYS A 78 -14.16 1.22 -8.76
N THR A 79 -13.92 2.51 -9.00
CA THR A 79 -12.73 2.93 -9.73
C THR A 79 -12.34 4.36 -9.34
N ASP A 80 -11.50 4.47 -8.32
CA ASP A 80 -11.05 5.78 -7.86
C ASP A 80 -9.99 5.65 -6.77
N TRP A 81 -10.22 4.73 -5.83
CA TRP A 81 -9.27 4.52 -4.74
C TRP A 81 -7.93 4.05 -5.28
N VAL A 82 -7.95 3.39 -6.43
CA VAL A 82 -6.73 2.90 -7.06
C VAL A 82 -5.67 3.99 -7.10
N ARG A 83 -6.10 5.24 -7.03
CA ARG A 83 -5.17 6.37 -7.06
C ARG A 83 -4.36 6.43 -5.77
N PHE A 84 -5.04 6.26 -4.64
CA PHE A 84 -4.36 6.29 -3.35
C PHE A 84 -3.56 5.02 -3.12
N LEU A 85 -4.23 3.88 -3.14
CA LEU A 85 -3.57 2.60 -2.94
C LEU A 85 -2.32 2.51 -3.81
N ALA A 86 -2.45 2.89 -5.07
CA ALA A 86 -1.32 2.83 -6.00
C ALA A 86 -0.22 3.80 -5.55
N LEU A 87 -0.62 5.03 -5.23
CA LEU A 87 0.34 6.03 -4.78
C LEU A 87 1.25 5.45 -3.71
N ALA A 88 0.65 4.97 -2.63
CA ALA A 88 1.42 4.39 -1.52
C ALA A 88 2.43 3.39 -2.07
N LEU A 89 2.00 2.54 -2.99
CA LEU A 89 2.87 1.53 -3.58
C LEU A 89 4.02 2.21 -4.33
N GLY A 90 3.84 3.50 -4.64
CA GLY A 90 4.86 4.25 -5.36
C GLY A 90 5.92 4.79 -4.39
N ILE A 91 5.48 5.57 -3.40
CA ILE A 91 6.40 6.13 -2.43
C ILE A 91 7.06 5.02 -1.61
N LEU A 92 6.29 3.98 -1.30
CA LEU A 92 6.81 2.87 -0.52
C LEU A 92 8.19 2.45 -1.02
N TYR A 93 8.28 2.18 -2.32
CA TYR A 93 9.57 1.78 -2.92
C TYR A 93 10.34 3.01 -3.37
N MET A 94 9.65 4.13 -3.52
CA MET A 94 10.29 5.37 -3.94
C MET A 94 10.93 5.20 -5.32
N GLY A 95 12.04 4.48 -5.36
CA GLY A 95 12.75 4.24 -6.62
C GLY A 95 14.16 3.72 -6.36
N GLN A 96 14.25 2.50 -5.85
CA GLN A 96 15.56 1.91 -5.56
C GLN A 96 16.24 1.48 -6.86
N GLY A 97 16.06 0.21 -7.22
CA GLY A 97 16.67 -0.31 -8.43
C GLY A 97 16.04 -1.64 -8.84
N GLU A 98 16.87 -2.65 -9.03
CA GLU A 98 16.39 -3.98 -9.41
C GLU A 98 15.20 -4.38 -8.56
N GLN A 99 15.06 -3.75 -7.39
CA GLN A 99 13.95 -4.05 -6.51
C GLN A 99 12.61 -3.87 -7.23
N VAL A 100 12.46 -2.72 -7.88
CA VAL A 100 11.23 -2.43 -8.60
C VAL A 100 10.97 -3.50 -9.66
N ASP A 101 11.96 -3.72 -10.52
CA ASP A 101 11.83 -4.72 -11.58
C ASP A 101 11.18 -5.99 -11.05
N ASP A 102 11.59 -6.40 -9.85
CA ASP A 102 11.04 -7.61 -9.24
C ASP A 102 9.54 -7.45 -9.02
N VAL A 103 9.14 -6.31 -8.48
CA VAL A 103 7.73 -6.04 -8.22
C VAL A 103 6.92 -6.18 -9.51
N LEU A 104 7.22 -5.34 -10.49
CA LEU A 104 6.51 -5.36 -11.76
C LEU A 104 6.39 -6.80 -12.26
N GLU A 105 7.50 -7.53 -12.25
CA GLU A 105 7.50 -8.91 -12.71
C GLU A 105 6.32 -9.67 -12.10
N THR A 106 6.03 -9.39 -10.83
CA THR A 106 4.93 -10.04 -10.14
C THR A 106 3.60 -9.60 -10.72
N ILE A 107 3.45 -8.30 -10.95
CA ILE A 107 2.23 -7.76 -11.51
C ILE A 107 2.01 -8.25 -12.94
N SER A 108 3.11 -8.50 -13.64
CA SER A 108 3.03 -8.98 -15.02
C SER A 108 2.74 -10.48 -15.05
N ALA A 109 2.92 -11.13 -13.90
CA ALA A 109 2.67 -12.56 -13.81
C ALA A 109 1.17 -12.84 -13.68
N ILE A 110 0.56 -12.27 -12.65
CA ILE A 110 -0.87 -12.46 -12.43
C ILE A 110 -1.68 -11.67 -13.45
N GLU A 111 -3.00 -11.61 -13.24
CA GLU A 111 -3.88 -10.89 -14.14
C GLU A 111 -3.65 -9.38 -14.03
N HIS A 112 -3.46 -8.74 -15.19
CA HIS A 112 -3.22 -7.30 -15.21
C HIS A 112 -4.03 -6.64 -16.32
N PRO A 113 -5.31 -6.46 -16.12
CA PRO A 113 -6.21 -5.84 -17.12
C PRO A 113 -6.01 -4.32 -17.18
N MET A 114 -6.52 -3.62 -16.17
CA MET A 114 -6.40 -2.17 -16.13
C MET A 114 -5.14 -1.76 -15.37
N THR A 115 -4.62 -2.69 -14.58
CA THR A 115 -3.41 -2.42 -13.81
C THR A 115 -2.28 -1.92 -14.71
N SER A 116 -2.36 -2.29 -15.99
CA SER A 116 -1.33 -1.89 -16.95
C SER A 116 -1.01 -0.40 -16.78
N ALA A 117 -1.97 0.36 -16.27
CA ALA A 117 -1.78 1.79 -16.07
C ALA A 117 -0.76 2.04 -14.97
N ILE A 118 -0.89 1.32 -13.87
CA ILE A 118 0.03 1.48 -12.75
C ILE A 118 1.37 0.85 -13.09
N GLU A 119 1.34 -0.19 -13.93
CA GLU A 119 2.57 -0.87 -14.32
C GLU A 119 3.53 0.11 -15.00
N VAL A 120 2.96 1.01 -15.79
CA VAL A 120 3.78 1.99 -16.50
C VAL A 120 4.23 3.10 -15.54
N LEU A 121 3.34 3.46 -14.61
CA LEU A 121 3.66 4.50 -13.65
C LEU A 121 4.88 4.12 -12.80
N VAL A 122 4.73 3.04 -12.02
CA VAL A 122 5.83 2.58 -11.18
C VAL A 122 7.09 2.35 -12.02
N GLY A 123 6.95 1.57 -13.08
CA GLY A 123 8.09 1.29 -13.95
C GLY A 123 8.85 2.57 -14.29
N SER A 124 8.14 3.55 -14.85
CA SER A 124 8.75 4.81 -15.22
C SER A 124 9.31 5.51 -13.99
N CYS A 125 8.79 5.15 -12.82
CA CYS A 125 9.25 5.74 -11.57
C CYS A 125 10.22 4.81 -10.86
N ALA A 126 11.47 4.84 -11.29
CA ALA A 126 12.50 3.99 -10.69
C ALA A 126 13.89 4.49 -11.06
N TYR A 127 14.60 3.70 -11.87
CA TYR A 127 15.94 4.08 -12.30
C TYR A 127 15.92 5.43 -13.00
N THR A 128 16.32 6.48 -12.27
CA THR A 128 16.34 7.83 -12.83
C THR A 128 17.38 8.67 -12.12
N GLY A 129 18.24 9.34 -12.90
CA GLY A 129 19.27 10.19 -12.34
C GLY A 129 19.74 11.22 -13.37
N THR A 130 20.79 11.96 -13.01
CA THR A 130 21.34 12.98 -13.90
C THR A 130 22.71 13.43 -13.43
N GLY A 131 22.84 13.67 -12.12
CA GLY A 131 24.11 14.10 -11.55
C GLY A 131 24.63 15.35 -12.26
N ASP A 1 -21.98 14.63 4.37
CA ASP A 1 -20.49 14.61 4.44
C ASP A 1 -20.05 14.21 5.84
N THR A 2 -19.45 13.03 5.95
CA THR A 2 -18.98 12.54 7.25
C THR A 2 -17.75 11.68 7.08
N LYS A 3 -16.61 12.18 7.55
CA LYS A 3 -15.34 11.45 7.44
C LYS A 3 -14.59 11.50 8.77
N ILE A 4 -15.26 11.12 9.84
CA ILE A 4 -14.63 11.12 11.16
C ILE A 4 -13.45 10.15 11.19
N SER A 5 -13.50 9.14 10.33
CA SER A 5 -12.43 8.15 10.27
C SER A 5 -11.09 8.82 10.01
N SER A 6 -11.11 9.91 9.24
CA SER A 6 -9.88 10.63 8.92
C SER A 6 -9.23 11.16 10.20
N ALA A 7 -10.03 11.84 11.03
CA ALA A 7 -9.52 12.39 12.27
C ALA A 7 -8.96 11.29 13.16
N ALA A 8 -9.56 10.11 13.09
CA ALA A 8 -9.11 8.98 13.89
C ALA A 8 -7.80 8.42 13.34
N ILE A 9 -7.75 8.23 12.03
CA ILE A 9 -6.53 7.71 11.40
C ILE A 9 -5.37 8.66 11.61
N LEU A 10 -5.67 9.96 11.64
CA LEU A 10 -4.63 10.96 11.84
C LEU A 10 -4.08 10.88 13.26
N GLY A 11 -4.91 11.22 14.23
CA GLY A 11 -4.48 11.17 15.64
C GLY A 11 -3.78 9.85 15.93
N LEU A 12 -4.27 8.78 15.30
CA LEU A 12 -3.67 7.46 15.49
C LEU A 12 -2.52 7.26 14.51
N GLY A 13 -2.45 8.13 13.49
CA GLY A 13 -1.39 8.04 12.50
C GLY A 13 -0.10 8.63 13.03
N ILE A 14 -0.17 9.25 14.21
CA ILE A 14 1.01 9.86 14.82
C ILE A 14 1.29 9.21 16.17
N ALA A 15 0.26 8.62 16.77
CA ALA A 15 0.41 7.96 18.07
C ALA A 15 1.01 6.57 17.92
N PHE A 16 0.35 5.73 17.13
CA PHE A 16 0.82 4.37 16.91
C PHE A 16 2.23 4.37 16.33
N ALA A 17 2.84 5.56 16.24
CA ALA A 17 4.19 5.68 15.71
C ALA A 17 5.08 4.55 16.23
N GLY A 18 4.62 3.87 17.28
CA GLY A 18 5.37 2.76 17.85
C GLY A 18 5.75 1.74 16.78
N SER A 19 5.31 2.01 15.55
CA SER A 19 5.58 1.12 14.42
C SER A 19 6.99 0.53 14.51
N LYS A 20 7.84 1.12 15.34
CA LYS A 20 9.19 0.62 15.50
C LYS A 20 9.18 -0.64 16.37
N ASN A 21 8.04 -1.33 16.35
CA ASN A 21 7.88 -2.56 17.13
C ASN A 21 7.03 -3.56 16.35
N ASP A 22 7.61 -4.73 16.08
CA ASP A 22 6.91 -5.78 15.35
C ASP A 22 5.53 -6.04 15.95
N GLU A 23 5.23 -5.39 17.08
CA GLU A 23 3.95 -5.59 17.73
C GLU A 23 2.88 -4.73 17.08
N VAL A 24 3.22 -3.47 16.81
CA VAL A 24 2.27 -2.56 16.18
C VAL A 24 1.95 -3.00 14.75
N LEU A 25 2.98 -3.03 13.91
CA LEU A 25 2.79 -3.44 12.52
C LEU A 25 2.38 -4.91 12.44
N GLY A 26 2.69 -5.67 13.48
CA GLY A 26 2.35 -7.09 13.50
C GLY A 26 0.84 -7.29 13.49
N LEU A 27 0.13 -6.50 14.30
CA LEU A 27 -1.33 -6.60 14.36
C LEU A 27 -1.98 -5.72 13.29
N LEU A 28 -1.43 -4.54 13.08
CA LEU A 28 -1.97 -3.62 12.10
C LEU A 28 -2.06 -4.28 10.72
N LEU A 29 -1.23 -5.30 10.49
CA LEU A 29 -1.24 -5.99 9.21
C LEU A 29 -2.53 -6.78 9.03
N PRO A 30 -2.75 -7.80 9.83
CA PRO A 30 -3.98 -8.63 9.74
C PRO A 30 -5.22 -7.76 9.62
N ILE A 31 -5.16 -6.56 10.19
CA ILE A 31 -6.29 -5.63 10.14
C ILE A 31 -6.27 -4.85 8.82
N ALA A 32 -5.07 -4.45 8.41
CA ALA A 32 -4.92 -3.68 7.17
C ALA A 32 -4.85 -4.61 5.97
N ALA A 33 -4.69 -5.91 6.22
CA ALA A 33 -4.61 -6.88 5.15
C ALA A 33 -6.00 -7.27 4.65
N SER A 34 -6.99 -6.49 5.05
CA SER A 34 -8.37 -6.75 4.62
C SER A 34 -8.66 -8.25 4.66
N THR A 35 -8.62 -8.82 5.86
CA THR A 35 -8.87 -10.25 6.02
C THR A 35 -10.37 -10.54 5.96
N ASP A 36 -11.17 -9.57 6.41
CA ASP A 36 -12.62 -9.75 6.41
C ASP A 36 -13.32 -8.43 6.76
N LEU A 37 -12.84 -7.34 6.16
CA LEU A 37 -13.44 -6.02 6.42
C LEU A 37 -13.25 -5.12 5.20
N PRO A 38 -14.14 -4.18 4.99
CA PRO A 38 -14.06 -3.24 3.84
C PRO A 38 -12.64 -2.71 3.63
N ILE A 39 -12.27 -2.49 2.37
CA ILE A 39 -10.93 -1.99 2.06
C ILE A 39 -10.82 -0.52 2.42
N GLU A 40 -11.94 0.20 2.34
CA GLU A 40 -11.95 1.63 2.66
C GLU A 40 -11.09 1.91 3.90
N THR A 41 -11.07 0.95 4.82
CA THR A 41 -10.29 1.11 6.04
C THR A 41 -8.84 0.70 5.82
N ALA A 42 -8.64 -0.31 4.97
CA ALA A 42 -7.29 -0.79 4.67
C ALA A 42 -6.51 0.27 3.90
N ALA A 43 -7.17 0.93 2.97
CA ALA A 43 -6.52 1.97 2.16
C ALA A 43 -5.95 3.05 3.05
N MET A 44 -6.75 3.52 4.01
CA MET A 44 -6.31 4.57 4.92
C MET A 44 -5.27 4.02 5.90
N ALA A 45 -5.55 2.86 6.47
CA ALA A 45 -4.63 2.25 7.42
C ALA A 45 -3.31 1.92 6.75
N SER A 46 -3.35 1.68 5.45
CA SER A 46 -2.14 1.36 4.69
C SER A 46 -1.30 2.62 4.46
N LEU A 47 -1.98 3.70 4.06
CA LEU A 47 -1.28 4.95 3.79
C LEU A 47 -0.51 5.40 5.02
N ALA A 48 -1.18 5.44 6.16
CA ALA A 48 -0.54 5.86 7.41
C ALA A 48 0.66 4.96 7.72
N LEU A 49 0.50 3.67 7.47
CA LEU A 49 1.57 2.72 7.72
C LEU A 49 2.78 3.01 6.82
N ALA A 50 2.53 3.71 5.71
CA ALA A 50 3.60 4.05 4.78
C ALA A 50 4.33 5.32 5.24
N HIS A 51 3.57 6.28 5.76
CA HIS A 51 4.16 7.53 6.22
C HIS A 51 4.79 7.37 7.60
N VAL A 52 4.43 6.29 8.29
CA VAL A 52 4.96 6.04 9.62
C VAL A 52 6.27 5.25 9.54
N PHE A 53 6.35 4.36 8.54
CA PHE A 53 7.55 3.54 8.34
C PHE A 53 8.46 4.17 7.28
N VAL A 54 8.02 5.29 6.73
CA VAL A 54 8.81 5.96 5.70
C VAL A 54 10.25 6.14 6.15
N GLY A 55 10.47 6.03 7.46
CA GLY A 55 11.82 6.18 8.02
C GLY A 55 12.65 4.93 7.73
N THR A 56 12.23 3.80 8.27
CA THR A 56 12.95 2.55 8.07
C THR A 56 12.33 1.75 6.92
N CYS A 57 12.93 0.61 6.60
CA CYS A 57 12.44 -0.23 5.52
C CYS A 57 11.91 -1.54 6.08
N ASN A 58 11.02 -2.18 5.32
CA ASN A 58 10.43 -3.45 5.75
C ASN A 58 9.59 -4.05 4.63
N GLY A 59 9.90 -5.29 4.27
CA GLY A 59 9.17 -5.97 3.22
C GLY A 59 7.84 -6.51 3.73
N ASP A 60 7.81 -6.93 4.99
CA ASP A 60 6.59 -7.47 5.59
C ASP A 60 5.38 -6.60 5.22
N ILE A 61 5.60 -5.29 5.16
CA ILE A 61 4.52 -4.37 4.83
C ILE A 61 4.05 -4.61 3.40
N THR A 62 5.00 -4.85 2.49
CA THR A 62 4.67 -5.09 1.09
C THR A 62 3.92 -6.40 0.94
N THR A 63 4.24 -7.36 1.80
CA THR A 63 3.60 -8.67 1.75
C THR A 63 2.11 -8.54 2.02
N SER A 64 1.74 -7.65 2.95
CA SER A 64 0.35 -7.43 3.29
C SER A 64 -0.33 -6.58 2.21
N ILE A 65 0.21 -5.40 1.98
CA ILE A 65 -0.34 -4.49 0.97
C ILE A 65 -0.54 -5.23 -0.36
N MET A 66 0.43 -6.06 -0.72
CA MET A 66 0.34 -6.81 -1.96
C MET A 66 -0.74 -7.88 -1.86
N ASP A 67 -0.89 -8.47 -0.68
CA ASP A 67 -1.89 -9.50 -0.47
C ASP A 67 -3.26 -9.01 -0.92
N ASN A 68 -3.71 -7.91 -0.33
CA ASN A 68 -5.01 -7.35 -0.68
C ASN A 68 -5.07 -7.05 -2.18
N PHE A 69 -3.97 -6.52 -2.71
CA PHE A 69 -3.90 -6.19 -4.12
C PHE A 69 -4.23 -7.42 -4.97
N LEU A 70 -3.47 -8.50 -4.75
CA LEU A 70 -3.69 -9.73 -5.50
C LEU A 70 -5.16 -10.11 -5.50
N GLU A 71 -5.88 -9.73 -4.45
CA GLU A 71 -7.30 -10.04 -4.36
C GLU A 71 -8.13 -9.00 -5.12
N ARG A 72 -7.96 -7.74 -4.75
CA ARG A 72 -8.68 -6.64 -5.39
C ARG A 72 -10.05 -7.11 -5.89
N THR A 73 -10.98 -7.26 -4.96
CA THR A 73 -12.34 -7.69 -5.32
C THR A 73 -13.06 -6.60 -6.08
N ALA A 74 -14.08 -7.00 -6.84
CA ALA A 74 -14.87 -6.04 -7.61
C ALA A 74 -15.14 -4.79 -6.79
N ILE A 75 -14.98 -4.92 -5.48
CA ILE A 75 -15.19 -3.82 -4.56
C ILE A 75 -14.37 -2.61 -5.01
N GLU A 76 -13.48 -2.83 -5.97
CA GLU A 76 -12.64 -1.75 -6.49
C GLU A 76 -13.44 -0.79 -7.35
N LEU A 77 -14.63 -1.22 -7.78
CA LEU A 77 -15.48 -0.38 -8.61
C LEU A 77 -15.50 1.06 -8.10
N LYS A 78 -15.08 1.25 -6.86
CA LYS A 78 -15.07 2.58 -6.26
C LYS A 78 -13.91 3.40 -6.82
N THR A 79 -14.18 4.67 -7.14
CA THR A 79 -13.16 5.55 -7.68
C THR A 79 -12.29 6.13 -6.57
N ASP A 80 -11.26 6.86 -6.96
CA ASP A 80 -10.36 7.49 -5.99
C ASP A 80 -9.66 6.43 -5.15
N TRP A 81 -9.93 5.16 -5.46
CA TRP A 81 -9.31 4.06 -4.71
C TRP A 81 -7.90 3.79 -5.23
N VAL A 82 -7.77 3.65 -6.54
CA VAL A 82 -6.47 3.40 -7.15
C VAL A 82 -5.52 4.57 -6.91
N ARG A 83 -6.08 5.76 -6.77
CA ARG A 83 -5.26 6.95 -6.55
C ARG A 83 -4.51 6.84 -5.22
N PHE A 84 -5.26 6.62 -4.14
CA PHE A 84 -4.64 6.49 -2.82
C PHE A 84 -3.68 5.32 -2.79
N LEU A 85 -4.11 4.18 -3.34
CA LEU A 85 -3.28 2.99 -3.37
C LEU A 85 -1.98 3.27 -4.14
N ALA A 86 -2.07 4.12 -5.14
CA ALA A 86 -0.89 4.46 -5.95
C ALA A 86 0.13 5.22 -5.10
N LEU A 87 -0.32 6.29 -4.46
CA LEU A 87 0.57 7.09 -3.63
C LEU A 87 1.25 6.21 -2.58
N ALA A 88 0.47 5.34 -1.95
CA ALA A 88 1.01 4.45 -0.92
C ALA A 88 2.20 3.67 -1.48
N LEU A 89 2.00 3.04 -2.63
CA LEU A 89 3.07 2.25 -3.24
C LEU A 89 4.15 3.18 -3.79
N GLY A 90 3.84 4.46 -3.90
CA GLY A 90 4.79 5.44 -4.41
C GLY A 90 5.75 5.90 -3.32
N ILE A 91 5.18 6.26 -2.17
CA ILE A 91 6.00 6.71 -1.04
C ILE A 91 6.69 5.53 -0.37
N LEU A 92 6.08 4.36 -0.49
CA LEU A 92 6.66 3.15 0.11
C LEU A 92 7.94 2.77 -0.60
N TYR A 93 7.89 2.74 -1.93
CA TYR A 93 9.06 2.39 -2.74
C TYR A 93 9.82 3.66 -3.13
N MET A 94 9.65 4.72 -2.35
CA MET A 94 10.33 5.97 -2.63
C MET A 94 11.83 5.74 -2.85
N GLY A 95 12.33 6.20 -3.98
CA GLY A 95 13.75 6.02 -4.31
C GLY A 95 14.17 4.57 -4.18
N GLN A 96 13.90 3.78 -5.23
CA GLN A 96 14.25 2.36 -5.22
C GLN A 96 15.11 2.04 -6.44
N GLY A 97 15.31 0.74 -6.69
CA GLY A 97 16.11 0.31 -7.83
C GLY A 97 15.56 -1.00 -8.42
N GLU A 98 16.46 -1.94 -8.67
CA GLU A 98 16.05 -3.23 -9.23
C GLU A 98 14.86 -3.79 -8.46
N GLN A 99 14.65 -3.28 -7.26
CA GLN A 99 13.53 -3.75 -6.44
C GLN A 99 12.21 -3.58 -7.19
N VAL A 100 12.12 -2.51 -7.96
CA VAL A 100 10.91 -2.23 -8.74
C VAL A 100 10.73 -3.25 -9.85
N ASP A 101 11.81 -3.49 -10.60
CA ASP A 101 11.76 -4.44 -11.70
C ASP A 101 11.17 -5.77 -11.23
N ASP A 102 11.54 -6.18 -10.03
CA ASP A 102 11.04 -7.44 -9.47
C ASP A 102 9.53 -7.37 -9.24
N VAL A 103 9.08 -6.30 -8.57
CA VAL A 103 7.67 -6.13 -8.29
C VAL A 103 6.86 -6.13 -9.58
N LEU A 104 7.38 -5.47 -10.60
CA LEU A 104 6.69 -5.40 -11.89
C LEU A 104 6.52 -6.79 -12.49
N GLU A 105 7.63 -7.52 -12.63
CA GLU A 105 7.58 -8.86 -13.19
C GLU A 105 6.43 -9.66 -12.58
N THR A 106 6.40 -9.74 -11.26
CA THR A 106 5.35 -10.47 -10.57
C THR A 106 3.97 -9.99 -11.03
N ILE A 107 3.77 -8.69 -11.01
CA ILE A 107 2.50 -8.11 -11.44
C ILE A 107 2.24 -8.41 -12.91
N SER A 108 3.30 -8.53 -13.68
CA SER A 108 3.18 -8.82 -15.11
C SER A 108 2.96 -10.31 -15.35
N ALA A 109 3.35 -11.12 -14.37
CA ALA A 109 3.20 -12.57 -14.48
C ALA A 109 1.73 -12.96 -14.38
N ILE A 110 1.08 -12.52 -13.31
CA ILE A 110 -0.33 -12.82 -13.10
C ILE A 110 -1.19 -12.18 -14.19
N GLU A 111 -2.24 -12.89 -14.59
CA GLU A 111 -3.14 -12.39 -15.63
C GLU A 111 -3.86 -11.14 -15.16
N HIS A 112 -3.25 -9.98 -15.36
CA HIS A 112 -3.85 -8.72 -14.95
C HIS A 112 -3.68 -7.66 -16.04
N PRO A 113 -4.54 -7.66 -17.01
CA PRO A 113 -4.49 -6.67 -18.14
C PRO A 113 -4.92 -5.28 -17.69
N MET A 114 -5.63 -5.21 -16.58
CA MET A 114 -6.08 -3.92 -16.05
C MET A 114 -4.94 -3.23 -15.31
N THR A 115 -4.42 -3.89 -14.28
CA THR A 115 -3.32 -3.33 -13.51
C THR A 115 -2.23 -2.80 -14.42
N SER A 116 -2.18 -3.33 -15.65
CA SER A 116 -1.18 -2.92 -16.61
C SER A 116 -1.04 -1.40 -16.63
N ALA A 117 -2.07 -0.72 -16.15
CA ALA A 117 -2.05 0.75 -16.10
C ALA A 117 -0.97 1.24 -15.15
N ILE A 118 -0.82 0.56 -14.02
CA ILE A 118 0.19 0.95 -13.05
C ILE A 118 1.57 0.45 -13.46
N GLU A 119 1.59 -0.64 -14.24
CA GLU A 119 2.85 -1.20 -14.71
C GLU A 119 3.53 -0.25 -15.70
N VAL A 120 2.79 0.15 -16.73
CA VAL A 120 3.32 1.05 -17.74
C VAL A 120 3.65 2.41 -17.12
N LEU A 121 2.89 2.78 -16.09
CA LEU A 121 3.11 4.06 -15.41
C LEU A 121 4.37 3.99 -14.56
N VAL A 122 4.31 3.23 -13.46
CA VAL A 122 5.45 3.10 -12.58
C VAL A 122 6.64 2.50 -13.32
N GLY A 123 6.39 1.93 -14.50
CA GLY A 123 7.44 1.32 -15.30
C GLY A 123 8.22 2.39 -16.06
N SER A 124 7.63 2.90 -17.13
CA SER A 124 8.29 3.93 -17.93
C SER A 124 8.82 5.05 -17.03
N CYS A 125 8.12 5.30 -15.93
CA CYS A 125 8.51 6.35 -15.00
C CYS A 125 9.46 5.79 -13.95
N ALA A 126 10.47 5.04 -14.39
CA ALA A 126 11.43 4.45 -13.47
C ALA A 126 12.65 3.93 -14.23
N TYR A 127 12.62 2.65 -14.58
CA TYR A 127 13.72 2.03 -15.30
C TYR A 127 13.51 2.18 -16.80
N THR A 128 14.62 2.17 -17.55
CA THR A 128 14.56 2.29 -19.01
C THR A 128 15.14 1.05 -19.68
N GLY A 129 15.80 0.21 -18.89
CA GLY A 129 16.40 -1.01 -19.42
C GLY A 129 17.79 -0.72 -19.99
N THR A 130 18.35 -1.72 -20.67
CA THR A 130 19.68 -1.57 -21.27
C THR A 130 19.59 -0.79 -22.58
N GLY A 131 20.71 -0.73 -23.29
CA GLY A 131 20.75 -0.02 -24.56
C GLY A 131 22.16 -0.04 -25.16
N ASP A 1 -22.26 14.83 10.64
CA ASP A 1 -21.79 15.24 11.99
C ASP A 1 -20.73 14.25 12.48
N THR A 2 -20.92 12.98 12.16
CA THR A 2 -19.98 11.94 12.57
C THR A 2 -18.79 11.89 11.62
N LYS A 3 -17.58 11.92 12.17
CA LYS A 3 -16.37 11.86 11.35
C LYS A 3 -15.18 11.44 12.20
N ILE A 4 -15.45 11.03 13.43
CA ILE A 4 -14.39 10.60 14.34
C ILE A 4 -13.47 9.61 13.64
N SER A 5 -13.97 8.97 12.59
CA SER A 5 -13.18 8.00 11.85
C SER A 5 -11.82 8.59 11.49
N SER A 6 -11.83 9.81 10.95
CA SER A 6 -10.59 10.48 10.56
C SER A 6 -9.69 10.67 11.77
N ALA A 7 -10.14 11.48 12.72
CA ALA A 7 -9.37 11.75 13.93
C ALA A 7 -8.82 10.47 14.51
N ALA A 8 -9.43 9.34 14.16
CA ALA A 8 -8.99 8.04 14.66
C ALA A 8 -7.68 7.63 14.00
N ILE A 9 -7.63 7.70 12.67
CA ILE A 9 -6.43 7.34 11.93
C ILE A 9 -5.25 8.19 12.39
N LEU A 10 -5.49 9.48 12.60
CA LEU A 10 -4.43 10.39 13.02
C LEU A 10 -3.89 9.97 14.39
N GLY A 11 -4.73 10.10 15.41
CA GLY A 11 -4.33 9.73 16.77
C GLY A 11 -3.55 8.43 16.77
N LEU A 12 -4.24 7.33 16.53
CA LEU A 12 -3.60 6.01 16.50
C LEU A 12 -2.29 6.08 15.73
N GLY A 13 -2.31 6.79 14.60
CA GLY A 13 -1.12 6.91 13.76
C GLY A 13 0.10 7.31 14.58
N ILE A 14 0.06 8.53 15.12
CA ILE A 14 1.18 9.03 15.91
C ILE A 14 1.37 8.22 17.19
N ALA A 15 0.40 7.36 17.50
CA ALA A 15 0.49 6.55 18.70
C ALA A 15 1.58 5.49 18.57
N PHE A 16 1.58 4.78 17.45
CA PHE A 16 2.59 3.74 17.22
C PHE A 16 3.98 4.30 17.49
N ALA A 17 4.21 5.53 17.05
CA ALA A 17 5.49 6.19 17.24
C ALA A 17 5.96 6.09 18.69
N GLY A 18 5.13 5.52 19.54
CA GLY A 18 5.46 5.39 20.96
C GLY A 18 6.89 4.90 21.16
N SER A 19 7.26 3.78 20.55
CA SER A 19 8.63 3.27 20.72
C SER A 19 9.24 2.80 19.39
N LYS A 20 8.69 1.72 18.83
CA LYS A 20 9.22 1.19 17.57
C LYS A 20 8.15 1.18 16.48
N ASN A 21 6.89 1.06 16.87
CA ASN A 21 5.80 1.03 15.92
C ASN A 21 5.78 -0.30 15.15
N ASP A 22 6.68 -1.21 15.53
CA ASP A 22 6.76 -2.51 14.86
C ASP A 22 5.66 -3.45 15.35
N GLU A 23 5.28 -3.31 16.62
CA GLU A 23 4.24 -4.15 17.18
C GLU A 23 2.92 -3.86 16.50
N VAL A 24 2.61 -2.58 16.37
CA VAL A 24 1.38 -2.15 15.73
C VAL A 24 1.30 -2.73 14.33
N LEU A 25 2.40 -2.59 13.58
CA LEU A 25 2.45 -3.10 12.21
C LEU A 25 2.11 -4.59 12.20
N GLY A 26 2.37 -5.26 13.32
CA GLY A 26 2.10 -6.69 13.43
C GLY A 26 0.59 -6.97 13.42
N LEU A 27 -0.16 -6.18 14.17
CA LEU A 27 -1.61 -6.37 14.25
C LEU A 27 -2.33 -5.62 13.13
N LEU A 28 -2.00 -4.34 12.97
CA LEU A 28 -2.63 -3.52 11.95
C LEU A 28 -2.53 -4.18 10.57
N LEU A 29 -1.51 -5.00 10.36
CA LEU A 29 -1.33 -5.66 9.08
C LEU A 29 -2.48 -6.63 8.81
N PRO A 30 -2.59 -7.69 9.57
CA PRO A 30 -3.69 -8.68 9.39
C PRO A 30 -5.04 -8.00 9.20
N ILE A 31 -5.21 -6.85 9.85
CA ILE A 31 -6.45 -6.10 9.75
C ILE A 31 -6.44 -5.19 8.53
N ALA A 32 -5.26 -4.74 8.14
CA ALA A 32 -5.12 -3.87 6.98
C ALA A 32 -5.05 -4.69 5.69
N ALA A 33 -4.90 -6.00 5.83
CA ALA A 33 -4.83 -6.88 4.67
C ALA A 33 -6.22 -7.21 4.14
N SER A 34 -7.22 -6.46 4.62
CA SER A 34 -8.59 -6.68 4.19
C SER A 34 -8.90 -8.17 4.08
N THR A 35 -9.05 -8.82 5.24
CA THR A 35 -9.33 -10.24 5.28
C THR A 35 -10.84 -10.49 5.18
N ASP A 36 -11.62 -9.59 5.75
CA ASP A 36 -13.08 -9.73 5.73
C ASP A 36 -13.75 -8.39 5.96
N LEU A 37 -13.01 -7.30 5.76
CA LEU A 37 -13.55 -5.95 5.95
C LEU A 37 -13.26 -5.09 4.72
N PRO A 38 -14.07 -4.10 4.47
CA PRO A 38 -13.89 -3.19 3.31
C PRO A 38 -12.43 -2.77 3.13
N ILE A 39 -12.04 -2.53 1.88
CA ILE A 39 -10.68 -2.12 1.59
C ILE A 39 -10.45 -0.67 2.00
N GLU A 40 -11.55 0.07 2.18
CA GLU A 40 -11.46 1.46 2.58
C GLU A 40 -10.75 1.60 3.92
N THR A 41 -11.35 1.02 4.96
CA THR A 41 -10.76 1.09 6.29
C THR A 41 -9.30 0.63 6.25
N ALA A 42 -9.05 -0.45 5.52
CA ALA A 42 -7.70 -0.97 5.40
C ALA A 42 -6.78 0.06 4.74
N ALA A 43 -7.20 0.57 3.60
CA ALA A 43 -6.41 1.56 2.89
C ALA A 43 -5.90 2.64 3.84
N MET A 44 -6.83 3.24 4.58
CA MET A 44 -6.47 4.28 5.53
C MET A 44 -5.36 3.80 6.45
N ALA A 45 -5.43 2.54 6.86
CA ALA A 45 -4.41 1.97 7.74
C ALA A 45 -3.08 1.84 7.00
N SER A 46 -3.11 1.20 5.85
CA SER A 46 -1.89 1.01 5.05
C SER A 46 -1.21 2.35 4.81
N LEU A 47 -2.01 3.39 4.57
CA LEU A 47 -1.48 4.71 4.32
C LEU A 47 -0.87 5.31 5.59
N ALA A 48 -1.60 5.19 6.70
CA ALA A 48 -1.12 5.71 7.97
C ALA A 48 0.25 5.13 8.31
N LEU A 49 0.41 3.83 8.13
CA LEU A 49 1.68 3.17 8.42
C LEU A 49 2.79 3.79 7.58
N ALA A 50 2.60 3.83 6.26
CA ALA A 50 3.60 4.39 5.38
C ALA A 50 4.16 5.70 5.94
N HIS A 51 3.30 6.47 6.60
CA HIS A 51 3.72 7.74 7.18
C HIS A 51 4.55 7.51 8.44
N VAL A 52 4.32 6.37 9.09
CA VAL A 52 5.05 6.03 10.31
C VAL A 52 6.38 5.36 9.97
N PHE A 53 6.38 4.57 8.90
CA PHE A 53 7.60 3.87 8.49
C PHE A 53 8.39 4.73 7.50
N VAL A 54 7.88 5.91 7.20
CA VAL A 54 8.57 6.80 6.27
C VAL A 54 10.03 6.95 6.67
N GLY A 55 10.37 6.49 7.86
CA GLY A 55 11.75 6.56 8.35
C GLY A 55 12.37 5.18 8.44
N THR A 56 11.62 4.23 9.03
CA THR A 56 12.12 2.86 9.16
C THR A 56 11.83 2.07 7.89
N CYS A 57 12.28 0.82 7.88
CA CYS A 57 12.06 -0.05 6.71
C CYS A 57 11.33 -1.32 7.13
N ASN A 58 10.86 -2.07 6.14
CA ASN A 58 10.15 -3.32 6.41
C ASN A 58 9.49 -3.84 5.13
N GLY A 59 9.87 -5.04 4.71
CA GLY A 59 9.31 -5.63 3.51
C GLY A 59 7.91 -6.18 3.76
N ASP A 60 7.67 -6.63 4.99
CA ASP A 60 6.37 -7.17 5.35
C ASP A 60 5.25 -6.23 4.91
N ILE A 61 5.54 -4.93 4.91
CA ILE A 61 4.55 -3.94 4.51
C ILE A 61 4.07 -4.19 3.09
N THR A 62 5.01 -4.50 2.20
CA THR A 62 4.68 -4.77 0.81
C THR A 62 3.98 -6.11 0.68
N THR A 63 4.38 -7.07 1.50
CA THR A 63 3.79 -8.40 1.46
C THR A 63 2.27 -8.33 1.53
N SER A 64 1.76 -7.72 2.59
CA SER A 64 0.31 -7.59 2.77
C SER A 64 -0.28 -6.75 1.65
N ILE A 65 0.26 -5.54 1.48
CA ILE A 65 -0.23 -4.65 0.43
C ILE A 65 -0.37 -5.40 -0.89
N MET A 66 0.60 -6.26 -1.17
CA MET A 66 0.57 -7.05 -2.41
C MET A 66 -0.70 -7.89 -2.46
N ASP A 67 -0.91 -8.70 -1.44
CA ASP A 67 -2.09 -9.56 -1.38
C ASP A 67 -3.35 -8.76 -1.71
N ASN A 68 -3.38 -7.51 -1.26
CA ASN A 68 -4.53 -6.65 -1.52
C ASN A 68 -4.71 -6.42 -3.01
N PHE A 69 -3.65 -5.99 -3.68
CA PHE A 69 -3.71 -5.75 -5.11
C PHE A 69 -4.39 -6.92 -5.83
N LEU A 70 -3.96 -8.13 -5.50
CA LEU A 70 -4.53 -9.33 -6.11
C LEU A 70 -5.96 -9.55 -5.62
N GLU A 71 -6.18 -9.30 -4.33
CA GLU A 71 -7.50 -9.47 -3.75
C GLU A 71 -8.44 -8.36 -4.21
N ARG A 72 -7.87 -7.35 -4.87
CA ARG A 72 -8.67 -6.24 -5.36
C ARG A 72 -9.94 -6.73 -6.04
N THR A 73 -11.02 -6.81 -5.27
CA THR A 73 -12.29 -7.28 -5.81
C THR A 73 -12.95 -6.17 -6.62
N ALA A 74 -13.93 -6.55 -7.45
CA ALA A 74 -14.64 -5.57 -8.28
C ALA A 74 -15.11 -4.39 -7.44
N ILE A 75 -14.98 -4.51 -6.12
CA ILE A 75 -15.40 -3.44 -5.21
C ILE A 75 -14.76 -2.11 -5.62
N GLU A 76 -13.89 -2.15 -6.62
CA GLU A 76 -13.22 -0.95 -7.10
C GLU A 76 -14.23 0.13 -7.49
N LEU A 77 -15.45 -0.28 -7.83
CA LEU A 77 -16.48 0.67 -8.24
C LEU A 77 -16.78 1.64 -7.10
N LYS A 78 -16.08 1.49 -5.99
CA LYS A 78 -16.28 2.36 -4.83
C LYS A 78 -15.69 3.74 -5.09
N THR A 79 -14.46 3.93 -4.65
CA THR A 79 -13.76 5.21 -4.84
C THR A 79 -12.55 5.04 -5.73
N ASP A 80 -11.76 6.09 -5.86
CA ASP A 80 -10.55 6.05 -6.69
C ASP A 80 -9.30 5.99 -5.81
N TRP A 81 -9.43 5.37 -4.65
CA TRP A 81 -8.30 5.24 -3.73
C TRP A 81 -7.09 4.63 -4.44
N VAL A 82 -7.34 3.95 -5.56
CA VAL A 82 -6.27 3.32 -6.32
C VAL A 82 -5.09 4.27 -6.47
N ARG A 83 -5.37 5.55 -6.64
CA ARG A 83 -4.32 6.55 -6.79
C ARG A 83 -3.40 6.54 -5.57
N PHE A 84 -3.99 6.71 -4.39
CA PHE A 84 -3.21 6.72 -3.16
C PHE A 84 -2.50 5.39 -2.97
N LEU A 85 -3.14 4.31 -3.41
CA LEU A 85 -2.56 2.98 -3.28
C LEU A 85 -1.32 2.85 -4.16
N ALA A 86 -1.38 3.44 -5.35
CA ALA A 86 -0.26 3.39 -6.27
C ALA A 86 0.85 4.34 -5.81
N LEU A 87 0.46 5.48 -5.27
CA LEU A 87 1.42 6.46 -4.78
C LEU A 87 2.20 5.90 -3.60
N ALA A 88 1.55 5.05 -2.82
CA ALA A 88 2.19 4.46 -1.65
C ALA A 88 3.25 3.44 -2.09
N LEU A 89 2.88 2.60 -3.05
CA LEU A 89 3.81 1.59 -3.55
C LEU A 89 4.99 2.24 -4.27
N GLY A 90 4.82 3.50 -4.66
CA GLY A 90 5.87 4.23 -5.36
C GLY A 90 6.87 4.83 -4.39
N ILE A 91 6.38 5.68 -3.49
CA ILE A 91 7.24 6.34 -2.51
C ILE A 91 7.84 5.31 -1.56
N LEU A 92 7.15 4.19 -1.39
CA LEU A 92 7.62 3.13 -0.50
C LEU A 92 9.11 2.87 -0.73
N TYR A 93 9.48 2.63 -1.98
CA TYR A 93 10.88 2.36 -2.32
C TYR A 93 11.62 3.66 -2.59
N MET A 94 11.02 4.78 -2.21
CA MET A 94 11.63 6.08 -2.40
C MET A 94 12.00 6.27 -3.87
N GLY A 95 13.16 5.75 -4.25
CA GLY A 95 13.63 5.86 -5.63
C GLY A 95 14.61 4.75 -5.97
N GLN A 96 14.08 3.58 -6.29
CA GLN A 96 14.92 2.43 -6.63
C GLN A 96 14.25 1.57 -7.69
N GLY A 97 14.93 1.36 -8.81
CA GLY A 97 14.38 0.55 -9.90
C GLY A 97 14.57 -0.93 -9.60
N GLU A 98 15.69 -1.28 -8.98
CA GLU A 98 15.98 -2.68 -8.67
C GLU A 98 14.79 -3.31 -7.94
N GLN A 99 14.33 -2.66 -6.89
CA GLN A 99 13.21 -3.18 -6.11
C GLN A 99 11.92 -3.13 -6.95
N VAL A 100 11.67 -1.99 -7.57
CA VAL A 100 10.46 -1.83 -8.38
C VAL A 100 10.52 -2.75 -9.60
N ASP A 101 11.73 -3.16 -9.98
CA ASP A 101 11.90 -4.05 -11.12
C ASP A 101 11.41 -5.46 -10.79
N ASP A 102 11.81 -5.95 -9.61
CA ASP A 102 11.41 -7.29 -9.19
C ASP A 102 9.91 -7.34 -8.92
N VAL A 103 9.39 -6.32 -8.26
CA VAL A 103 7.96 -6.27 -7.95
C VAL A 103 7.14 -6.35 -9.23
N LEU A 104 7.46 -5.50 -10.20
CA LEU A 104 6.73 -5.49 -11.47
C LEU A 104 6.72 -6.88 -12.09
N GLU A 105 7.91 -7.48 -12.19
CA GLU A 105 8.02 -8.82 -12.79
C GLU A 105 6.92 -9.73 -12.24
N THR A 106 6.70 -9.67 -10.93
CA THR A 106 5.68 -10.49 -10.29
C THR A 106 4.30 -10.19 -10.89
N ILE A 107 4.01 -8.91 -11.06
CA ILE A 107 2.73 -8.49 -11.64
C ILE A 107 2.65 -8.93 -13.10
N SER A 108 3.77 -8.84 -13.80
CA SER A 108 3.80 -9.22 -15.21
C SER A 108 3.22 -10.61 -15.39
N ALA A 109 3.51 -11.50 -14.44
CA ALA A 109 3.01 -12.87 -14.51
C ALA A 109 1.51 -12.90 -14.19
N ILE A 110 1.11 -12.11 -13.19
CA ILE A 110 -0.30 -12.06 -12.80
C ILE A 110 -0.80 -10.62 -12.80
N GLU A 111 -1.70 -10.30 -13.72
CA GLU A 111 -2.25 -8.96 -13.82
C GLU A 111 -3.62 -8.98 -14.49
N HIS A 112 -4.53 -8.14 -13.99
CA HIS A 112 -5.87 -8.08 -14.54
C HIS A 112 -5.90 -7.12 -15.73
N PRO A 113 -6.87 -7.26 -16.60
CA PRO A 113 -7.01 -6.39 -17.80
C PRO A 113 -6.78 -4.92 -17.46
N MET A 114 -7.28 -4.50 -16.31
CA MET A 114 -7.12 -3.12 -15.88
C MET A 114 -5.74 -2.89 -15.25
N THR A 115 -5.30 -3.85 -14.46
CA THR A 115 -4.00 -3.75 -13.81
C THR A 115 -2.94 -3.26 -14.78
N SER A 116 -3.12 -3.58 -16.05
CA SER A 116 -2.17 -3.17 -17.08
C SER A 116 -1.87 -1.68 -16.97
N ALA A 117 -2.91 -0.89 -16.71
CA ALA A 117 -2.74 0.55 -16.58
C ALA A 117 -1.79 0.88 -15.43
N ILE A 118 -1.86 0.09 -14.37
CA ILE A 118 -1.00 0.31 -13.21
C ILE A 118 0.46 0.01 -13.56
N GLU A 119 0.69 -1.10 -14.26
CA GLU A 119 2.03 -1.49 -14.64
C GLU A 119 2.73 -0.35 -15.37
N VAL A 120 2.00 0.35 -16.22
CA VAL A 120 2.56 1.46 -16.97
C VAL A 120 2.70 2.70 -16.08
N LEU A 121 1.87 2.76 -15.05
CA LEU A 121 1.91 3.89 -14.14
C LEU A 121 3.15 3.83 -13.25
N VAL A 122 3.18 2.85 -12.35
CA VAL A 122 4.32 2.69 -11.45
C VAL A 122 5.61 2.56 -12.26
N GLY A 123 5.51 2.03 -13.46
CA GLY A 123 6.67 1.85 -14.32
C GLY A 123 7.34 3.18 -14.62
N SER A 124 6.59 4.09 -15.25
CA SER A 124 7.11 5.41 -15.59
C SER A 124 7.74 6.07 -14.36
N CYS A 125 7.13 5.83 -13.20
CA CYS A 125 7.64 6.40 -11.96
C CYS A 125 8.83 5.61 -11.45
N ALA A 126 9.90 5.59 -12.23
CA ALA A 126 11.11 4.86 -11.84
C ALA A 126 12.32 5.37 -12.62
N TYR A 127 13.51 4.99 -12.16
CA TYR A 127 14.74 5.41 -12.82
C TYR A 127 14.70 6.92 -13.10
N THR A 128 14.24 7.68 -12.11
CA THR A 128 14.16 9.13 -12.24
C THR A 128 15.07 9.81 -11.23
N GLY A 129 15.57 9.03 -10.28
CA GLY A 129 16.45 9.58 -9.24
C GLY A 129 17.87 9.76 -9.78
N THR A 130 18.05 10.78 -10.60
CA THR A 130 19.36 11.07 -11.18
C THR A 130 19.52 12.56 -11.46
N GLY A 131 19.91 13.31 -10.44
CA GLY A 131 20.10 14.76 -10.60
C GLY A 131 21.14 15.06 -11.67
N ASP A 1 -25.38 2.97 13.16
CA ASP A 1 -25.94 4.02 14.05
C ASP A 1 -24.81 4.63 14.89
N THR A 2 -23.73 3.86 15.06
CA THR A 2 -22.60 4.32 15.85
C THR A 2 -21.30 4.15 15.06
N LYS A 3 -21.20 3.05 14.33
CA LYS A 3 -20.00 2.77 13.54
C LYS A 3 -18.74 3.14 14.32
N ILE A 4 -18.51 2.43 15.42
CA ILE A 4 -17.33 2.69 16.25
C ILE A 4 -16.06 2.56 15.42
N SER A 5 -16.21 2.15 14.17
CA SER A 5 -15.06 2.00 13.27
C SER A 5 -14.31 3.31 13.13
N SER A 6 -15.05 4.42 13.09
CA SER A 6 -14.44 5.73 12.96
C SER A 6 -13.57 6.04 14.18
N ALA A 7 -14.00 5.58 15.34
CA ALA A 7 -13.26 5.82 16.57
C ALA A 7 -11.95 5.02 16.56
N ALA A 8 -11.95 3.90 15.86
CA ALA A 8 -10.75 3.06 15.78
C ALA A 8 -9.66 3.75 14.97
N ILE A 9 -10.03 4.24 13.78
CA ILE A 9 -9.08 4.92 12.92
C ILE A 9 -8.63 6.24 13.54
N LEU A 10 -9.44 6.76 14.46
CA LEU A 10 -9.11 8.01 15.12
C LEU A 10 -8.04 7.79 16.19
N GLY A 11 -8.44 7.13 17.28
CA GLY A 11 -7.50 6.85 18.36
C GLY A 11 -6.20 6.27 17.82
N LEU A 12 -6.33 5.28 16.94
CA LEU A 12 -5.16 4.64 16.34
C LEU A 12 -4.54 5.56 15.29
N GLY A 13 -5.35 6.49 14.79
CA GLY A 13 -4.89 7.44 13.78
C GLY A 13 -3.63 8.16 14.25
N ILE A 14 -3.66 8.67 15.47
CA ILE A 14 -2.51 9.38 16.03
C ILE A 14 -1.51 8.40 16.62
N ALA A 15 -2.01 7.27 17.12
CA ALA A 15 -1.15 6.26 17.72
C ALA A 15 -0.26 5.62 16.66
N PHE A 16 -0.71 5.69 15.41
CA PHE A 16 0.05 5.10 14.30
C PHE A 16 1.54 5.42 14.44
N ALA A 17 1.85 6.59 15.01
CA ALA A 17 3.23 6.99 15.20
C ALA A 17 4.00 5.93 15.99
N GLY A 18 3.28 4.93 16.50
CA GLY A 18 3.90 3.87 17.26
C GLY A 18 4.40 2.74 16.36
N SER A 19 4.13 2.87 15.06
CA SER A 19 4.56 1.84 14.11
C SER A 19 6.00 1.41 14.39
N LYS A 20 6.71 2.21 15.18
CA LYS A 20 8.09 1.88 15.52
C LYS A 20 8.14 0.79 16.57
N ASN A 21 7.15 -0.12 16.51
CA ASN A 21 7.09 -1.22 17.46
C ASN A 21 6.46 -2.45 16.80
N ASP A 22 6.79 -3.63 17.33
CA ASP A 22 6.26 -4.87 16.79
C ASP A 22 4.80 -5.05 17.16
N GLU A 23 4.29 -4.13 17.99
CA GLU A 23 2.89 -4.20 18.42
C GLU A 23 1.98 -3.68 17.32
N VAL A 24 2.22 -2.43 16.92
CA VAL A 24 1.42 -1.82 15.87
C VAL A 24 1.64 -2.55 14.55
N LEU A 25 2.88 -2.55 14.07
CA LEU A 25 3.21 -3.22 12.82
C LEU A 25 2.78 -4.69 12.86
N GLY A 26 2.76 -5.26 14.05
CA GLY A 26 2.38 -6.67 14.20
C GLY A 26 0.92 -6.88 13.84
N LEU A 27 0.04 -6.01 14.33
CA LEU A 27 -1.39 -6.14 14.06
C LEU A 27 -1.76 -5.48 12.73
N LEU A 28 -0.99 -4.48 12.34
CA LEU A 28 -1.26 -3.76 11.09
C LEU A 28 -1.14 -4.70 9.89
N LEU A 29 -0.09 -5.51 9.87
CA LEU A 29 0.12 -6.44 8.77
C LEU A 29 -1.15 -7.25 8.47
N PRO A 30 -1.56 -8.10 9.39
CA PRO A 30 -2.78 -8.94 9.20
C PRO A 30 -3.95 -8.12 8.69
N ILE A 31 -4.32 -7.08 9.43
CA ILE A 31 -5.43 -6.23 9.05
C ILE A 31 -5.16 -5.55 7.71
N ALA A 32 -3.88 -5.33 7.41
CA ALA A 32 -3.49 -4.70 6.16
C ALA A 32 -3.50 -5.71 5.02
N ALA A 33 -3.48 -6.99 5.37
CA ALA A 33 -3.48 -8.05 4.36
C ALA A 33 -4.91 -8.32 3.86
N SER A 34 -5.82 -7.42 4.21
CA SER A 34 -7.22 -7.57 3.79
C SER A 34 -7.68 -9.00 3.98
N THR A 35 -7.56 -9.50 5.22
CA THR A 35 -7.97 -10.87 5.51
C THR A 35 -9.40 -11.12 5.04
N ASP A 36 -10.30 -10.18 5.32
CA ASP A 36 -11.69 -10.32 4.91
C ASP A 36 -12.47 -9.05 5.21
N LEU A 37 -11.78 -7.92 5.25
CA LEU A 37 -12.42 -6.64 5.52
C LEU A 37 -12.37 -5.74 4.28
N PRO A 38 -13.31 -4.85 4.13
CA PRO A 38 -13.37 -3.92 2.97
C PRO A 38 -12.00 -3.30 2.68
N ILE A 39 -11.74 -3.04 1.40
CA ILE A 39 -10.46 -2.46 1.00
C ILE A 39 -10.31 -1.06 1.60
N GLU A 40 -11.40 -0.28 1.57
CA GLU A 40 -11.37 1.07 2.11
C GLU A 40 -10.67 1.10 3.46
N THR A 41 -11.11 0.23 4.36
CA THR A 41 -10.52 0.17 5.70
C THR A 41 -9.05 -0.19 5.62
N ALA A 42 -8.74 -1.17 4.77
CA ALA A 42 -7.36 -1.62 4.60
C ALA A 42 -6.55 -0.57 3.84
N ALA A 43 -7.24 0.28 3.08
CA ALA A 43 -6.57 1.32 2.31
C ALA A 43 -6.24 2.52 3.20
N MET A 44 -7.13 2.82 4.13
CA MET A 44 -6.91 3.94 5.04
C MET A 44 -5.82 3.62 6.05
N ALA A 45 -5.93 2.44 6.66
CA ALA A 45 -4.93 2.02 7.65
C ALA A 45 -3.56 1.89 7.01
N SER A 46 -3.50 1.25 5.85
CA SER A 46 -2.24 1.06 5.15
C SER A 46 -1.58 2.41 4.87
N LEU A 47 -2.38 3.37 4.39
CA LEU A 47 -1.86 4.70 4.09
C LEU A 47 -1.10 5.26 5.30
N ALA A 48 -1.74 5.18 6.47
CA ALA A 48 -1.12 5.67 7.69
C ALA A 48 0.18 4.94 7.98
N LEU A 49 0.18 3.63 7.75
CA LEU A 49 1.37 2.81 7.99
C LEU A 49 2.55 3.34 7.17
N ALA A 50 2.31 3.58 5.89
CA ALA A 50 3.36 4.08 5.01
C ALA A 50 3.78 5.49 5.43
N HIS A 51 2.88 6.19 6.10
CA HIS A 51 3.16 7.55 6.56
C HIS A 51 4.21 7.53 7.68
N VAL A 52 4.05 6.61 8.62
CA VAL A 52 4.98 6.49 9.73
C VAL A 52 6.29 5.88 9.27
N PHE A 53 6.19 4.89 8.39
CA PHE A 53 7.39 4.21 7.87
C PHE A 53 7.95 4.98 6.68
N VAL A 54 7.32 6.09 6.32
CA VAL A 54 7.77 6.90 5.20
C VAL A 54 9.28 7.17 5.32
N GLY A 55 9.83 6.88 6.50
CA GLY A 55 11.26 7.10 6.74
C GLY A 55 12.02 5.80 6.57
N THR A 56 11.50 4.72 7.16
CA THR A 56 12.15 3.42 7.07
C THR A 56 11.52 2.58 5.97
N CYS A 57 12.06 1.38 5.75
CA CYS A 57 11.54 0.49 4.73
C CYS A 57 11.57 -0.96 5.20
N ASN A 58 10.49 -1.69 4.96
CA ASN A 58 10.41 -3.09 5.37
C ASN A 58 9.64 -3.90 4.33
N GLY A 59 10.08 -5.14 4.11
CA GLY A 59 9.41 -6.01 3.13
C GLY A 59 8.06 -6.47 3.66
N ASP A 60 7.87 -6.37 4.97
CA ASP A 60 6.61 -6.79 5.59
C ASP A 60 5.44 -6.02 4.98
N ILE A 61 5.50 -4.69 5.06
CA ILE A 61 4.44 -3.86 4.51
C ILE A 61 4.10 -4.29 3.09
N THR A 62 5.12 -4.62 2.31
CA THR A 62 4.93 -5.06 0.93
C THR A 62 4.05 -6.30 0.89
N THR A 63 4.36 -7.27 1.74
CA THR A 63 3.59 -8.51 1.78
C THR A 63 2.11 -8.22 2.03
N SER A 64 1.84 -7.13 2.73
CA SER A 64 0.46 -6.75 3.02
C SER A 64 -0.15 -5.97 1.86
N ILE A 65 0.52 -4.90 1.48
CA ILE A 65 0.03 -4.08 0.37
C ILE A 65 -0.16 -4.91 -0.89
N MET A 66 0.68 -5.93 -1.05
CA MET A 66 0.59 -6.81 -2.22
C MET A 66 -0.63 -7.71 -2.10
N ASP A 67 -0.78 -8.35 -0.95
CA ASP A 67 -1.91 -9.24 -0.72
C ASP A 67 -3.22 -8.57 -1.15
N ASN A 68 -3.35 -7.29 -0.83
CA ASN A 68 -4.54 -6.54 -1.18
C ASN A 68 -4.66 -6.41 -2.70
N PHE A 69 -3.56 -6.04 -3.34
CA PHE A 69 -3.55 -5.88 -4.79
C PHE A 69 -4.04 -7.15 -5.47
N LEU A 70 -3.66 -8.31 -4.92
CA LEU A 70 -4.07 -9.59 -5.48
C LEU A 70 -5.58 -9.76 -5.38
N GLU A 71 -6.09 -9.80 -4.15
CA GLU A 71 -7.52 -9.97 -3.93
C GLU A 71 -8.31 -8.92 -4.70
N ARG A 72 -8.01 -7.65 -4.45
CA ARG A 72 -8.69 -6.55 -5.13
C ARG A 72 -10.15 -6.90 -5.40
N THR A 73 -11.01 -6.61 -4.43
CA THR A 73 -12.44 -6.91 -4.58
C THR A 73 -13.05 -6.08 -5.70
N ALA A 74 -14.20 -6.50 -6.18
CA ALA A 74 -14.89 -5.80 -7.26
C ALA A 74 -14.96 -4.30 -6.96
N ILE A 75 -14.64 -3.93 -5.73
CA ILE A 75 -14.67 -2.52 -5.33
C ILE A 75 -13.86 -1.67 -6.30
N GLU A 76 -13.09 -2.33 -7.16
CA GLU A 76 -12.26 -1.61 -8.13
C GLU A 76 -13.13 -0.73 -9.03
N LEU A 77 -14.43 -1.00 -9.04
CA LEU A 77 -15.36 -0.22 -9.85
C LEU A 77 -14.97 1.26 -9.83
N LYS A 78 -14.36 1.70 -8.74
CA LYS A 78 -13.94 3.09 -8.61
C LYS A 78 -12.54 3.29 -9.20
N THR A 79 -12.38 4.35 -9.99
CA THR A 79 -11.09 4.63 -10.61
C THR A 79 -10.55 5.98 -10.12
N ASP A 80 -10.82 6.29 -8.85
CA ASP A 80 -10.35 7.54 -8.27
C ASP A 80 -9.43 7.27 -7.09
N TRP A 81 -9.78 6.26 -6.31
CA TRP A 81 -8.98 5.89 -5.14
C TRP A 81 -7.66 5.27 -5.56
N VAL A 82 -7.63 4.70 -6.77
CA VAL A 82 -6.42 4.08 -7.28
C VAL A 82 -5.26 5.05 -7.25
N ARG A 83 -5.56 6.34 -7.42
CA ARG A 83 -4.52 7.36 -7.41
C ARG A 83 -3.85 7.42 -6.04
N PHE A 84 -4.65 7.40 -4.98
CA PHE A 84 -4.11 7.45 -3.63
C PHE A 84 -3.37 6.15 -3.30
N LEU A 85 -4.02 5.03 -3.56
CA LEU A 85 -3.42 3.73 -3.29
C LEU A 85 -2.12 3.56 -4.07
N ALA A 86 -2.19 3.75 -5.39
CA ALA A 86 -1.02 3.63 -6.23
C ALA A 86 0.14 4.47 -5.67
N LEU A 87 -0.20 5.60 -5.08
CA LEU A 87 0.81 6.48 -4.51
C LEU A 87 1.54 5.79 -3.36
N ALA A 88 0.78 5.21 -2.44
CA ALA A 88 1.37 4.51 -1.30
C ALA A 88 2.44 3.53 -1.77
N LEU A 89 2.12 2.75 -2.80
CA LEU A 89 3.06 1.78 -3.32
C LEU A 89 4.21 2.48 -4.05
N GLY A 90 3.97 3.73 -4.43
CA GLY A 90 5.01 4.50 -5.13
C GLY A 90 6.00 5.10 -4.15
N ILE A 91 5.50 5.92 -3.23
CA ILE A 91 6.35 6.55 -2.24
C ILE A 91 7.11 5.51 -1.42
N LEU A 92 6.39 4.50 -0.95
CA LEU A 92 7.00 3.45 -0.16
C LEU A 92 8.26 2.93 -0.85
N TYR A 93 8.10 2.41 -2.05
CA TYR A 93 9.22 1.88 -2.82
C TYR A 93 9.93 3.01 -3.55
N MET A 94 9.56 4.25 -3.24
CA MET A 94 10.16 5.42 -3.87
C MET A 94 10.05 5.31 -5.39
N GLY A 95 10.98 4.59 -6.00
CA GLY A 95 10.98 4.42 -7.45
C GLY A 95 12.40 4.25 -7.97
N GLN A 96 13.23 3.52 -7.22
CA GLN A 96 14.61 3.29 -7.61
C GLN A 96 15.17 2.07 -6.89
N GLY A 97 15.60 1.08 -7.67
CA GLY A 97 16.16 -0.14 -7.10
C GLY A 97 15.61 -1.38 -7.80
N GLU A 98 16.47 -2.36 -8.04
CA GLU A 98 16.06 -3.58 -8.71
C GLU A 98 14.84 -4.18 -8.00
N GLN A 99 14.58 -3.73 -6.79
CA GLN A 99 13.45 -4.22 -6.02
C GLN A 99 12.15 -4.04 -6.81
N VAL A 100 12.06 -2.93 -7.53
CA VAL A 100 10.87 -2.65 -8.33
C VAL A 100 10.73 -3.67 -9.45
N ASP A 101 11.86 -4.08 -10.02
CA ASP A 101 11.85 -5.05 -11.10
C ASP A 101 11.17 -6.34 -10.66
N ASP A 102 11.48 -6.78 -9.44
CA ASP A 102 10.89 -8.01 -8.91
C ASP A 102 9.38 -7.86 -8.78
N VAL A 103 8.96 -6.77 -8.14
CA VAL A 103 7.53 -6.52 -7.95
C VAL A 103 6.82 -6.41 -9.29
N LEU A 104 7.43 -5.66 -10.21
CA LEU A 104 6.84 -5.48 -11.53
C LEU A 104 6.71 -6.83 -12.24
N GLU A 105 7.55 -7.78 -11.85
CA GLU A 105 7.51 -9.11 -12.46
C GLU A 105 6.29 -9.88 -11.97
N THR A 106 6.01 -9.77 -10.68
CA THR A 106 4.86 -10.46 -10.10
C THR A 106 3.56 -9.93 -10.69
N ILE A 107 3.42 -8.60 -10.68
CA ILE A 107 2.21 -7.97 -11.22
C ILE A 107 1.97 -8.43 -12.65
N SER A 108 3.02 -8.37 -13.48
CA SER A 108 2.90 -8.78 -14.87
C SER A 108 2.24 -10.15 -14.97
N ALA A 109 2.75 -11.10 -14.19
CA ALA A 109 2.21 -12.45 -14.19
C ALA A 109 0.70 -12.42 -13.99
N ILE A 110 0.24 -11.50 -13.15
CA ILE A 110 -1.20 -11.37 -12.87
C ILE A 110 -1.62 -9.90 -12.95
N GLU A 111 -1.88 -9.44 -14.17
CA GLU A 111 -2.30 -8.05 -14.38
C GLU A 111 -3.56 -8.00 -15.25
N HIS A 112 -4.44 -7.05 -14.93
CA HIS A 112 -5.68 -6.88 -15.69
C HIS A 112 -5.63 -5.60 -16.51
N PRO A 113 -6.40 -5.52 -17.56
CA PRO A 113 -6.45 -4.32 -18.44
C PRO A 113 -6.47 -3.02 -17.64
N MET A 114 -6.84 -3.13 -16.37
CA MET A 114 -6.90 -1.96 -15.49
C MET A 114 -5.59 -1.79 -14.75
N THR A 115 -5.13 -2.86 -14.11
CA THR A 115 -3.88 -2.81 -13.36
C THR A 115 -2.72 -2.39 -14.27
N SER A 116 -2.84 -2.71 -15.55
CA SER A 116 -1.80 -2.36 -16.50
C SER A 116 -1.39 -0.89 -16.35
N ALA A 117 -2.33 -0.07 -15.90
CA ALA A 117 -2.05 1.35 -15.71
C ALA A 117 -0.97 1.55 -14.65
N ILE A 118 -1.08 0.83 -13.55
CA ILE A 118 -0.11 0.94 -12.47
C ILE A 118 1.23 0.39 -12.90
N GLU A 119 1.21 -0.69 -13.68
CA GLU A 119 2.42 -1.31 -14.17
C GLU A 119 3.26 -0.31 -14.97
N VAL A 120 2.61 0.41 -15.88
CA VAL A 120 3.29 1.39 -16.70
C VAL A 120 3.84 2.53 -15.84
N LEU A 121 2.94 3.21 -15.14
CA LEU A 121 3.34 4.32 -14.28
C LEU A 121 4.60 3.97 -13.49
N VAL A 122 4.57 2.82 -12.82
CA VAL A 122 5.71 2.39 -12.03
C VAL A 122 6.81 1.83 -12.94
N GLY A 123 6.39 1.27 -14.08
CA GLY A 123 7.34 0.70 -15.03
C GLY A 123 7.84 1.76 -16.00
N SER A 124 7.68 3.03 -15.61
CA SER A 124 8.12 4.14 -16.45
C SER A 124 8.86 5.18 -15.62
N CYS A 125 8.20 5.70 -14.61
CA CYS A 125 8.80 6.70 -13.74
C CYS A 125 9.81 6.05 -12.79
N ALA A 126 10.70 5.24 -13.36
CA ALA A 126 11.72 4.56 -12.56
C ALA A 126 12.90 4.16 -13.44
N TYR A 127 13.30 2.89 -13.34
CA TYR A 127 14.42 2.39 -14.13
C TYR A 127 14.13 2.54 -15.62
N THR A 128 14.45 3.71 -16.17
CA THR A 128 14.21 3.96 -17.60
C THR A 128 15.44 3.59 -18.41
N GLY A 129 16.18 4.59 -18.87
CA GLY A 129 17.38 4.36 -19.66
C GLY A 129 18.62 4.31 -18.77
N THR A 130 19.71 4.89 -19.25
CA THR A 130 20.96 4.91 -18.49
C THR A 130 21.77 6.15 -18.82
N GLY A 131 21.76 7.12 -17.91
CA GLY A 131 22.50 8.36 -18.13
C GLY A 131 22.77 9.07 -16.81
N ASP A 1 -19.31 3.72 13.59
CA ASP A 1 -18.26 4.78 13.50
C ASP A 1 -18.08 5.19 12.04
N THR A 2 -18.55 6.39 11.71
CA THR A 2 -18.45 6.90 10.36
C THR A 2 -18.23 8.41 10.36
N LYS A 3 -17.65 8.90 11.45
CA LYS A 3 -17.38 10.34 11.58
C LYS A 3 -16.08 10.56 12.35
N ILE A 4 -16.16 10.49 13.67
CA ILE A 4 -14.97 10.69 14.51
C ILE A 4 -13.81 9.85 13.99
N SER A 5 -14.13 8.75 13.33
CA SER A 5 -13.11 7.87 12.78
C SER A 5 -12.03 8.68 12.07
N SER A 6 -12.45 9.54 11.15
CA SER A 6 -11.51 10.38 10.42
C SER A 6 -10.48 10.99 11.36
N ALA A 7 -10.95 11.47 12.50
CA ALA A 7 -10.06 12.08 13.48
C ALA A 7 -9.23 11.02 14.19
N ALA A 8 -9.79 9.82 14.29
CA ALA A 8 -9.09 8.72 14.95
C ALA A 8 -7.79 8.40 14.22
N ILE A 9 -7.86 8.27 12.90
CA ILE A 9 -6.67 7.98 12.11
C ILE A 9 -5.74 9.19 12.07
N LEU A 10 -6.32 10.38 12.23
CA LEU A 10 -5.53 11.60 12.23
C LEU A 10 -4.57 11.63 13.40
N GLY A 11 -5.11 11.92 14.59
CA GLY A 11 -4.29 11.96 15.80
C GLY A 11 -3.41 10.71 15.88
N LEU A 12 -4.04 9.54 15.72
CA LEU A 12 -3.31 8.29 15.78
C LEU A 12 -2.44 8.13 14.54
N GLY A 13 -2.67 9.00 13.55
CA GLY A 13 -1.90 8.96 12.32
C GLY A 13 -0.44 9.30 12.58
N ILE A 14 -0.20 10.37 13.31
CA ILE A 14 1.15 10.80 13.63
C ILE A 14 1.65 10.12 14.90
N ALA A 15 0.73 9.50 15.63
CA ALA A 15 1.10 8.82 16.88
C ALA A 15 1.73 7.46 16.58
N PHE A 16 1.42 6.90 15.42
CA PHE A 16 1.96 5.60 15.03
C PHE A 16 3.48 5.61 15.10
N ALA A 17 4.06 6.79 15.37
CA ALA A 17 5.50 6.91 15.45
C ALA A 17 6.10 5.75 16.24
N GLY A 18 5.24 5.08 17.02
CA GLY A 18 5.68 3.93 17.80
C GLY A 18 6.08 2.78 16.89
N SER A 19 5.93 2.98 15.59
CA SER A 19 6.26 1.97 14.60
C SER A 19 7.53 1.21 14.99
N LYS A 20 8.33 1.81 15.88
CA LYS A 20 9.56 1.18 16.32
C LYS A 20 9.24 0.06 17.32
N ASN A 21 8.04 -0.49 17.21
CA ASN A 21 7.61 -1.58 18.09
C ASN A 21 6.83 -2.63 17.31
N ASP A 22 6.81 -3.85 17.82
CA ASP A 22 6.10 -4.94 17.16
C ASP A 22 4.60 -4.86 17.40
N GLU A 23 4.18 -3.90 18.23
CA GLU A 23 2.76 -3.75 18.53
C GLU A 23 2.05 -2.99 17.42
N VAL A 24 2.68 -1.95 16.91
CA VAL A 24 2.09 -1.14 15.86
C VAL A 24 2.08 -1.91 14.53
N LEU A 25 3.27 -2.25 14.04
CA LEU A 25 3.39 -2.98 12.78
C LEU A 25 2.74 -4.36 12.89
N GLY A 26 2.75 -4.93 14.09
CA GLY A 26 2.16 -6.24 14.30
C GLY A 26 0.63 -6.17 14.34
N LEU A 27 0.10 -4.98 14.60
CA LEU A 27 -1.35 -4.80 14.67
C LEU A 27 -1.93 -4.50 13.29
N LEU A 28 -1.42 -3.45 12.65
CA LEU A 28 -1.89 -3.06 11.33
C LEU A 28 -1.79 -4.21 10.33
N LEU A 29 -0.74 -5.02 10.47
CA LEU A 29 -0.54 -6.14 9.56
C LEU A 29 -1.75 -7.09 9.59
N PRO A 30 -1.99 -7.75 10.69
CA PRO A 30 -3.13 -8.70 10.82
C PRO A 30 -4.43 -8.12 10.27
N ILE A 31 -4.87 -7.00 10.86
CA ILE A 31 -6.11 -6.37 10.42
C ILE A 31 -6.04 -6.00 8.94
N ALA A 32 -4.83 -5.75 8.44
CA ALA A 32 -4.66 -5.38 7.04
C ALA A 32 -4.73 -6.61 6.15
N ALA A 33 -4.04 -7.67 6.57
CA ALA A 33 -4.04 -8.92 5.80
C ALA A 33 -5.27 -9.75 6.12
N SER A 34 -6.39 -9.08 6.36
CA SER A 34 -7.63 -9.77 6.67
C SER A 34 -8.81 -9.12 5.94
N THR A 35 -8.93 -9.43 4.65
CA THR A 35 -10.01 -8.87 3.84
C THR A 35 -11.36 -9.14 4.51
N ASP A 36 -11.36 -9.98 5.53
CA ASP A 36 -12.59 -10.31 6.25
C ASP A 36 -13.45 -9.07 6.44
N LEU A 37 -12.81 -7.89 6.37
CA LEU A 37 -13.53 -6.63 6.55
C LEU A 37 -13.30 -5.72 5.34
N PRO A 38 -14.20 -4.81 5.08
CA PRO A 38 -14.09 -3.88 3.93
C PRO A 38 -12.68 -3.30 3.80
N ILE A 39 -12.23 -3.11 2.57
CA ILE A 39 -10.90 -2.55 2.33
C ILE A 39 -10.88 -1.06 2.65
N GLU A 40 -12.06 -0.47 2.78
CA GLU A 40 -12.17 0.95 3.07
C GLU A 40 -11.35 1.29 4.31
N THR A 41 -11.41 0.42 5.31
CA THR A 41 -10.67 0.64 6.56
C THR A 41 -9.23 0.19 6.41
N ALA A 42 -9.04 -1.00 5.86
CA ALA A 42 -7.70 -1.55 5.67
C ALA A 42 -6.84 -0.57 4.85
N ALA A 43 -7.41 -0.05 3.77
CA ALA A 43 -6.69 0.88 2.92
C ALA A 43 -6.25 2.11 3.72
N MET A 44 -7.21 2.80 4.31
CA MET A 44 -6.90 3.99 5.11
C MET A 44 -5.84 3.66 6.15
N ALA A 45 -6.04 2.58 6.88
CA ALA A 45 -5.09 2.17 7.91
C ALA A 45 -3.70 1.97 7.30
N SER A 46 -3.64 1.19 6.22
CA SER A 46 -2.37 0.93 5.55
C SER A 46 -1.68 2.24 5.19
N LEU A 47 -2.45 3.16 4.61
CA LEU A 47 -1.91 4.46 4.22
C LEU A 47 -1.04 5.03 5.34
N ALA A 48 -1.62 5.13 6.54
CA ALA A 48 -0.88 5.65 7.68
C ALA A 48 0.44 4.90 7.87
N LEU A 49 0.36 3.57 7.84
CA LEU A 49 1.55 2.75 8.00
C LEU A 49 2.68 3.28 7.12
N ALA A 50 2.38 3.53 5.85
CA ALA A 50 3.37 4.04 4.91
C ALA A 50 3.99 5.33 5.43
N HIS A 51 3.16 6.37 5.57
CA HIS A 51 3.64 7.66 6.06
C HIS A 51 4.54 7.49 7.28
N VAL A 52 4.29 6.43 8.05
CA VAL A 52 5.08 6.17 9.25
C VAL A 52 6.38 5.46 8.90
N PHE A 53 6.28 4.21 8.47
CA PHE A 53 7.45 3.43 8.10
C PHE A 53 8.19 4.08 6.92
N VAL A 54 7.66 5.21 6.45
CA VAL A 54 8.28 5.91 5.33
C VAL A 54 9.77 6.09 5.57
N GLY A 55 10.16 6.15 6.84
CA GLY A 55 11.56 6.32 7.20
C GLY A 55 12.29 4.99 7.15
N THR A 56 11.66 3.94 7.67
CA THR A 56 12.26 2.61 7.68
C THR A 56 11.82 1.82 6.46
N CYS A 57 12.34 0.60 6.33
CA CYS A 57 11.98 -0.26 5.20
C CYS A 57 11.85 -1.70 5.65
N ASN A 58 10.70 -2.31 5.36
CA ASN A 58 10.46 -3.70 5.73
C ASN A 58 9.58 -4.39 4.70
N GLY A 59 9.76 -5.70 4.54
CA GLY A 59 8.98 -6.46 3.58
C GLY A 59 7.59 -6.77 4.12
N ASP A 60 7.50 -6.98 5.43
CA ASP A 60 6.22 -7.28 6.07
C ASP A 60 5.11 -6.39 5.51
N ILE A 61 5.41 -5.10 5.36
CA ILE A 61 4.44 -4.15 4.84
C ILE A 61 4.04 -4.51 3.42
N THR A 62 5.04 -4.60 2.54
CA THR A 62 4.78 -4.94 1.15
C THR A 62 3.97 -6.23 1.04
N THR A 63 4.19 -7.14 1.98
CA THR A 63 3.47 -8.41 1.98
C THR A 63 1.96 -8.19 2.08
N SER A 64 1.55 -7.38 3.06
CA SER A 64 0.13 -7.10 3.24
C SER A 64 -0.41 -6.29 2.06
N ILE A 65 0.26 -5.19 1.75
CA ILE A 65 -0.15 -4.33 0.65
C ILE A 65 -0.31 -5.14 -0.63
N MET A 66 0.73 -5.91 -0.96
CA MET A 66 0.69 -6.71 -2.19
C MET A 66 -0.41 -7.78 -2.12
N ASP A 67 -0.55 -8.42 -0.96
CA ASP A 67 -1.57 -9.44 -0.79
C ASP A 67 -2.91 -8.98 -1.32
N ASN A 68 -3.45 -7.92 -0.74
CA ASN A 68 -4.74 -7.39 -1.16
C ASN A 68 -4.67 -6.89 -2.61
N PHE A 69 -3.53 -6.31 -2.98
CA PHE A 69 -3.36 -5.80 -4.33
C PHE A 69 -3.79 -6.84 -5.36
N LEU A 70 -3.43 -8.10 -5.10
CA LEU A 70 -3.77 -9.19 -6.01
C LEU A 70 -5.26 -9.53 -5.90
N GLU A 71 -5.68 -9.92 -4.69
CA GLU A 71 -7.08 -10.27 -4.46
C GLU A 71 -8.01 -9.25 -5.12
N ARG A 72 -7.83 -7.99 -4.76
CA ARG A 72 -8.65 -6.91 -5.30
C ARG A 72 -10.08 -7.37 -5.53
N THR A 73 -10.94 -7.13 -4.54
CA THR A 73 -12.34 -7.52 -4.65
C THR A 73 -13.05 -6.69 -5.71
N ALA A 74 -14.01 -7.31 -6.41
CA ALA A 74 -14.76 -6.61 -7.44
C ALA A 74 -15.11 -5.21 -6.97
N ILE A 75 -15.10 -5.04 -5.65
CA ILE A 75 -15.40 -3.75 -5.06
C ILE A 75 -14.47 -2.67 -5.62
N GLU A 76 -13.55 -3.09 -6.48
CA GLU A 76 -12.60 -2.17 -7.09
C GLU A 76 -13.29 -1.24 -8.09
N LEU A 77 -14.50 -1.60 -8.51
CA LEU A 77 -15.24 -0.78 -9.47
C LEU A 77 -15.25 0.69 -9.03
N LYS A 78 -14.77 0.95 -7.82
CA LYS A 78 -14.73 2.31 -7.30
C LYS A 78 -13.37 2.95 -7.58
N THR A 79 -13.37 4.05 -8.33
CA THR A 79 -12.13 4.73 -8.67
C THR A 79 -11.69 5.65 -7.53
N ASP A 80 -10.69 6.49 -7.81
CA ASP A 80 -10.18 7.42 -6.82
C ASP A 80 -9.12 6.75 -5.95
N TRP A 81 -9.54 5.76 -5.18
CA TRP A 81 -8.63 5.04 -4.29
C TRP A 81 -7.37 4.61 -5.05
N VAL A 82 -7.53 4.30 -6.33
CA VAL A 82 -6.41 3.86 -7.16
C VAL A 82 -5.31 4.92 -7.16
N ARG A 83 -5.67 6.16 -6.85
CA ARG A 83 -4.70 7.25 -6.83
C ARG A 83 -3.75 7.09 -5.66
N PHE A 84 -4.30 7.00 -4.45
CA PHE A 84 -3.49 6.85 -3.25
C PHE A 84 -2.79 5.49 -3.24
N LEU A 85 -3.44 4.48 -3.81
CA LEU A 85 -2.87 3.15 -3.85
C LEU A 85 -1.58 3.14 -4.66
N ALA A 86 -1.50 4.03 -5.65
CA ALA A 86 -0.32 4.10 -6.49
C ALA A 86 0.81 4.84 -5.77
N LEU A 87 0.52 6.06 -5.31
CA LEU A 87 1.52 6.85 -4.60
C LEU A 87 2.15 6.04 -3.48
N ALA A 88 1.32 5.23 -2.81
CA ALA A 88 1.80 4.41 -1.71
C ALA A 88 2.79 3.37 -2.21
N LEU A 89 2.41 2.64 -3.25
CA LEU A 89 3.28 1.61 -3.81
C LEU A 89 4.55 2.25 -4.36
N GLY A 90 4.50 3.54 -4.63
CA GLY A 90 5.66 4.25 -5.15
C GLY A 90 6.58 4.69 -4.02
N ILE A 91 6.01 5.38 -3.04
CA ILE A 91 6.79 5.85 -1.90
C ILE A 91 7.20 4.68 -1.00
N LEU A 92 6.45 3.59 -1.11
CA LEU A 92 6.73 2.40 -0.31
C LEU A 92 8.21 2.02 -0.42
N TYR A 93 8.65 1.75 -1.65
CA TYR A 93 10.03 1.38 -1.88
C TYR A 93 10.95 2.59 -1.73
N MET A 94 10.35 3.76 -1.50
CA MET A 94 11.11 4.99 -1.35
C MET A 94 12.06 5.18 -2.53
N GLY A 95 11.51 5.68 -3.64
CA GLY A 95 12.32 5.92 -4.83
C GLY A 95 12.56 4.61 -5.58
N GLN A 96 13.77 4.46 -6.12
CA GLN A 96 14.12 3.25 -6.86
C GLN A 96 14.33 2.09 -5.91
N GLY A 97 14.78 0.96 -6.46
CA GLY A 97 15.02 -0.23 -5.64
C GLY A 97 14.79 -1.50 -6.46
N GLU A 98 15.83 -2.33 -6.56
CA GLU A 98 15.73 -3.56 -7.33
C GLU A 98 14.40 -4.25 -7.06
N GLN A 99 13.81 -3.96 -5.91
CA GLN A 99 12.52 -4.55 -5.56
C GLN A 99 11.49 -4.25 -6.63
N VAL A 100 11.31 -2.97 -6.94
CA VAL A 100 10.35 -2.55 -7.96
C VAL A 100 10.43 -3.47 -9.17
N ASP A 101 11.63 -3.55 -9.76
CA ASP A 101 11.84 -4.40 -10.92
C ASP A 101 11.18 -5.76 -10.72
N ASP A 102 11.30 -6.29 -9.51
CA ASP A 102 10.71 -7.58 -9.18
C ASP A 102 9.19 -7.47 -9.08
N VAL A 103 8.73 -6.44 -8.38
CA VAL A 103 7.30 -6.22 -8.21
C VAL A 103 6.59 -6.24 -9.56
N LEU A 104 6.96 -5.29 -10.42
CA LEU A 104 6.35 -5.20 -11.74
C LEU A 104 6.37 -6.56 -12.44
N GLU A 105 7.49 -7.27 -12.29
CA GLU A 105 7.63 -8.59 -12.91
C GLU A 105 6.47 -9.49 -12.49
N THR A 106 5.90 -9.21 -11.32
CA THR A 106 4.78 -10.00 -10.82
C THR A 106 3.49 -9.59 -11.54
N ILE A 107 3.20 -8.29 -11.54
CA ILE A 107 2.01 -7.79 -12.18
C ILE A 107 1.93 -8.25 -13.63
N SER A 108 3.10 -8.37 -14.26
CA SER A 108 3.17 -8.80 -15.66
C SER A 108 2.90 -10.30 -15.75
N ALA A 109 3.34 -11.05 -14.75
CA ALA A 109 3.15 -12.49 -14.74
C ALA A 109 1.67 -12.83 -14.87
N ILE A 110 0.88 -12.39 -13.90
CA ILE A 110 -0.56 -12.66 -13.93
C ILE A 110 -1.24 -11.82 -15.00
N GLU A 111 -2.53 -12.05 -15.19
CA GLU A 111 -3.29 -11.30 -16.19
C GLU A 111 -3.33 -9.82 -15.82
N HIS A 112 -3.02 -8.96 -16.80
CA HIS A 112 -3.03 -7.52 -16.58
C HIS A 112 -3.67 -6.80 -17.75
N PRO A 113 -4.98 -6.85 -17.83
CA PRO A 113 -5.74 -6.18 -18.92
C PRO A 113 -5.81 -4.66 -18.71
N MET A 114 -6.52 -4.25 -17.67
CA MET A 114 -6.66 -2.82 -17.36
C MET A 114 -5.60 -2.38 -16.36
N THR A 115 -4.89 -3.35 -15.79
CA THR A 115 -3.85 -3.06 -14.82
C THR A 115 -2.58 -2.56 -15.51
N SER A 116 -2.31 -3.10 -16.69
CA SER A 116 -1.13 -2.71 -17.44
C SER A 116 -0.95 -1.19 -17.41
N ALA A 117 -2.04 -0.48 -17.14
CA ALA A 117 -1.99 0.99 -17.09
C ALA A 117 -1.08 1.46 -15.96
N ILE A 118 -1.43 1.09 -14.72
CA ILE A 118 -0.62 1.50 -13.57
C ILE A 118 0.81 0.97 -13.70
N GLU A 119 0.95 -0.17 -14.36
CA GLU A 119 2.27 -0.77 -14.53
C GLU A 119 3.20 0.18 -15.27
N VAL A 120 2.83 0.53 -16.49
CA VAL A 120 3.64 1.44 -17.29
C VAL A 120 3.84 2.77 -16.56
N LEU A 121 2.92 3.07 -15.66
CA LEU A 121 2.99 4.31 -14.90
C LEU A 121 4.14 4.25 -13.88
N VAL A 122 4.13 3.22 -13.04
CA VAL A 122 5.17 3.06 -12.03
C VAL A 122 6.51 2.77 -12.71
N GLY A 123 6.52 1.82 -13.63
CA GLY A 123 7.74 1.45 -14.34
C GLY A 123 8.46 2.71 -14.83
N SER A 124 7.69 3.71 -15.24
CA SER A 124 8.27 4.95 -15.74
C SER A 124 8.76 5.82 -14.58
N CYS A 125 8.04 5.75 -13.46
CA CYS A 125 8.41 6.53 -12.28
C CYS A 125 9.56 5.86 -11.53
N ALA A 126 10.20 4.89 -12.18
CA ALA A 126 11.32 4.18 -11.57
C ALA A 126 12.22 3.59 -12.65
N TYR A 127 12.92 2.51 -12.31
CA TYR A 127 13.82 1.87 -13.25
C TYR A 127 13.16 1.75 -14.63
N THR A 128 13.82 2.30 -15.65
CA THR A 128 13.30 2.26 -17.01
C THR A 128 14.42 1.98 -18.01
N GLY A 129 14.05 1.36 -19.13
CA GLY A 129 15.03 1.03 -20.16
C GLY A 129 15.55 -0.39 -19.98
N THR A 130 16.84 -0.50 -19.69
CA THR A 130 17.46 -1.82 -19.49
C THR A 130 18.39 -1.79 -18.29
N GLY A 131 17.94 -2.41 -17.19
CA GLY A 131 18.76 -2.45 -15.97
C GLY A 131 18.82 -1.07 -15.31
#